data_1HZH
#
_entry.id   1HZH
#
_cell.length_a   271.320
_cell.length_b   271.320
_cell.length_c   175.180
_cell.angle_alpha   90.00
_cell.angle_beta   90.00
_cell.angle_gamma   120.00
#
_symmetry.space_group_name_H-M   'H 3 2'
#
loop_
_entity.id
_entity.type
_entity.pdbx_description
1 polymer 'IMMUNOGLOBULIN HEAVY CHAIN'
2 polymer 'IMMUNOGLOBULIN LIGHT CHAIN,Uncharacterized protein'
3 branched beta-D-galactopyranose-(1-4)-2-acetamido-2-deoxy-beta-D-glucopyranose-(1-2)-alpha-D-mannopyranose-(1-3)-[beta-D-galactopyranose-(1-4)-2-acetamido-2-deoxy-beta-D-glucopyranose-(1-2)-alpha-D-mannopyranose-(1-6)]beta-D-mannopyranose-(1-4)-2-acetamido-2-deoxy-beta-D-glucopyranose-(1-4)-2-acetamido-2-deoxy-beta-D-glucopyranose
4 branched beta-D-galactopyranose-(1-4)-2-acetamido-2-deoxy-beta-D-glucopyranose-(1-2)-alpha-D-mannopyranose-(1-6)-[2-acetamido-2-deoxy-beta-D-glucopyranose-(1-2)-alpha-D-mannopyranose-(1-3)]beta-D-mannopyranose-(1-4)-2-acetamido-2-deoxy-beta-D-glucopyranose-(1-4)-[alpha-L-fucopyranose-(1-6)]2-acetamido-2-deoxy-beta-D-glucopyranose
5 water water
#
loop_
_entity_poly.entity_id
_entity_poly.type
_entity_poly.pdbx_seq_one_letter_code
_entity_poly.pdbx_strand_id
1 'polypeptide(L)'
;QVQLVQSGAEVKKPGASVKVSCQASGYRFSNFVIHWVRQAPGQRFEWMGWINPYNGNKEFSAKFQDRVTFTADTSANTAY
MELRSLRSADTAVYYCARVGPYSWDDSPQDNYYMDVWGKGTTVIVSSASTKGPSVFPLAPSSKSTSGGTAALGCLVKDYF
PEPVTVSWNSGALTSGVHTFPAVLQSSGLYSLSSVVTVPSSSLGTQTYICNVNHKPSNTKVDKKAEPKSCDKTHTCPPCP
APELLGGPSVFLFPPKPKDTLMISRTPEVTCVVVDVSHEDPEVKFNWYVDGVEVHNAKTKPREEQYNSTYRVVSVLTVLH
QDWLNGKEYKCKVSNKALPAPIEKTISKAKGQPREPQVYTLPPSRDELTKNQVSLTCLVKGFYPSDIAVEWESNGQPENN
YKTTPPVLDSDGSFFLYSKLTVDKSRWQQGNVFSCSVMHEALHNHYTQKSLSLSPGK
;
H,K
2 'polypeptide(L)'
;EIVLTQSPGTLSLSPGERATFSCRSSHSIRSRRVAWYQHKPGQAPRLVIHGVSNRASGISDRFSGSGSGTDFTLTITRVE
PEDFALYYCQVYGASSYTFGQGTKLERKRTVAAPSVFIFPPSDEQLKSGTASVVCLLNNFYPREAKVQWKVDNALQSGNS
QESVTEQDSKDSTYSLSSTLTLSKADYEKHKVYACEVTHQGLRSPVTKSFNRGEC
;
L,M
#
# COMPACT_ATOMS: atom_id res chain seq x y z
N GLN A 1 -75.39 8.67 12.14
CA GLN A 1 -74.19 8.13 11.44
C GLN A 1 -74.00 8.86 10.11
N VAL A 2 -74.30 10.17 10.13
CA VAL A 2 -74.16 11.01 8.95
C VAL A 2 -72.71 11.07 8.51
N GLN A 3 -72.42 10.54 7.33
CA GLN A 3 -71.04 10.52 6.84
C GLN A 3 -70.90 10.92 5.39
N LEU A 4 -69.76 11.51 5.06
CA LEU A 4 -69.47 11.96 3.70
C LEU A 4 -68.11 11.42 3.23
N VAL A 5 -68.10 10.69 2.12
CA VAL A 5 -66.87 10.11 1.58
C VAL A 5 -66.54 10.69 0.20
N GLN A 6 -65.29 11.12 0.03
CA GLN A 6 -64.87 11.71 -1.25
C GLN A 6 -63.94 10.78 -2.01
N SER A 7 -63.65 11.12 -3.27
CA SER A 7 -62.77 10.31 -4.09
C SER A 7 -61.34 10.33 -3.54
N GLY A 8 -60.42 9.65 -4.23
CA GLY A 8 -59.05 9.62 -3.78
C GLY A 8 -58.20 10.71 -4.43
N ALA A 9 -57.02 10.93 -3.86
CA ALA A 9 -56.09 11.94 -4.36
C ALA A 9 -55.85 11.77 -5.86
N GLU A 10 -55.41 12.84 -6.51
CA GLU A 10 -55.15 12.81 -7.95
C GLU A 10 -54.02 13.76 -8.36
N VAL A 11 -53.37 13.49 -9.49
CA VAL A 11 -52.27 14.34 -9.94
C VAL A 11 -52.39 14.65 -11.43
N LYS A 12 -52.77 15.89 -11.74
CA LYS A 12 -52.92 16.32 -13.13
C LYS A 12 -51.85 17.33 -13.53
N LYS A 13 -51.87 17.73 -14.79
CA LYS A 13 -50.88 18.69 -15.30
C LYS A 13 -51.57 19.99 -15.66
N PRO A 14 -50.78 21.08 -15.80
CA PRO A 14 -51.31 22.41 -16.15
C PRO A 14 -52.18 22.47 -17.43
N GLY A 15 -53.48 22.30 -17.26
CA GLY A 15 -54.40 22.33 -18.38
C GLY A 15 -55.45 21.25 -18.25
N ALA A 16 -55.16 20.23 -17.45
CA ALA A 16 -56.09 19.11 -17.24
C ALA A 16 -57.34 19.49 -16.48
N SER A 17 -58.16 18.50 -16.14
CA SER A 17 -59.39 18.73 -15.41
C SER A 17 -59.72 17.60 -14.44
N VAL A 18 -60.02 17.95 -13.20
CA VAL A 18 -60.32 16.96 -12.18
C VAL A 18 -61.79 16.95 -11.79
N LYS A 19 -62.27 15.77 -11.40
CA LYS A 19 -63.65 15.59 -11.00
C LYS A 19 -63.69 14.73 -9.75
N VAL A 20 -63.94 15.35 -8.61
CA VAL A 20 -63.99 14.63 -7.34
C VAL A 20 -65.42 14.25 -6.97
N SER A 21 -65.59 13.07 -6.40
CA SER A 21 -66.92 12.63 -6.01
C SER A 21 -67.12 12.89 -4.53
N CYS A 22 -68.36 12.71 -4.07
CA CYS A 22 -68.71 12.92 -2.68
C CYS A 22 -69.96 12.08 -2.40
N GLN A 23 -69.77 10.91 -1.81
CA GLN A 23 -70.88 10.02 -1.49
C GLN A 23 -71.22 10.07 0.00
N ALA A 24 -72.49 10.32 0.30
CA ALA A 24 -72.95 10.40 1.69
C ALA A 24 -73.84 9.24 2.05
N SER A 25 -74.25 9.20 3.30
CA SER A 25 -75.11 8.15 3.82
C SER A 25 -75.37 8.46 5.28
N GLY A 26 -76.47 7.96 5.82
CA GLY A 26 -76.79 8.22 7.21
C GLY A 26 -77.83 9.33 7.29
N TYR A 27 -78.01 10.03 6.18
CA TYR A 27 -78.97 11.13 6.10
C TYR A 27 -79.65 11.11 4.72
N ARG A 28 -80.79 11.78 4.63
CA ARG A 28 -81.53 11.86 3.37
C ARG A 28 -80.75 12.74 2.39
N PHE A 29 -80.12 12.13 1.40
CA PHE A 29 -79.31 12.85 0.42
C PHE A 29 -79.93 14.09 -0.25
N SER A 30 -81.18 13.98 -0.70
CA SER A 30 -81.85 15.10 -1.36
C SER A 30 -82.68 15.94 -0.39
N ASN A 31 -82.25 15.95 0.86
CA ASN A 31 -82.92 16.71 1.92
C ASN A 31 -81.90 17.70 2.48
N PHE A 32 -80.72 17.75 1.85
CA PHE A 32 -79.63 18.63 2.25
C PHE A 32 -78.80 19.11 1.07
N VAL A 33 -78.12 20.23 1.23
CA VAL A 33 -77.30 20.80 0.17
C VAL A 33 -75.84 20.49 0.39
N ILE A 34 -75.06 20.45 -0.69
CA ILE A 34 -73.64 20.17 -0.59
C ILE A 34 -72.75 21.35 -1.04
N HIS A 35 -71.88 21.78 -0.14
CA HIS A 35 -70.93 22.86 -0.40
C HIS A 35 -69.60 22.26 -0.85
N TRP A 36 -68.83 23.04 -1.59
CA TRP A 36 -67.53 22.60 -2.06
C TRP A 36 -66.49 23.65 -1.70
N VAL A 37 -65.63 23.29 -0.74
CA VAL A 37 -64.58 24.16 -0.25
C VAL A 37 -63.17 23.57 -0.39
N ARG A 38 -62.23 24.40 -0.87
CA ARG A 38 -60.84 23.99 -1.03
C ARG A 38 -59.93 24.81 -0.11
N GLN A 39 -58.70 24.31 0.08
CA GLN A 39 -57.73 25.02 0.88
C GLN A 39 -56.36 24.68 0.37
N ALA A 40 -55.76 25.61 -0.36
CA ALA A 40 -54.43 25.42 -0.92
C ALA A 40 -53.38 25.64 0.16
N PRO A 41 -52.17 25.10 -0.05
CA PRO A 41 -51.09 25.25 0.94
C PRO A 41 -50.85 26.72 1.33
N GLY A 42 -50.99 26.98 2.63
CA GLY A 42 -50.76 28.33 3.15
C GLY A 42 -51.88 29.32 2.90
N GLN A 43 -52.97 28.85 2.31
CA GLN A 43 -54.12 29.69 2.01
C GLN A 43 -55.29 29.39 2.93
N ARG A 44 -56.23 30.33 2.98
CA ARG A 44 -57.42 30.16 3.80
C ARG A 44 -58.37 29.26 3.02
N PHE A 45 -59.36 28.71 3.70
CA PHE A 45 -60.34 27.87 3.04
C PHE A 45 -61.11 28.69 2.02
N GLU A 46 -61.40 28.09 0.87
CA GLU A 46 -62.15 28.77 -0.18
C GLU A 46 -63.44 28.05 -0.49
N TRP A 47 -64.55 28.78 -0.42
CA TRP A 47 -65.84 28.22 -0.76
C TRP A 47 -65.94 28.35 -2.28
N MET A 48 -66.27 27.26 -2.96
CA MET A 48 -66.38 27.30 -4.41
C MET A 48 -67.84 27.46 -4.86
N GLY A 49 -68.75 26.80 -4.16
CA GLY A 49 -70.16 26.91 -4.51
C GLY A 49 -70.98 25.89 -3.76
N TRP A 50 -72.23 25.69 -4.15
CA TRP A 50 -73.08 24.68 -3.53
C TRP A 50 -74.12 24.23 -4.54
N ILE A 51 -74.51 22.96 -4.45
CA ILE A 51 -75.51 22.37 -5.33
C ILE A 51 -76.57 21.69 -4.47
N ASN A 52 -77.83 21.75 -4.91
CA ASN A 52 -78.93 21.14 -4.15
C ASN A 52 -79.48 19.89 -4.83
N PRO A 53 -79.29 18.73 -4.17
CA PRO A 53 -79.74 17.43 -4.65
C PRO A 53 -81.20 17.35 -5.05
N TYR A 54 -82.05 18.11 -4.37
CA TYR A 54 -83.49 18.10 -4.63
C TYR A 54 -83.96 18.73 -5.94
N ASN A 55 -83.22 19.72 -6.43
CA ASN A 55 -83.59 20.41 -7.66
C ASN A 55 -82.40 20.84 -8.50
N GLY A 56 -81.22 20.31 -8.15
CA GLY A 56 -80.01 20.64 -8.88
C GLY A 56 -79.66 22.10 -8.95
N ASN A 57 -80.17 22.89 -8.01
CA ASN A 57 -79.87 24.32 -7.95
C ASN A 57 -78.51 24.52 -7.30
N LYS A 58 -77.65 25.30 -7.94
CA LYS A 58 -76.31 25.54 -7.42
C LYS A 58 -75.83 26.98 -7.56
N GLU A 59 -75.20 27.49 -6.50
CA GLU A 59 -74.67 28.86 -6.52
C GLU A 59 -73.14 28.77 -6.65
N PHE A 60 -72.57 29.64 -7.46
CA PHE A 60 -71.13 29.64 -7.69
C PHE A 60 -70.42 30.86 -7.11
N SER A 61 -69.18 30.66 -6.71
CA SER A 61 -68.35 31.72 -6.20
C SER A 61 -67.81 32.44 -7.44
N ALA A 62 -67.77 33.76 -7.39
CA ALA A 62 -67.28 34.55 -8.50
C ALA A 62 -65.97 34.00 -9.06
N LYS A 63 -65.16 33.45 -8.18
CA LYS A 63 -63.85 32.91 -8.57
C LYS A 63 -63.89 31.54 -9.27
N PHE A 64 -65.01 30.83 -9.20
CA PHE A 64 -65.10 29.53 -9.82
C PHE A 64 -66.34 29.28 -10.68
N GLN A 65 -67.23 30.27 -10.77
CA GLN A 65 -68.45 30.13 -11.56
C GLN A 65 -68.17 29.70 -13.00
N ASP A 66 -67.21 30.37 -13.61
CA ASP A 66 -66.82 30.12 -14.98
C ASP A 66 -66.05 28.82 -15.22
N ARG A 67 -65.67 28.11 -14.16
CA ARG A 67 -64.90 26.89 -14.32
C ARG A 67 -65.35 25.67 -13.54
N VAL A 68 -66.39 25.78 -12.72
CA VAL A 68 -66.82 24.61 -11.95
C VAL A 68 -68.12 24.02 -12.46
N THR A 69 -68.33 22.75 -12.14
CA THR A 69 -69.54 22.05 -12.55
C THR A 69 -70.00 21.15 -11.41
N PHE A 70 -71.02 21.58 -10.67
CA PHE A 70 -71.53 20.77 -9.58
C PHE A 70 -72.61 19.90 -10.18
N THR A 71 -72.44 18.59 -10.13
CA THR A 71 -73.43 17.69 -10.70
C THR A 71 -73.78 16.60 -9.71
N ALA A 72 -75.04 16.55 -9.29
CA ALA A 72 -75.47 15.55 -8.31
C ALA A 72 -76.13 14.35 -8.98
N ASP A 73 -76.27 13.27 -8.22
CA ASP A 73 -76.86 12.02 -8.70
C ASP A 73 -77.58 11.36 -7.53
N THR A 74 -78.81 11.79 -7.28
CA THR A 74 -79.63 11.29 -6.18
C THR A 74 -79.77 9.77 -6.13
N SER A 75 -79.69 9.12 -7.28
CA SER A 75 -79.82 7.68 -7.35
C SER A 75 -78.61 7.01 -6.69
N ALA A 76 -77.45 7.64 -6.84
CA ALA A 76 -76.21 7.12 -6.28
C ALA A 76 -75.82 7.77 -4.95
N ASN A 77 -76.53 8.85 -4.59
CA ASN A 77 -76.23 9.59 -3.36
C ASN A 77 -74.82 10.15 -3.43
N THR A 78 -74.48 10.72 -4.58
CA THR A 78 -73.15 11.27 -4.77
C THR A 78 -73.17 12.65 -5.42
N ALA A 79 -72.38 13.56 -4.86
CA ALA A 79 -72.27 14.91 -5.40
C ALA A 79 -70.90 15.00 -6.06
N TYR A 80 -70.86 15.53 -7.28
CA TYR A 80 -69.60 15.63 -8.01
C TYR A 80 -69.13 17.06 -8.16
N MET A 81 -67.82 17.24 -8.06
CA MET A 81 -67.20 18.55 -8.20
C MET A 81 -66.27 18.42 -9.39
N GLU A 82 -66.40 19.32 -10.36
CA GLU A 82 -65.54 19.26 -11.53
C GLU A 82 -64.90 20.60 -11.84
N LEU A 83 -63.57 20.62 -11.83
CA LEU A 83 -62.82 21.83 -12.12
C LEU A 83 -61.99 21.54 -13.36
N ARG A 84 -61.87 22.54 -14.22
CA ARG A 84 -61.13 22.41 -15.47
C ARG A 84 -60.10 23.52 -15.64
N SER A 85 -59.25 23.39 -16.64
CA SER A 85 -58.21 24.37 -16.92
C SER A 85 -57.35 24.59 -15.68
N LEU A 86 -57.17 23.51 -14.92
CA LEU A 86 -56.38 23.52 -13.69
C LEU A 86 -54.98 24.04 -13.88
N ARG A 87 -54.64 25.12 -13.18
CA ARG A 87 -53.30 25.68 -13.26
C ARG A 87 -52.60 25.26 -11.96
N SER A 88 -51.34 25.66 -11.79
CA SER A 88 -50.60 25.29 -10.59
C SER A 88 -51.34 25.68 -9.32
N ALA A 89 -51.61 26.97 -9.18
CA ALA A 89 -52.31 27.50 -8.02
C ALA A 89 -53.52 26.67 -7.54
N ASP A 90 -54.15 25.96 -8.47
CA ASP A 90 -55.32 25.15 -8.14
C ASP A 90 -55.03 23.92 -7.30
N THR A 91 -53.79 23.77 -6.88
CA THR A 91 -53.37 22.63 -6.07
C THR A 91 -53.86 22.81 -4.64
N ALA A 92 -54.59 21.82 -4.14
CA ALA A 92 -55.12 21.88 -2.78
C ALA A 92 -56.02 20.71 -2.43
N VAL A 93 -56.61 20.77 -1.24
CA VAL A 93 -57.54 19.73 -0.82
C VAL A 93 -58.93 20.29 -1.11
N TYR A 94 -59.77 19.50 -1.76
CA TYR A 94 -61.12 19.94 -2.07
C TYR A 94 -62.10 19.17 -1.23
N TYR A 95 -62.76 19.86 -0.30
CA TYR A 95 -63.71 19.22 0.59
C TYR A 95 -65.14 19.44 0.10
N CYS A 96 -66.06 18.65 0.63
CA CYS A 96 -67.47 18.77 0.30
C CYS A 96 -68.15 18.61 1.63
N ALA A 97 -69.06 19.52 1.96
CA ALA A 97 -69.76 19.44 3.23
C ALA A 97 -71.25 19.62 3.04
N ARG A 98 -72.01 19.05 3.96
CA ARG A 98 -73.45 19.13 3.88
C ARG A 98 -74.00 20.24 4.77
N VAL A 99 -74.99 20.95 4.27
CA VAL A 99 -75.65 22.01 5.01
C VAL A 99 -76.15 21.40 6.30
N GLY A 100 -76.64 22.22 7.22
CA GLY A 100 -77.16 21.69 8.46
C GLY A 100 -78.66 21.41 8.35
N PRO A 101 -79.29 20.97 9.44
CA PRO A 101 -80.72 20.70 9.43
C PRO A 101 -81.53 21.99 9.38
N TYR A 102 -82.44 22.10 8.42
CA TYR A 102 -83.28 23.28 8.30
C TYR A 102 -84.28 23.35 9.46
N SER A 103 -83.85 23.95 10.56
CA SER A 103 -84.69 24.09 11.74
C SER A 103 -86.02 24.76 11.44
N TRP A 104 -86.78 25.00 12.51
CA TRP A 104 -88.10 25.61 12.43
C TRP A 104 -88.00 27.10 12.58
N ASP A 105 -87.19 27.53 13.55
CA ASP A 105 -87.01 28.94 13.86
C ASP A 105 -85.99 29.67 13.02
N ASP A 106 -85.43 29.03 12.00
CA ASP A 106 -84.47 29.75 11.18
C ASP A 106 -85.06 30.14 9.83
N SER A 107 -84.54 31.22 9.27
CA SER A 107 -85.02 31.74 8.00
C SER A 107 -84.23 31.10 6.87
N PRO A 108 -84.68 31.28 5.63
CA PRO A 108 -83.95 30.68 4.51
C PRO A 108 -82.43 30.93 4.55
N GLN A 109 -81.69 29.83 4.46
CA GLN A 109 -80.22 29.84 4.45
C GLN A 109 -79.51 30.06 5.78
N ASP A 110 -80.28 30.16 6.85
CA ASP A 110 -79.69 30.32 8.16
C ASP A 110 -78.91 29.08 8.55
N ASN A 111 -79.17 28.00 7.84
CA ASN A 111 -78.55 26.70 8.08
C ASN A 111 -77.46 26.34 7.07
N TYR A 112 -77.16 27.26 6.16
CA TYR A 112 -76.15 27.01 5.13
C TYR A 112 -74.69 27.01 5.56
N TYR A 113 -74.42 26.69 6.81
CA TYR A 113 -73.06 26.62 7.33
C TYR A 113 -72.58 25.18 7.10
N MET A 114 -71.26 24.98 6.98
CA MET A 114 -70.70 23.63 6.77
C MET A 114 -70.90 22.74 8.01
N ASP A 115 -72.02 22.02 8.02
CA ASP A 115 -72.45 21.12 9.10
C ASP A 115 -71.63 19.85 9.27
N VAL A 116 -71.40 19.15 8.16
CA VAL A 116 -70.62 17.92 8.17
C VAL A 116 -69.71 17.95 6.94
N TRP A 117 -68.41 17.72 7.16
CA TRP A 117 -67.43 17.72 6.09
C TRP A 117 -66.96 16.32 5.69
N GLY A 118 -66.08 16.28 4.70
CA GLY A 118 -65.49 15.05 4.23
C GLY A 118 -64.02 15.21 4.56
N LYS A 119 -63.20 14.20 4.31
CA LYS A 119 -61.77 14.33 4.62
C LYS A 119 -61.03 15.01 3.47
N GLY A 120 -61.80 15.58 2.54
CA GLY A 120 -61.20 16.26 1.42
C GLY A 120 -60.37 15.33 0.57
N THR A 121 -60.01 15.79 -0.62
CA THR A 121 -59.20 14.99 -1.51
C THR A 121 -58.08 15.89 -2.08
N THR A 122 -56.84 15.46 -1.90
CA THR A 122 -55.72 16.25 -2.39
C THR A 122 -55.64 16.19 -3.90
N VAL A 123 -55.24 17.30 -4.50
CA VAL A 123 -55.11 17.38 -5.96
C VAL A 123 -53.87 18.16 -6.36
N ILE A 124 -52.83 17.47 -6.78
CA ILE A 124 -51.60 18.14 -7.17
C ILE A 124 -51.64 18.43 -8.67
N VAL A 125 -51.42 19.70 -9.01
CA VAL A 125 -51.45 20.14 -10.41
C VAL A 125 -50.11 20.78 -10.80
N SER A 126 -49.25 19.99 -11.43
CA SER A 126 -47.94 20.48 -11.86
C SER A 126 -47.44 19.79 -13.12
N SER A 127 -46.38 20.34 -13.70
CA SER A 127 -45.80 19.80 -14.92
C SER A 127 -44.54 19.00 -14.65
N ALA A 128 -44.44 18.42 -13.47
CA ALA A 128 -43.29 17.62 -13.10
C ALA A 128 -43.69 16.16 -13.17
N SER A 129 -43.07 15.42 -14.09
CA SER A 129 -43.40 14.00 -14.24
C SER A 129 -42.75 13.19 -13.11
N THR A 130 -43.41 12.10 -12.72
CA THR A 130 -42.90 11.24 -11.65
C THR A 130 -41.39 11.06 -11.70
N LYS A 131 -40.76 11.03 -10.53
CA LYS A 131 -39.32 10.85 -10.44
C LYS A 131 -38.98 10.02 -9.21
N GLY A 132 -37.70 9.73 -9.03
CA GLY A 132 -37.27 8.95 -7.89
C GLY A 132 -36.54 9.80 -6.87
N PRO A 133 -36.67 9.47 -5.58
CA PRO A 133 -36.02 10.22 -4.50
C PRO A 133 -34.51 10.03 -4.46
N SER A 134 -33.81 11.03 -3.94
CA SER A 134 -32.35 10.98 -3.84
C SER A 134 -31.99 10.77 -2.38
N VAL A 135 -31.05 9.88 -2.11
CA VAL A 135 -30.64 9.60 -0.74
C VAL A 135 -29.22 10.04 -0.43
N PHE A 136 -29.09 11.17 0.23
CA PHE A 136 -27.78 11.71 0.61
C PHE A 136 -27.70 11.78 2.13
N PRO A 137 -26.56 11.37 2.70
CA PRO A 137 -26.36 11.36 4.14
C PRO A 137 -26.03 12.69 4.81
N LEU A 138 -26.74 12.97 5.90
CA LEU A 138 -26.49 14.16 6.69
C LEU A 138 -25.70 13.61 7.87
N ALA A 139 -24.45 13.26 7.61
CA ALA A 139 -23.57 12.67 8.60
C ALA A 139 -22.92 13.69 9.54
N PRO A 140 -22.77 13.31 10.81
CA PRO A 140 -22.16 14.15 11.85
C PRO A 140 -20.64 14.17 11.74
N SER A 141 -20.05 15.32 12.03
CA SER A 141 -18.61 15.45 11.98
C SER A 141 -18.12 15.35 13.42
N SER A 142 -16.81 15.39 13.63
CA SER A 142 -16.25 15.32 14.97
C SER A 142 -16.32 16.69 15.64
N LYS A 143 -17.52 17.04 16.10
CA LYS A 143 -17.73 18.32 16.77
C LYS A 143 -17.49 18.15 18.26
N SER A 144 -17.83 19.18 19.01
CA SER A 144 -17.55 19.15 20.44
C SER A 144 -18.74 18.58 21.23
N THR A 145 -18.45 17.65 22.11
CA THR A 145 -19.48 17.04 22.94
C THR A 145 -19.91 18.01 24.04
N SER A 146 -18.93 18.67 24.65
CA SER A 146 -19.20 19.59 25.74
C SER A 146 -20.17 18.92 26.72
N GLY A 147 -21.45 19.23 26.56
CA GLY A 147 -22.47 18.66 27.42
C GLY A 147 -23.68 18.23 26.61
N GLY A 148 -23.48 17.34 25.63
CA GLY A 148 -24.57 16.88 24.80
C GLY A 148 -24.21 15.66 23.99
N THR A 149 -25.16 15.45 22.99
CA THR A 149 -25.18 14.29 22.12
C THR A 149 -24.96 14.72 20.66
N ALA A 150 -25.08 13.76 19.74
CA ALA A 150 -24.89 14.05 18.31
C ALA A 150 -26.17 13.81 17.52
N ALA A 151 -26.17 14.28 16.27
CA ALA A 151 -27.33 14.12 15.40
C ALA A 151 -26.93 13.83 13.95
N LEU A 152 -27.67 12.90 13.34
CA LEU A 152 -27.42 12.51 11.96
C LEU A 152 -28.75 12.30 11.27
N GLY A 153 -28.73 12.21 9.93
CA GLY A 153 -29.95 11.99 9.19
C GLY A 153 -29.79 11.72 7.71
N CYS A 154 -30.93 11.69 7.02
CA CYS A 154 -30.97 11.45 5.57
C CYS A 154 -31.70 12.55 4.84
N LEU A 155 -31.23 12.85 3.63
CA LEU A 155 -31.84 13.88 2.81
C LEU A 155 -32.52 13.21 1.61
N VAL A 156 -33.82 13.43 1.47
CA VAL A 156 -34.58 12.85 0.37
C VAL A 156 -34.95 14.00 -0.58
N LYS A 157 -33.99 14.40 -1.40
CA LYS A 157 -34.19 15.50 -2.31
C LYS A 157 -34.51 15.12 -3.77
N ASP A 158 -35.21 16.03 -4.44
CA ASP A 158 -35.60 15.88 -5.85
C ASP A 158 -36.44 14.66 -6.22
N TYR A 159 -37.72 14.69 -5.85
CA TYR A 159 -38.63 13.60 -6.19
C TYR A 159 -40.01 14.18 -6.49
N PHE A 160 -40.87 13.34 -7.08
CA PHE A 160 -42.22 13.75 -7.43
C PHE A 160 -43.03 12.54 -7.88
N PRO A 161 -44.27 12.40 -7.39
CA PRO A 161 -44.92 13.32 -6.45
C PRO A 161 -44.76 12.71 -5.08
N GLU A 162 -45.11 13.45 -4.03
CA GLU A 162 -45.01 12.88 -2.70
C GLU A 162 -46.20 11.94 -2.49
N PRO A 163 -46.29 11.29 -1.30
CA PRO A 163 -45.38 11.34 -0.16
C PRO A 163 -44.16 10.43 -0.25
N VAL A 164 -43.52 10.29 0.91
CA VAL A 164 -42.35 9.44 1.12
C VAL A 164 -42.38 9.04 2.58
N THR A 165 -41.92 7.84 2.87
CA THR A 165 -41.87 7.36 4.25
C THR A 165 -40.41 7.16 4.60
N VAL A 166 -40.08 7.42 5.85
CA VAL A 166 -38.71 7.23 6.30
C VAL A 166 -38.74 6.57 7.65
N SER A 167 -37.79 5.66 7.85
CA SER A 167 -37.65 4.92 9.09
C SER A 167 -36.16 4.69 9.30
N TRP A 168 -35.76 4.49 10.55
CA TRP A 168 -34.36 4.22 10.82
C TRP A 168 -34.17 2.83 11.40
N ASN A 169 -33.34 2.04 10.73
CA ASN A 169 -33.03 0.68 11.13
C ASN A 169 -34.24 -0.24 11.06
N SER A 170 -34.87 -0.27 9.89
CA SER A 170 -36.03 -1.10 9.63
C SER A 170 -37.09 -1.07 10.73
N GLY A 171 -37.37 0.12 11.23
CA GLY A 171 -38.38 0.25 12.28
C GLY A 171 -37.88 -0.03 13.68
N ALA A 172 -36.56 -0.16 13.82
CA ALA A 172 -35.97 -0.42 15.12
C ALA A 172 -35.79 0.91 15.86
N LEU A 173 -35.29 1.90 15.13
CA LEU A 173 -35.06 3.23 15.69
C LEU A 173 -36.23 4.17 15.43
N THR A 174 -36.85 4.62 16.52
CA THR A 174 -37.99 5.53 16.42
C THR A 174 -37.78 6.78 17.24
N SER A 175 -37.50 6.59 18.53
CA SER A 175 -37.32 7.71 19.44
C SER A 175 -36.23 8.66 18.98
N GLY A 176 -36.52 9.96 19.08
CA GLY A 176 -35.57 10.99 18.69
C GLY A 176 -35.62 11.32 17.20
N VAL A 177 -36.33 10.50 16.43
CA VAL A 177 -36.44 10.74 15.01
C VAL A 177 -37.36 11.92 14.70
N HIS A 178 -37.04 12.62 13.62
CA HIS A 178 -37.81 13.79 13.18
C HIS A 178 -37.82 13.93 11.66
N THR A 179 -38.81 13.35 11.00
CA THR A 179 -38.90 13.48 9.54
C THR A 179 -39.64 14.80 9.23
N PHE A 180 -38.96 15.71 8.57
CA PHE A 180 -39.55 17.01 8.28
C PHE A 180 -40.49 17.02 7.07
N PRO A 181 -41.54 17.85 7.14
CA PRO A 181 -42.52 17.99 6.06
C PRO A 181 -41.87 18.44 4.76
N ALA A 182 -42.35 17.88 3.65
CA ALA A 182 -41.83 18.19 2.32
C ALA A 182 -41.80 19.68 2.00
N VAL A 183 -40.91 20.04 1.08
CA VAL A 183 -40.75 21.43 0.68
C VAL A 183 -40.60 21.49 -0.84
N LEU A 184 -41.63 21.97 -1.53
CA LEU A 184 -41.61 22.07 -2.98
C LEU A 184 -40.52 23.02 -3.45
N GLN A 185 -39.64 22.53 -4.31
CA GLN A 185 -38.53 23.33 -4.82
C GLN A 185 -38.91 24.08 -6.09
N SER A 186 -38.22 25.18 -6.35
CA SER A 186 -38.47 25.99 -7.53
C SER A 186 -38.43 25.10 -8.77
N SER A 187 -37.81 23.94 -8.62
CA SER A 187 -37.68 22.99 -9.71
C SER A 187 -38.94 22.16 -9.91
N GLY A 188 -39.86 22.26 -8.96
CA GLY A 188 -41.09 21.51 -9.07
C GLY A 188 -40.98 20.16 -8.41
N LEU A 189 -39.90 19.97 -7.65
CA LEU A 189 -39.68 18.71 -6.94
C LEU A 189 -39.72 18.94 -5.44
N TYR A 190 -40.33 18.01 -4.72
CA TYR A 190 -40.44 18.11 -3.27
C TYR A 190 -39.11 17.73 -2.63
N SER A 191 -38.79 18.36 -1.51
CA SER A 191 -37.56 18.06 -0.78
C SER A 191 -37.95 17.50 0.57
N LEU A 192 -37.03 16.78 1.21
CA LEU A 192 -37.33 16.16 2.50
C LEU A 192 -36.05 15.88 3.27
N SER A 193 -36.19 15.78 4.59
CA SER A 193 -35.05 15.49 5.46
C SER A 193 -35.53 14.78 6.72
N SER A 194 -34.90 13.65 7.03
CA SER A 194 -35.25 12.89 8.21
C SER A 194 -33.99 12.84 9.08
N VAL A 195 -34.11 13.20 10.34
CA VAL A 195 -32.96 13.19 11.23
C VAL A 195 -33.25 12.46 12.53
N VAL A 196 -32.20 12.26 13.33
CA VAL A 196 -32.33 11.58 14.60
C VAL A 196 -31.17 11.93 15.52
N THR A 197 -31.48 12.18 16.78
CA THR A 197 -30.45 12.48 17.75
C THR A 197 -30.21 11.18 18.50
N VAL A 198 -28.92 10.88 18.71
CA VAL A 198 -28.53 9.66 19.39
C VAL A 198 -27.26 9.97 20.17
N PRO A 199 -26.99 9.23 21.27
CA PRO A 199 -25.78 9.47 22.08
C PRO A 199 -24.49 9.51 21.27
N SER A 200 -23.71 10.54 21.52
CA SER A 200 -22.44 10.76 20.82
C SER A 200 -21.53 9.55 20.81
N SER A 201 -21.48 8.83 21.93
CA SER A 201 -20.65 7.64 22.06
C SER A 201 -21.00 6.58 21.02
N SER A 202 -22.27 6.21 20.96
CA SER A 202 -22.73 5.17 20.03
C SER A 202 -22.35 5.37 18.57
N LEU A 203 -21.90 6.57 18.21
CA LEU A 203 -21.53 6.84 16.82
C LEU A 203 -20.71 5.71 16.19
N GLY A 204 -19.51 5.51 16.70
CA GLY A 204 -18.66 4.47 16.15
C GLY A 204 -19.08 3.05 16.43
N THR A 205 -20.04 2.86 17.35
CA THR A 205 -20.50 1.52 17.71
C THR A 205 -21.79 1.07 17.04
N GLN A 206 -22.81 1.93 17.03
CA GLN A 206 -24.09 1.58 16.42
C GLN A 206 -24.22 1.89 14.93
N THR A 207 -24.99 1.05 14.24
CA THR A 207 -25.23 1.19 12.81
C THR A 207 -26.60 1.85 12.57
N TYR A 208 -26.58 2.95 11.81
CA TYR A 208 -27.80 3.70 11.51
C TYR A 208 -28.06 3.78 10.00
N ILE A 209 -29.13 3.14 9.55
CA ILE A 209 -29.48 3.18 8.14
C ILE A 209 -30.95 3.58 7.99
N CYS A 210 -31.19 4.67 7.28
CA CYS A 210 -32.56 5.16 7.07
C CYS A 210 -33.20 4.48 5.86
N ASN A 211 -34.42 4.01 6.03
CA ASN A 211 -35.14 3.36 4.96
C ASN A 211 -36.07 4.36 4.28
N VAL A 212 -35.80 4.66 3.02
CA VAL A 212 -36.61 5.61 2.27
C VAL A 212 -37.58 4.90 1.34
N ASN A 213 -38.80 5.42 1.24
CA ASN A 213 -39.82 4.84 0.38
C ASN A 213 -40.54 5.94 -0.40
N HIS A 214 -40.92 5.64 -1.64
CA HIS A 214 -41.61 6.60 -2.50
C HIS A 214 -42.43 5.80 -3.52
N LYS A 215 -43.57 5.27 -3.07
CA LYS A 215 -44.45 4.45 -3.92
C LYS A 215 -44.78 4.93 -5.34
N PRO A 216 -45.03 6.23 -5.54
CA PRO A 216 -45.34 6.73 -6.89
C PRO A 216 -44.39 6.26 -7.98
N SER A 217 -43.11 6.10 -7.65
CA SER A 217 -42.11 5.64 -8.60
C SER A 217 -41.63 4.24 -8.25
N ASN A 218 -42.35 3.60 -7.31
CA ASN A 218 -42.01 2.25 -6.87
C ASN A 218 -40.52 2.16 -6.58
N THR A 219 -40.03 3.12 -5.79
CA THR A 219 -38.62 3.17 -5.42
C THR A 219 -38.43 2.91 -3.93
N LYS A 220 -37.32 2.27 -3.59
CA LYS A 220 -36.97 1.98 -2.21
C LYS A 220 -35.47 2.17 -2.05
N VAL A 221 -35.06 2.72 -0.92
CA VAL A 221 -33.64 2.93 -0.66
C VAL A 221 -33.30 2.86 0.82
N ASP A 222 -32.17 2.23 1.12
CA ASP A 222 -31.69 2.09 2.48
C ASP A 222 -30.23 2.54 2.47
N LYS A 223 -29.96 3.67 3.10
CA LYS A 223 -28.59 4.18 3.14
C LYS A 223 -28.06 4.23 4.56
N LYS A 224 -26.80 3.84 4.73
CA LYS A 224 -26.17 3.86 6.04
C LYS A 224 -25.56 5.25 6.28
N ALA A 225 -26.18 6.01 7.18
CA ALA A 225 -25.68 7.33 7.51
C ALA A 225 -24.44 7.06 8.36
N GLU A 226 -23.28 7.07 7.71
CA GLU A 226 -22.03 6.79 8.39
C GLU A 226 -21.23 8.08 8.58
N PRO A 227 -20.63 8.27 9.77
CA PRO A 227 -19.85 9.48 10.03
C PRO A 227 -18.71 9.62 9.03
N LYS A 228 -18.65 10.78 8.39
CA LYS A 228 -17.62 11.06 7.40
C LYS A 228 -16.22 10.75 7.93
N SER A 229 -15.52 9.84 7.26
CA SER A 229 -14.17 9.47 7.64
C SER A 229 -13.30 10.71 7.58
N CYS A 230 -12.49 10.92 8.60
CA CYS A 230 -11.63 12.09 8.67
C CYS A 230 -10.37 11.91 7.83
N ASP A 231 -10.37 10.88 6.99
CA ASP A 231 -9.19 10.61 6.17
C ASP A 231 -9.37 10.86 4.68
N LYS A 232 -8.55 11.76 4.14
CA LYS A 232 -8.57 12.09 2.72
C LYS A 232 -7.58 11.13 2.07
N THR A 233 -8.05 9.99 1.57
CA THR A 233 -7.14 9.02 0.95
C THR A 233 -5.82 9.02 1.71
N HIS A 234 -5.89 8.89 3.04
CA HIS A 234 -4.66 8.90 3.84
C HIS A 234 -3.58 8.06 3.18
N THR A 235 -2.50 8.74 2.77
CA THR A 235 -1.38 8.13 2.08
C THR A 235 -0.76 6.91 2.77
N CYS A 236 -0.75 5.81 2.02
CA CYS A 236 -0.17 4.54 2.42
C CYS A 236 -0.86 3.55 1.46
N PRO A 237 -0.17 3.24 0.34
CA PRO A 237 -0.48 2.37 -0.80
C PRO A 237 -0.84 0.90 -0.60
N PRO A 238 -1.67 0.35 -1.52
CA PRO A 238 -2.16 -1.04 -1.54
C PRO A 238 -1.06 -2.07 -1.86
N CYS A 239 -1.38 -3.35 -1.66
CA CYS A 239 -0.46 -4.47 -1.91
C CYS A 239 0.89 -4.34 -1.17
N PRO A 240 0.85 -4.31 0.18
CA PRO A 240 2.03 -4.18 1.04
C PRO A 240 2.90 -5.39 1.38
N ALA A 241 2.82 -6.48 0.62
CA ALA A 241 3.64 -7.67 0.93
C ALA A 241 4.84 -7.90 -0.01
N PRO A 242 5.99 -8.30 0.57
CA PRO A 242 7.27 -8.59 -0.10
C PRO A 242 7.29 -9.83 -1.01
N GLU A 243 8.36 -9.97 -1.80
CA GLU A 243 8.51 -11.11 -2.70
C GLU A 243 9.92 -11.25 -3.31
N LEU A 244 10.91 -11.52 -2.47
CA LEU A 244 12.27 -11.69 -2.96
C LEU A 244 12.91 -12.89 -2.26
N LEU A 245 12.38 -14.07 -2.54
CA LEU A 245 12.88 -15.31 -1.95
C LEU A 245 12.64 -16.46 -2.91
N GLY A 246 13.43 -17.53 -2.77
CA GLY A 246 13.25 -18.68 -3.63
C GLY A 246 12.03 -19.42 -3.11
N GLY A 247 10.97 -18.67 -2.86
CA GLY A 247 9.75 -19.23 -2.32
C GLY A 247 9.88 -19.29 -0.82
N PRO A 248 8.90 -19.84 -0.10
CA PRO A 248 9.03 -19.91 1.36
C PRO A 248 10.22 -20.79 1.73
N SER A 249 10.61 -20.75 3.00
CA SER A 249 11.73 -21.55 3.48
C SER A 249 11.31 -22.50 4.59
N VAL A 250 12.08 -23.57 4.78
CA VAL A 250 11.77 -24.57 5.79
C VAL A 250 12.89 -24.81 6.80
N PHE A 251 12.49 -25.09 8.03
CA PHE A 251 13.43 -25.37 9.12
C PHE A 251 12.85 -26.50 9.98
N LEU A 252 13.69 -27.47 10.29
CA LEU A 252 13.26 -28.63 11.07
C LEU A 252 13.87 -28.64 12.47
N PHE A 253 13.17 -29.25 13.41
CA PHE A 253 13.65 -29.32 14.79
C PHE A 253 13.49 -30.72 15.36
N PRO A 254 14.47 -31.18 16.16
CA PRO A 254 14.44 -32.51 16.78
C PRO A 254 13.70 -32.49 18.10
N PRO A 255 13.38 -33.69 18.63
CA PRO A 255 12.68 -33.78 19.91
C PRO A 255 13.53 -33.28 21.08
N LYS A 256 12.90 -33.03 22.22
CA LYS A 256 13.66 -32.58 23.39
C LYS A 256 14.33 -33.78 24.06
N PRO A 257 15.59 -33.62 24.49
CA PRO A 257 16.37 -34.66 25.15
C PRO A 257 15.63 -35.54 26.14
N LYS A 258 15.08 -34.96 27.20
CA LYS A 258 14.37 -35.75 28.21
C LYS A 258 13.32 -36.65 27.60
N ASP A 259 12.60 -36.09 26.65
CA ASP A 259 11.53 -36.80 25.95
C ASP A 259 12.05 -38.08 25.33
N THR A 260 13.24 -38.02 24.76
CA THR A 260 13.86 -39.19 24.11
C THR A 260 14.39 -40.22 25.11
N LEU A 261 14.77 -39.73 26.28
CA LEU A 261 15.32 -40.58 27.33
C LEU A 261 14.25 -41.07 28.30
N MET A 262 13.45 -40.15 28.83
CA MET A 262 12.39 -40.50 29.77
C MET A 262 11.11 -40.89 29.02
N ILE A 263 10.40 -41.89 29.57
CA ILE A 263 9.17 -42.41 28.98
C ILE A 263 7.93 -41.54 29.21
N SER A 264 7.83 -40.91 30.38
CA SER A 264 6.67 -40.08 30.70
C SER A 264 6.29 -39.13 29.56
N ARG A 265 7.22 -38.90 28.63
CA ARG A 265 6.97 -38.01 27.48
C ARG A 265 7.22 -38.68 26.13
N THR A 266 6.44 -38.25 25.13
CA THR A 266 6.54 -38.76 23.77
C THR A 266 7.36 -37.84 22.87
N PRO A 267 8.25 -38.42 22.06
CA PRO A 267 9.13 -37.70 21.12
C PRO A 267 8.35 -36.89 20.09
N GLU A 268 8.82 -35.69 19.80
CA GLU A 268 8.16 -34.80 18.84
C GLU A 268 9.13 -34.04 17.95
N VAL A 269 9.08 -34.34 16.66
CA VAL A 269 9.93 -33.69 15.67
C VAL A 269 9.11 -32.64 14.91
N THR A 270 9.49 -31.38 15.06
CA THR A 270 8.78 -30.28 14.42
C THR A 270 9.37 -29.78 13.10
N CYS A 271 8.49 -29.45 12.17
CA CYS A 271 8.85 -28.94 10.85
C CYS A 271 8.11 -27.62 10.69
N VAL A 272 8.83 -26.51 10.81
CA VAL A 272 8.21 -25.19 10.70
C VAL A 272 8.44 -24.56 9.33
N VAL A 273 7.50 -23.71 8.91
CA VAL A 273 7.60 -23.02 7.63
C VAL A 273 7.28 -21.55 7.81
N VAL A 274 8.08 -20.71 7.16
CA VAL A 274 7.89 -19.27 7.24
C VAL A 274 8.07 -18.64 5.88
N ASP A 275 7.82 -17.33 5.80
CA ASP A 275 7.93 -16.63 4.53
C ASP A 275 6.96 -17.27 3.55
N VAL A 276 5.72 -17.47 3.99
CA VAL A 276 4.66 -18.05 3.18
C VAL A 276 3.77 -16.91 2.72
N SER A 277 4.08 -16.38 1.54
CA SER A 277 3.34 -15.26 0.96
C SER A 277 1.82 -15.46 0.99
N HIS A 278 1.11 -14.35 1.15
CA HIS A 278 -0.35 -14.37 1.20
C HIS A 278 -0.98 -14.76 -0.15
N GLU A 279 -0.17 -14.71 -1.20
CA GLU A 279 -0.66 -15.07 -2.53
C GLU A 279 -0.78 -16.58 -2.64
N ASP A 280 0.04 -17.28 -1.85
CA ASP A 280 0.04 -18.74 -1.84
C ASP A 280 0.27 -19.25 -0.41
N PRO A 281 -0.78 -19.24 0.43
CA PRO A 281 -0.72 -19.70 1.81
C PRO A 281 -0.83 -21.22 1.99
N GLU A 282 -1.36 -21.89 0.98
CA GLU A 282 -1.53 -23.34 1.05
C GLU A 282 -0.18 -24.05 1.12
N VAL A 283 -0.02 -24.88 2.14
CA VAL A 283 1.21 -25.64 2.36
C VAL A 283 0.91 -27.12 2.60
N LYS A 284 1.80 -27.99 2.12
CA LYS A 284 1.64 -29.43 2.30
C LYS A 284 2.96 -30.06 2.74
N PHE A 285 2.90 -30.97 3.70
CA PHE A 285 4.09 -31.64 4.22
C PHE A 285 4.06 -33.14 3.91
N ASN A 286 5.25 -33.75 3.93
CA ASN A 286 5.40 -35.18 3.68
C ASN A 286 6.46 -35.68 4.66
N TRP A 287 6.25 -36.86 5.22
CA TRP A 287 7.22 -37.41 6.17
C TRP A 287 7.81 -38.75 5.73
N TYR A 288 9.13 -38.82 5.71
CA TYR A 288 9.83 -40.04 5.32
C TYR A 288 10.78 -40.51 6.42
N VAL A 289 10.53 -41.73 6.92
CA VAL A 289 11.38 -42.31 7.96
C VAL A 289 12.33 -43.30 7.26
N ASP A 290 13.57 -42.88 7.08
CA ASP A 290 14.58 -43.69 6.41
C ASP A 290 14.09 -44.00 4.99
N GLY A 291 13.33 -43.05 4.43
CA GLY A 291 12.82 -43.22 3.09
C GLY A 291 11.37 -43.68 3.08
N VAL A 292 11.03 -44.56 4.02
CA VAL A 292 9.67 -45.08 4.12
C VAL A 292 8.70 -44.02 4.65
N GLU A 293 7.76 -43.64 3.79
CA GLU A 293 6.76 -42.63 4.12
C GLU A 293 5.75 -43.07 5.18
N VAL A 294 5.23 -42.09 5.92
CA VAL A 294 4.25 -42.32 6.97
C VAL A 294 3.35 -41.09 7.06
N HIS A 295 2.06 -41.30 7.33
CA HIS A 295 1.11 -40.20 7.40
C HIS A 295 0.51 -39.96 8.79
N ASN A 296 1.04 -40.64 9.80
CA ASN A 296 0.54 -40.50 11.16
C ASN A 296 0.84 -39.12 11.76
N ALA A 297 1.26 -38.18 10.91
CA ALA A 297 1.59 -36.83 11.36
C ALA A 297 0.35 -36.00 11.64
N LYS A 298 0.56 -34.86 12.30
CA LYS A 298 -0.52 -33.94 12.63
C LYS A 298 -0.05 -32.51 12.34
N THR A 299 -0.90 -31.73 11.68
CA THR A 299 -0.55 -30.36 11.33
C THR A 299 -1.36 -29.33 12.10
N LYS A 300 -0.66 -28.49 12.84
CA LYS A 300 -1.30 -27.44 13.63
C LYS A 300 -1.75 -26.36 12.65
N PRO A 301 -2.77 -25.56 13.04
CA PRO A 301 -3.27 -24.50 12.17
C PRO A 301 -2.21 -23.44 11.84
N ARG A 302 -2.52 -22.61 10.85
CA ARG A 302 -1.60 -21.57 10.41
C ARG A 302 -1.83 -20.28 11.16
N GLU A 303 -0.76 -19.49 11.33
CA GLU A 303 -0.86 -18.21 12.02
C GLU A 303 -0.19 -17.11 11.20
N GLU A 304 -0.52 -15.87 11.50
CA GLU A 304 0.02 -14.74 10.76
C GLU A 304 1.26 -14.12 11.40
N GLN A 305 2.16 -13.63 10.57
CA GLN A 305 3.40 -13.02 11.03
C GLN A 305 3.37 -11.50 10.88
N TYR A 306 4.32 -10.83 11.53
CA TYR A 306 4.43 -9.39 11.52
C TYR A 306 4.51 -8.79 10.12
N ASN A 307 5.48 -9.24 9.33
CA ASN A 307 5.67 -8.71 7.98
C ASN A 307 4.93 -9.44 6.85
N SER A 308 3.71 -9.87 7.12
CA SER A 308 2.90 -10.52 6.10
C SER A 308 3.36 -11.92 5.68
N THR A 309 3.63 -12.79 6.65
CA THR A 309 4.05 -14.15 6.35
C THR A 309 3.29 -15.11 7.25
N TYR A 310 3.28 -16.39 6.90
CA TYR A 310 2.57 -17.38 7.68
C TYR A 310 3.50 -18.33 8.42
N ARG A 311 2.99 -18.98 9.45
CA ARG A 311 3.76 -19.93 10.24
C ARG A 311 3.01 -21.25 10.34
N VAL A 312 3.27 -22.15 9.39
CA VAL A 312 2.63 -23.46 9.37
C VAL A 312 3.57 -24.46 10.01
N VAL A 313 3.03 -25.39 10.81
CA VAL A 313 3.87 -26.37 11.47
C VAL A 313 3.27 -27.79 11.48
N SER A 314 4.12 -28.77 11.21
CA SER A 314 3.68 -30.17 11.21
C SER A 314 4.52 -30.92 12.22
N VAL A 315 3.88 -31.40 13.28
CA VAL A 315 4.58 -32.13 14.33
C VAL A 315 4.37 -33.65 14.23
N LEU A 316 5.43 -34.35 13.87
CA LEU A 316 5.39 -35.80 13.75
C LEU A 316 5.94 -36.49 15.00
N THR A 317 5.07 -36.73 15.98
CA THR A 317 5.49 -37.40 17.21
C THR A 317 6.11 -38.75 16.81
N VAL A 318 7.43 -38.81 16.88
CA VAL A 318 8.16 -40.02 16.52
C VAL A 318 8.28 -40.99 17.70
N LEU A 319 9.06 -42.06 17.53
CA LEU A 319 9.23 -43.05 18.60
C LEU A 319 10.63 -43.12 19.20
N HIS A 320 10.68 -43.52 20.46
CA HIS A 320 11.91 -43.66 21.23
C HIS A 320 12.91 -44.60 20.58
N GLN A 321 12.45 -45.79 20.21
CA GLN A 321 13.27 -46.81 19.58
C GLN A 321 13.87 -46.27 18.28
N ASP A 322 13.00 -45.73 17.43
CA ASP A 322 13.39 -45.17 16.15
C ASP A 322 14.48 -44.12 16.34
N TRP A 323 14.13 -43.05 17.04
CA TRP A 323 15.08 -41.97 17.28
C TRP A 323 16.40 -42.47 17.87
N LEU A 324 16.33 -43.14 19.01
CA LEU A 324 17.53 -43.63 19.67
C LEU A 324 18.39 -44.58 18.82
N ASN A 325 17.77 -45.27 17.87
CA ASN A 325 18.50 -46.18 17.01
C ASN A 325 19.25 -45.46 15.90
N GLY A 326 18.87 -44.21 15.65
CA GLY A 326 19.52 -43.43 14.62
C GLY A 326 18.65 -43.31 13.39
N LYS A 327 17.35 -43.56 13.57
CA LYS A 327 16.40 -43.49 12.47
C LYS A 327 16.45 -42.10 11.85
N GLU A 328 16.60 -42.05 10.53
CA GLU A 328 16.69 -40.79 9.82
C GLU A 328 15.30 -40.32 9.38
N TYR A 329 14.93 -39.11 9.79
CA TYR A 329 13.62 -38.55 9.45
C TYR A 329 13.75 -37.44 8.42
N LYS A 330 12.73 -37.27 7.61
CA LYS A 330 12.74 -36.23 6.58
C LYS A 330 11.37 -35.56 6.43
N CYS A 331 11.39 -34.24 6.35
CA CYS A 331 10.17 -33.46 6.19
C CYS A 331 10.25 -32.73 4.85
N LYS A 332 9.46 -33.19 3.89
CA LYS A 332 9.42 -32.60 2.57
C LYS A 332 8.22 -31.67 2.44
N VAL A 333 8.47 -30.41 2.09
CA VAL A 333 7.41 -29.43 1.95
C VAL A 333 7.44 -28.82 0.56
N SER A 334 6.25 -28.59 0.00
CA SER A 334 6.13 -27.99 -1.32
C SER A 334 5.04 -26.92 -1.34
N ASN A 335 5.37 -25.79 -1.96
CA ASN A 335 4.44 -24.67 -2.08
C ASN A 335 4.47 -24.19 -3.51
N LYS A 336 3.30 -23.79 -4.02
CA LYS A 336 3.20 -23.32 -5.39
C LYS A 336 4.12 -22.14 -5.64
N ALA A 337 4.29 -21.29 -4.63
CA ALA A 337 5.16 -20.12 -4.73
C ALA A 337 6.63 -20.51 -4.61
N LEU A 338 6.87 -21.80 -4.41
CA LEU A 338 8.22 -22.32 -4.26
C LEU A 338 8.63 -23.05 -5.55
N PRO A 339 9.85 -22.79 -6.04
CA PRO A 339 10.37 -23.42 -7.25
C PRO A 339 10.59 -24.93 -7.13
N ALA A 340 11.20 -25.34 -6.03
CA ALA A 340 11.47 -26.76 -5.79
C ALA A 340 10.98 -27.20 -4.41
N PRO A 341 10.65 -28.50 -4.26
CA PRO A 341 10.16 -29.04 -2.99
C PRO A 341 11.26 -29.11 -1.92
N ILE A 342 11.17 -28.23 -0.93
CA ILE A 342 12.15 -28.19 0.16
C ILE A 342 11.95 -29.38 1.09
N GLU A 343 13.04 -30.13 1.31
CA GLU A 343 13.01 -31.29 2.19
C GLU A 343 14.25 -31.32 3.08
N LYS A 344 14.04 -31.54 4.36
CA LYS A 344 15.14 -31.60 5.32
C LYS A 344 15.10 -32.90 6.14
N THR A 345 16.25 -33.33 6.62
CA THR A 345 16.35 -34.55 7.40
C THR A 345 16.80 -34.29 8.84
N ILE A 346 16.39 -35.16 9.75
CA ILE A 346 16.75 -35.02 11.15
C ILE A 346 16.88 -36.38 11.82
N SER A 347 17.82 -36.50 12.74
CA SER A 347 18.05 -37.75 13.46
C SER A 347 18.94 -37.50 14.67
N LYS A 348 18.94 -38.46 15.59
CA LYS A 348 19.75 -38.37 16.80
C LYS A 348 21.23 -38.15 16.52
N ALA A 349 21.86 -37.30 17.32
CA ALA A 349 23.27 -37.02 17.18
C ALA A 349 24.04 -38.28 17.56
N LYS A 350 24.69 -38.90 16.57
CA LYS A 350 25.46 -40.12 16.79
C LYS A 350 26.81 -39.86 17.43
N GLY A 351 27.45 -40.92 17.91
CA GLY A 351 28.77 -40.78 18.53
C GLY A 351 29.01 -41.75 19.67
N GLN A 352 30.28 -42.11 19.88
CA GLN A 352 30.69 -43.02 20.96
C GLN A 352 30.29 -42.42 22.31
N PRO A 353 29.24 -42.97 22.95
CA PRO A 353 28.71 -42.54 24.23
C PRO A 353 29.74 -42.57 25.35
N ARG A 354 29.66 -41.58 26.24
CA ARG A 354 30.55 -41.52 27.38
C ARG A 354 29.69 -41.26 28.60
N GLU A 355 29.88 -42.09 29.64
CA GLU A 355 29.11 -41.99 30.89
C GLU A 355 29.37 -40.75 31.73
N PRO A 356 28.32 -39.99 32.03
CA PRO A 356 28.45 -38.78 32.84
C PRO A 356 28.65 -39.04 34.32
N GLN A 357 29.49 -38.21 34.93
CA GLN A 357 29.77 -38.28 36.36
C GLN A 357 28.97 -37.10 36.97
N VAL A 358 28.17 -37.38 37.99
CA VAL A 358 27.37 -36.37 38.64
C VAL A 358 27.93 -36.06 40.03
N TYR A 359 28.05 -34.77 40.36
CA TYR A 359 28.57 -34.34 41.65
C TYR A 359 27.77 -33.16 42.20
N THR A 360 27.30 -33.26 43.45
CA THR A 360 26.59 -32.14 44.04
C THR A 360 27.58 -31.39 44.91
N LEU A 361 27.44 -30.06 44.95
CA LEU A 361 28.32 -29.21 45.73
C LEU A 361 27.46 -28.25 46.56
N PRO A 362 27.71 -28.18 47.86
CA PRO A 362 26.93 -27.29 48.74
C PRO A 362 27.35 -25.84 48.56
N PRO A 363 26.59 -24.89 49.15
CA PRO A 363 26.89 -23.47 49.06
C PRO A 363 28.26 -23.14 49.62
N SER A 364 28.88 -22.08 49.12
CA SER A 364 30.18 -21.67 49.63
C SER A 364 29.87 -20.99 50.96
N ARG A 365 30.78 -21.08 51.92
CA ARG A 365 30.58 -20.45 53.22
C ARG A 365 30.16 -18.98 53.04
N ASP A 366 30.90 -18.24 52.22
CA ASP A 366 30.60 -16.84 51.99
C ASP A 366 29.17 -16.59 51.52
N GLU A 367 28.61 -17.45 50.69
CA GLU A 367 27.25 -17.19 50.24
C GLU A 367 26.23 -17.40 51.36
N LEU A 368 26.64 -18.08 52.43
CA LEU A 368 25.72 -18.36 53.54
C LEU A 368 25.23 -17.13 54.26
N THR A 369 25.81 -15.98 53.96
CA THR A 369 25.38 -14.77 54.63
C THR A 369 24.15 -14.21 53.92
N LYS A 370 23.89 -14.68 52.71
CA LYS A 370 22.72 -14.23 51.95
C LYS A 370 21.41 -14.91 52.40
N ASN A 371 20.29 -14.45 51.87
CA ASN A 371 18.98 -15.01 52.20
C ASN A 371 18.64 -16.21 51.33
N GLN A 372 19.36 -16.34 50.22
CA GLN A 372 19.18 -17.44 49.29
C GLN A 372 20.54 -18.02 49.00
N VAL A 373 20.62 -19.33 48.82
CA VAL A 373 21.91 -19.95 48.54
C VAL A 373 21.89 -20.77 47.25
N SER A 374 23.08 -21.08 46.73
CA SER A 374 23.16 -21.84 45.51
C SER A 374 23.57 -23.29 45.76
N LEU A 375 22.78 -24.23 45.25
CA LEU A 375 23.13 -25.64 45.38
C LEU A 375 23.59 -25.96 43.98
N THR A 376 24.81 -26.47 43.84
CA THR A 376 25.38 -26.77 42.54
C THR A 376 25.47 -28.23 42.18
N CYS A 377 25.14 -28.52 40.94
CA CYS A 377 25.24 -29.88 40.43
C CYS A 377 26.19 -29.88 39.25
N LEU A 378 27.29 -30.60 39.37
CA LEU A 378 28.28 -30.68 38.30
C LEU A 378 28.11 -32.01 37.58
N VAL A 379 28.00 -31.98 36.26
CA VAL A 379 27.85 -33.19 35.46
C VAL A 379 28.97 -33.16 34.43
N LYS A 380 29.89 -34.11 34.48
CA LYS A 380 30.99 -34.08 33.53
C LYS A 380 31.32 -35.43 32.93
N GLY A 381 32.09 -35.42 31.84
CA GLY A 381 32.49 -36.64 31.17
C GLY A 381 31.49 -37.27 30.21
N PHE A 382 30.35 -36.64 29.99
CA PHE A 382 29.36 -37.22 29.10
C PHE A 382 29.49 -36.90 27.62
N TYR A 383 28.87 -37.75 26.81
CA TYR A 383 28.85 -37.67 25.35
C TYR A 383 27.82 -38.69 24.86
N PRO A 384 26.96 -38.30 23.91
CA PRO A 384 26.88 -36.98 23.28
C PRO A 384 26.30 -35.93 24.24
N SER A 385 26.10 -34.72 23.73
CA SER A 385 25.60 -33.61 24.54
C SER A 385 24.16 -33.67 24.95
N ASP A 386 23.37 -34.54 24.32
CA ASP A 386 21.95 -34.62 24.69
C ASP A 386 21.88 -35.14 26.11
N ILE A 387 21.26 -34.36 26.99
CA ILE A 387 21.15 -34.72 28.39
C ILE A 387 20.00 -33.96 29.02
N ALA A 388 19.63 -34.39 30.22
CA ALA A 388 18.56 -33.72 30.95
C ALA A 388 18.94 -33.70 32.42
N VAL A 389 18.79 -32.54 33.05
CA VAL A 389 19.14 -32.38 34.46
C VAL A 389 17.93 -31.82 35.17
N GLU A 390 17.55 -32.43 36.27
CA GLU A 390 16.41 -31.92 37.02
C GLU A 390 16.73 -31.91 38.52
N TRP A 391 16.04 -31.08 39.30
CA TRP A 391 16.24 -31.00 40.75
C TRP A 391 14.95 -31.30 41.49
N GLU A 392 15.05 -32.01 42.61
CA GLU A 392 13.88 -32.33 43.39
C GLU A 392 14.19 -32.39 44.88
N SER A 393 13.13 -32.37 45.69
CA SER A 393 13.26 -32.48 47.11
C SER A 393 11.93 -33.03 47.61
N ASN A 394 11.99 -33.81 48.68
CA ASN A 394 10.81 -34.43 49.28
C ASN A 394 9.78 -34.88 48.25
N GLY A 395 10.23 -35.69 47.29
CA GLY A 395 9.34 -36.20 46.25
C GLY A 395 8.80 -35.18 45.26
N GLN A 396 9.02 -33.89 45.50
CA GLN A 396 8.52 -32.85 44.61
C GLN A 396 9.63 -32.18 43.80
N PRO A 397 9.29 -31.58 42.64
CA PRO A 397 10.28 -30.92 41.77
C PRO A 397 10.55 -29.50 42.17
N GLU A 398 11.82 -29.13 42.22
CA GLU A 398 12.13 -27.77 42.58
C GLU A 398 11.80 -26.93 41.36
N ASN A 399 11.62 -25.63 41.56
CA ASN A 399 11.29 -24.73 40.48
C ASN A 399 12.48 -23.92 40.04
N ASN A 400 12.99 -23.15 40.99
CA ASN A 400 14.06 -22.22 40.75
C ASN A 400 15.47 -22.64 40.44
N TYR A 401 15.70 -23.16 39.23
CA TYR A 401 17.05 -23.56 38.86
C TYR A 401 17.33 -23.32 37.39
N LYS A 402 18.61 -23.15 37.04
CA LYS A 402 19.04 -22.88 35.68
C LYS A 402 20.30 -23.70 35.36
N THR A 403 20.30 -24.38 34.22
CA THR A 403 21.44 -25.20 33.85
C THR A 403 22.21 -24.59 32.70
N THR A 404 23.52 -24.53 32.83
CA THR A 404 24.31 -23.99 31.75
C THR A 404 24.15 -24.95 30.58
N PRO A 405 24.57 -24.52 29.41
CA PRO A 405 24.49 -25.37 28.22
C PRO A 405 25.68 -26.31 28.31
N PRO A 406 25.64 -27.42 27.60
CA PRO A 406 26.80 -28.34 27.65
C PRO A 406 28.06 -27.61 27.17
N VAL A 407 29.19 -27.89 27.81
CA VAL A 407 30.43 -27.23 27.44
C VAL A 407 31.47 -28.29 27.12
N LEU A 408 32.10 -28.16 25.97
CA LEU A 408 33.13 -29.10 25.52
C LEU A 408 34.34 -29.05 26.44
N ASP A 409 34.75 -30.20 26.95
CA ASP A 409 35.87 -30.26 27.88
C ASP A 409 37.19 -30.61 27.19
N SER A 410 38.27 -30.52 27.96
CA SER A 410 39.60 -30.82 27.47
C SER A 410 39.74 -32.10 26.67
N ASP A 411 38.95 -33.11 27.01
CA ASP A 411 39.03 -34.42 26.37
C ASP A 411 37.93 -34.82 25.40
N GLY A 412 37.11 -33.87 24.99
CA GLY A 412 36.07 -34.21 24.04
C GLY A 412 34.74 -34.55 24.67
N SER A 413 34.69 -34.68 25.98
CA SER A 413 33.40 -34.97 26.58
C SER A 413 32.77 -33.62 26.94
N PHE A 414 31.52 -33.61 27.39
CA PHE A 414 30.90 -32.34 27.77
C PHE A 414 30.68 -32.32 29.27
N PHE A 415 30.52 -31.13 29.83
CA PHE A 415 30.25 -30.98 31.24
C PHE A 415 29.31 -29.82 31.33
N LEU A 416 28.52 -29.75 32.39
CA LEU A 416 27.64 -28.60 32.57
C LEU A 416 27.44 -28.37 34.04
N TYR A 417 26.74 -27.31 34.41
CA TYR A 417 26.47 -27.04 35.82
C TYR A 417 25.04 -26.61 35.93
N SER A 418 24.37 -27.07 36.98
CA SER A 418 22.99 -26.67 37.20
C SER A 418 22.96 -25.92 38.55
N LYS A 419 22.29 -24.79 38.59
CA LYS A 419 22.26 -24.04 39.84
C LYS A 419 20.86 -23.93 40.37
N LEU A 420 20.65 -24.51 41.55
CA LEU A 420 19.37 -24.46 42.21
C LEU A 420 19.49 -23.38 43.29
N THR A 421 18.55 -22.44 43.29
CA THR A 421 18.54 -21.37 44.27
C THR A 421 17.43 -21.67 45.24
N VAL A 422 17.72 -21.66 46.54
CA VAL A 422 16.72 -21.93 47.57
C VAL A 422 16.94 -20.99 48.75
N ASP A 423 15.89 -20.72 49.51
CA ASP A 423 16.04 -19.85 50.66
C ASP A 423 17.00 -20.49 51.65
N LYS A 424 17.90 -19.70 52.23
CA LYS A 424 18.86 -20.22 53.19
C LYS A 424 18.18 -21.09 54.26
N SER A 425 17.00 -20.68 54.72
CA SER A 425 16.28 -21.44 55.73
C SER A 425 16.08 -22.91 55.35
N ARG A 426 15.56 -23.18 54.15
CA ARG A 426 15.35 -24.56 53.73
C ARG A 426 16.63 -25.37 53.78
N TRP A 427 17.74 -24.73 53.39
CA TRP A 427 19.02 -25.41 53.41
C TRP A 427 19.42 -25.77 54.81
N GLN A 428 19.24 -24.82 55.74
CA GLN A 428 19.59 -25.04 57.14
C GLN A 428 18.64 -25.95 57.91
N GLN A 429 17.40 -26.06 57.43
CA GLN A 429 16.43 -26.93 58.06
C GLN A 429 16.77 -28.38 57.76
N GLY A 430 17.88 -28.59 57.07
CA GLY A 430 18.30 -29.94 56.75
C GLY A 430 17.60 -30.67 55.62
N ASN A 431 16.74 -30.00 54.86
CA ASN A 431 16.08 -30.67 53.75
C ASN A 431 17.08 -31.32 52.81
N VAL A 432 16.69 -32.41 52.19
CA VAL A 432 17.59 -33.08 51.27
C VAL A 432 17.19 -32.83 49.83
N PHE A 433 18.15 -32.32 49.07
CA PHE A 433 17.94 -32.00 47.66
C PHE A 433 18.72 -33.00 46.84
N SER A 434 18.18 -33.34 45.67
CA SER A 434 18.84 -34.28 44.79
C SER A 434 18.75 -33.87 43.32
N CYS A 435 19.88 -34.03 42.65
CA CYS A 435 20.06 -33.70 41.26
C CYS A 435 19.91 -34.97 40.40
N SER A 436 18.88 -34.99 39.55
CA SER A 436 18.63 -36.13 38.68
C SER A 436 19.15 -35.86 37.28
N VAL A 437 19.92 -36.80 36.75
CA VAL A 437 20.45 -36.63 35.41
C VAL A 437 20.01 -37.78 34.50
N MET A 438 19.41 -37.43 33.35
CA MET A 438 18.94 -38.43 32.40
C MET A 438 19.81 -38.38 31.15
N HIS A 439 20.51 -39.46 30.85
CA HIS A 439 21.42 -39.49 29.69
C HIS A 439 21.47 -40.90 29.15
N GLU A 440 21.75 -41.06 27.87
CA GLU A 440 21.80 -42.39 27.28
C GLU A 440 22.89 -43.30 27.82
N ALA A 441 24.03 -42.73 28.19
CA ALA A 441 25.15 -43.52 28.67
C ALA A 441 25.12 -43.77 30.17
N LEU A 442 23.94 -43.80 30.74
CA LEU A 442 23.75 -44.06 32.17
C LEU A 442 22.95 -45.34 32.34
N HIS A 443 23.22 -46.10 33.39
CA HIS A 443 22.47 -47.33 33.65
C HIS A 443 20.99 -46.98 33.80
N ASN A 444 20.14 -47.55 32.96
CA ASN A 444 18.72 -47.22 33.01
C ASN A 444 18.51 -45.77 32.61
N HIS A 445 19.53 -45.17 32.00
CA HIS A 445 19.47 -43.78 31.54
C HIS A 445 19.07 -42.81 32.68
N TYR A 446 19.49 -43.10 33.91
CA TYR A 446 19.11 -42.24 35.02
C TYR A 446 20.05 -42.37 36.20
N THR A 447 20.39 -41.24 36.81
CA THR A 447 21.24 -41.26 37.98
C THR A 447 20.85 -40.10 38.88
N GLN A 448 21.20 -40.18 40.17
CA GLN A 448 20.85 -39.16 41.15
C GLN A 448 21.95 -38.95 42.17
N LYS A 449 22.08 -37.72 42.66
CA LYS A 449 23.07 -37.40 43.68
C LYS A 449 22.37 -36.48 44.65
N SER A 450 22.55 -36.70 45.94
CA SER A 450 21.89 -35.85 46.91
C SER A 450 22.79 -34.81 47.47
N LEU A 451 22.19 -33.88 48.20
CA LEU A 451 22.90 -32.76 48.79
C LEU A 451 22.06 -32.24 49.94
N SER A 452 22.68 -32.05 51.09
CA SER A 452 22.00 -31.55 52.29
C SER A 452 23.04 -31.04 53.27
N LEU A 453 22.64 -30.12 54.14
CA LEU A 453 23.55 -29.55 55.13
C LEU A 453 24.19 -30.65 55.94
N SER A 454 25.46 -30.51 56.26
CA SER A 454 26.16 -31.52 57.06
C SER A 454 25.25 -31.90 58.23
N PRO A 455 25.27 -33.17 58.63
CA PRO A 455 24.45 -33.68 59.75
C PRO A 455 23.88 -32.59 60.66
N GLY A 456 24.74 -32.08 61.56
CA GLY A 456 24.35 -31.04 62.49
C GLY A 456 22.87 -30.85 62.78
N LYS A 457 22.27 -29.86 62.14
CA LYS A 457 20.85 -29.55 62.33
C LYS A 457 20.08 -29.53 61.01
N GLN B 1 51.66 10.11 -34.06
CA GLN B 1 50.20 9.85 -33.89
C GLN B 1 49.47 9.80 -35.23
N VAL B 2 49.06 8.60 -35.63
CA VAL B 2 48.35 8.42 -36.89
C VAL B 2 46.86 8.73 -36.75
N GLN B 3 46.40 9.75 -37.46
CA GLN B 3 45.00 10.17 -37.39
C GLN B 3 44.24 9.96 -38.69
N LEU B 4 43.14 9.22 -38.59
CA LEU B 4 42.29 8.93 -39.73
C LEU B 4 40.90 9.46 -39.40
N VAL B 5 40.63 10.70 -39.82
CA VAL B 5 39.35 11.34 -39.54
C VAL B 5 38.40 11.39 -40.73
N GLN B 6 37.21 10.83 -40.55
CA GLN B 6 36.23 10.83 -41.63
C GLN B 6 35.05 11.76 -41.38
N SER B 7 34.34 12.07 -42.46
CA SER B 7 33.20 12.97 -42.45
C SER B 7 31.96 12.54 -41.66
N GLY B 8 31.12 13.53 -41.34
CA GLY B 8 29.91 13.33 -40.57
C GLY B 8 28.91 12.36 -41.16
N ALA B 9 27.91 12.00 -40.37
CA ALA B 9 26.87 11.04 -40.75
C ALA B 9 26.03 11.52 -41.92
N GLU B 10 25.59 10.58 -42.75
CA GLU B 10 24.78 10.88 -43.92
C GLU B 10 23.39 10.24 -43.81
N VAL B 11 22.42 10.88 -44.44
CA VAL B 11 21.03 10.39 -44.46
C VAL B 11 20.52 10.56 -45.88
N LYS B 12 20.56 9.48 -46.65
CA LYS B 12 20.12 9.49 -48.04
C LYS B 12 18.90 8.61 -48.28
N LYS B 13 18.24 8.79 -49.43
CA LYS B 13 17.06 8.00 -49.79
C LYS B 13 17.39 6.94 -50.83
N PRO B 14 16.63 5.83 -50.85
CA PRO B 14 16.86 4.75 -51.82
C PRO B 14 17.11 5.26 -53.22
N GLY B 15 18.22 4.83 -53.81
CA GLY B 15 18.58 5.24 -55.15
C GLY B 15 19.55 6.40 -55.15
N ALA B 16 19.57 7.16 -54.06
CA ALA B 16 20.46 8.31 -53.95
C ALA B 16 21.93 7.90 -53.99
N SER B 17 22.79 8.76 -53.47
CA SER B 17 24.22 8.48 -53.44
C SER B 17 24.91 9.20 -52.27
N VAL B 18 26.04 8.63 -51.82
CA VAL B 18 26.80 9.21 -50.72
C VAL B 18 28.28 9.10 -50.99
N LYS B 19 29.02 10.09 -50.53
CA LYS B 19 30.46 10.12 -50.72
C LYS B 19 31.13 10.47 -49.40
N VAL B 20 31.86 9.49 -48.84
CA VAL B 20 32.56 9.65 -47.57
C VAL B 20 34.01 10.06 -47.75
N SER B 21 34.49 10.92 -46.86
CA SER B 21 35.86 11.40 -46.90
C SER B 21 36.65 10.84 -45.75
N CYS B 22 37.96 10.94 -45.82
CA CYS B 22 38.86 10.45 -44.79
C CYS B 22 40.16 11.24 -44.87
N GLN B 23 40.45 12.02 -43.84
CA GLN B 23 41.66 12.83 -43.81
C GLN B 23 42.75 12.24 -42.92
N ALA B 24 43.86 11.86 -43.55
CA ALA B 24 45.01 11.25 -42.89
C ALA B 24 45.93 12.26 -42.20
N SER B 25 46.59 11.82 -41.13
CA SER B 25 47.48 12.69 -40.36
C SER B 25 48.57 11.90 -39.63
N GLY B 26 49.68 12.55 -39.34
CA GLY B 26 50.76 11.91 -38.61
C GLY B 26 51.65 10.95 -39.37
N TYR B 27 51.49 10.92 -40.70
CA TYR B 27 52.31 10.03 -41.51
C TYR B 27 52.25 10.46 -42.97
N ARG B 28 53.19 9.99 -43.78
CA ARG B 28 53.22 10.35 -45.19
C ARG B 28 52.09 9.69 -45.98
N PHE B 29 50.95 10.35 -45.98
CA PHE B 29 49.73 9.91 -46.65
C PHE B 29 49.89 8.99 -47.85
N SER B 30 50.83 9.31 -48.73
CA SER B 30 51.03 8.52 -49.94
C SER B 30 51.92 7.30 -49.81
N ASN B 31 52.26 6.92 -48.59
CA ASN B 31 53.09 5.75 -48.37
C ASN B 31 52.30 4.53 -47.89
N PHE B 32 50.99 4.69 -47.74
CA PHE B 32 50.14 3.60 -47.26
C PHE B 32 48.83 3.47 -48.02
N VAL B 33 48.48 2.24 -48.35
CA VAL B 33 47.23 1.99 -49.04
C VAL B 33 46.12 2.23 -48.04
N ILE B 34 44.97 2.67 -48.52
CA ILE B 34 43.84 2.90 -47.64
C ILE B 34 42.66 2.00 -47.99
N HIS B 35 42.25 1.19 -47.03
CA HIS B 35 41.11 0.27 -47.19
C HIS B 35 39.80 0.95 -46.83
N TRP B 36 38.73 0.35 -47.31
CA TRP B 36 37.39 0.80 -47.02
C TRP B 36 36.57 -0.42 -46.61
N VAL B 37 36.13 -0.44 -45.35
CA VAL B 37 35.35 -1.54 -44.81
C VAL B 37 34.08 -1.03 -44.17
N ARG B 38 33.00 -1.79 -44.35
CA ARG B 38 31.70 -1.41 -43.78
C ARG B 38 31.15 -2.51 -42.86
N GLN B 39 30.21 -2.11 -42.01
CA GLN B 39 29.53 -3.06 -41.14
C GLN B 39 28.08 -2.64 -40.94
N ALA B 40 27.18 -3.43 -41.51
CA ALA B 40 25.74 -3.17 -41.39
C ALA B 40 25.27 -3.72 -40.05
N PRO B 41 24.23 -3.10 -39.47
CA PRO B 41 23.75 -3.59 -38.17
C PRO B 41 23.48 -5.07 -38.19
N GLY B 42 24.08 -5.79 -37.25
CA GLY B 42 23.87 -7.23 -37.18
C GLY B 42 24.65 -8.04 -38.22
N GLN B 43 25.48 -7.37 -39.00
CA GLN B 43 26.26 -8.03 -40.03
C GLN B 43 27.76 -7.97 -39.75
N ARG B 44 28.51 -8.86 -40.40
CA ARG B 44 29.95 -8.88 -40.25
C ARG B 44 30.55 -7.70 -41.02
N PHE B 45 31.80 -7.36 -40.73
CA PHE B 45 32.48 -6.27 -41.44
C PHE B 45 32.64 -6.73 -42.89
N GLU B 46 32.40 -5.81 -43.82
CA GLU B 46 32.52 -6.11 -45.24
C GLU B 46 33.64 -5.28 -45.84
N TRP B 47 34.59 -5.96 -46.45
CA TRP B 47 35.67 -5.24 -47.10
C TRP B 47 35.15 -4.75 -48.45
N MET B 48 35.27 -3.46 -48.72
CA MET B 48 34.80 -2.91 -49.99
C MET B 48 35.90 -2.78 -51.05
N GLY B 49 37.12 -2.49 -50.60
CA GLY B 49 38.24 -2.35 -51.51
C GLY B 49 39.24 -1.35 -50.97
N TRP B 50 40.32 -1.15 -51.71
CA TRP B 50 41.34 -0.20 -51.28
C TRP B 50 41.89 0.58 -52.46
N ILE B 51 42.53 1.70 -52.16
CA ILE B 51 43.14 2.55 -53.17
C ILE B 51 44.55 2.90 -52.71
N ASN B 52 45.47 2.97 -53.66
CA ASN B 52 46.85 3.28 -53.31
C ASN B 52 47.17 4.72 -53.65
N PRO B 53 47.18 5.59 -52.63
CA PRO B 53 47.49 7.01 -52.87
C PRO B 53 48.79 7.23 -53.66
N TYR B 54 49.75 6.34 -53.48
CA TYR B 54 51.03 6.45 -54.18
C TYR B 54 50.87 6.54 -55.70
N ASN B 55 50.23 5.53 -56.27
CA ASN B 55 50.03 5.43 -57.70
C ASN B 55 48.58 5.47 -58.20
N GLY B 56 47.63 5.76 -57.33
CA GLY B 56 46.25 5.80 -57.76
C GLY B 56 45.62 4.43 -58.04
N ASN B 57 46.36 3.36 -57.80
CA ASN B 57 45.81 2.04 -58.02
C ASN B 57 44.65 1.72 -57.06
N LYS B 58 43.76 0.84 -57.49
CA LYS B 58 42.59 0.47 -56.70
C LYS B 58 42.26 -1.00 -56.87
N GLU B 59 41.61 -1.57 -55.85
CA GLU B 59 41.18 -2.95 -55.90
C GLU B 59 39.75 -2.93 -55.35
N PHE B 60 38.87 -3.73 -55.93
CA PHE B 60 37.49 -3.74 -55.48
C PHE B 60 37.01 -5.09 -55.04
N SER B 61 35.86 -5.07 -54.37
CA SER B 61 35.23 -6.29 -53.92
C SER B 61 34.21 -6.58 -55.01
N ALA B 62 34.14 -7.82 -55.45
CA ALA B 62 33.19 -8.18 -56.49
C ALA B 62 31.79 -7.67 -56.18
N LYS B 63 31.46 -7.58 -54.89
CA LYS B 63 30.14 -7.13 -54.48
C LYS B 63 29.96 -5.62 -54.67
N PHE B 64 31.08 -4.89 -54.68
CA PHE B 64 31.03 -3.43 -54.81
C PHE B 64 31.79 -2.89 -56.03
N GLN B 65 32.21 -3.79 -56.92
CA GLN B 65 32.98 -3.38 -58.09
C GLN B 65 32.25 -2.47 -59.06
N ASP B 66 30.94 -2.37 -58.92
CA ASP B 66 30.14 -1.56 -59.82
C ASP B 66 29.72 -0.16 -59.33
N ARG B 67 29.32 -0.04 -58.08
CA ARG B 67 28.85 1.25 -57.58
C ARG B 67 29.70 2.02 -56.58
N VAL B 68 31.00 1.73 -56.51
CA VAL B 68 31.86 2.46 -55.58
C VAL B 68 32.99 3.12 -56.35
N THR B 69 33.44 4.25 -55.84
CA THR B 69 34.51 4.99 -56.48
C THR B 69 35.52 5.44 -55.44
N PHE B 70 36.73 4.92 -55.53
CA PHE B 70 37.79 5.32 -54.61
C PHE B 70 38.64 6.38 -55.27
N THR B 71 38.70 7.54 -54.63
CA THR B 71 39.50 8.65 -55.13
C THR B 71 40.39 9.12 -53.99
N ALA B 72 41.44 9.85 -54.32
CA ALA B 72 42.32 10.35 -53.28
C ALA B 72 42.97 11.63 -53.75
N ASP B 73 43.20 12.55 -52.82
CA ASP B 73 43.83 13.83 -53.12
C ASP B 73 45.14 13.86 -52.34
N THR B 74 46.26 13.63 -53.03
CA THR B 74 47.57 13.61 -52.38
C THR B 74 47.86 14.88 -51.60
N SER B 75 47.59 16.02 -52.24
CA SER B 75 47.80 17.33 -51.64
C SER B 75 46.93 17.54 -50.41
N ALA B 76 45.74 16.98 -50.43
CA ALA B 76 44.79 17.10 -49.34
C ALA B 76 44.84 15.96 -48.31
N ASN B 77 45.81 15.05 -48.46
CA ASN B 77 45.95 13.91 -47.54
C ASN B 77 44.59 13.29 -47.21
N THR B 78 43.76 13.15 -48.23
CA THR B 78 42.45 12.60 -48.03
C THR B 78 42.03 11.60 -49.11
N ALA B 79 41.32 10.58 -48.67
CA ALA B 79 40.83 9.55 -49.56
C ALA B 79 39.31 9.68 -49.54
N TYR B 80 38.65 9.28 -50.61
CA TYR B 80 37.20 9.35 -50.68
C TYR B 80 36.57 8.06 -51.14
N MET B 81 35.37 7.80 -50.66
CA MET B 81 34.64 6.59 -51.02
C MET B 81 33.30 7.09 -51.55
N GLU B 82 32.94 6.71 -52.77
CA GLU B 82 31.66 7.14 -53.35
C GLU B 82 30.76 5.96 -53.70
N LEU B 83 29.68 5.82 -52.95
CA LEU B 83 28.75 4.74 -53.19
C LEU B 83 27.44 5.30 -53.75
N ARG B 84 27.01 4.77 -54.90
CA ARG B 84 25.78 5.20 -55.55
C ARG B 84 24.75 4.09 -55.62
N SER B 85 23.52 4.45 -55.98
CA SER B 85 22.42 3.50 -56.09
C SER B 85 22.14 2.86 -54.74
N LEU B 86 22.16 3.68 -53.69
CA LEU B 86 21.95 3.24 -52.32
C LEU B 86 20.64 2.51 -52.11
N ARG B 87 20.73 1.35 -51.47
CA ARG B 87 19.57 0.54 -51.14
C ARG B 87 19.32 0.65 -49.63
N SER B 88 18.42 -0.16 -49.11
CA SER B 88 18.14 -0.14 -47.69
C SER B 88 19.29 -0.87 -46.99
N ALA B 89 19.78 -1.91 -47.65
CA ALA B 89 20.86 -2.74 -47.13
C ALA B 89 22.20 -2.02 -47.05
N ASP B 90 22.27 -0.81 -47.60
CA ASP B 90 23.51 -0.05 -47.54
C ASP B 90 23.60 0.79 -46.28
N THR B 91 22.66 0.60 -45.36
CA THR B 91 22.68 1.36 -44.11
C THR B 91 23.71 0.72 -43.19
N ALA B 92 24.79 1.43 -42.92
CA ALA B 92 25.84 0.91 -42.05
C ALA B 92 26.87 1.96 -41.72
N VAL B 93 27.84 1.58 -40.89
CA VAL B 93 28.93 2.48 -40.53
C VAL B 93 30.04 2.18 -41.54
N TYR B 94 30.53 3.23 -42.20
CA TYR B 94 31.57 3.06 -43.21
C TYR B 94 32.95 3.45 -42.69
N TYR B 95 33.82 2.46 -42.60
CA TYR B 95 35.16 2.67 -42.07
C TYR B 95 36.25 2.90 -43.09
N CYS B 96 37.24 3.64 -42.63
CA CYS B 96 38.39 4.00 -43.42
C CYS B 96 39.60 3.46 -42.66
N ALA B 97 40.31 2.49 -43.21
CA ALA B 97 41.46 1.93 -42.49
C ALA B 97 42.73 2.00 -43.30
N ARG B 98 43.85 2.19 -42.60
CA ARG B 98 45.14 2.30 -43.25
C ARG B 98 46.01 1.05 -43.02
N VAL B 99 46.84 0.70 -44.00
CA VAL B 99 47.71 -0.48 -43.87
C VAL B 99 48.84 -0.25 -42.89
N GLY B 100 49.57 -1.29 -42.55
CA GLY B 100 50.65 -1.13 -41.61
C GLY B 100 51.95 -0.80 -42.32
N PRO B 101 53.04 -0.59 -41.59
CA PRO B 101 54.31 -0.27 -42.24
C PRO B 101 54.82 -1.45 -43.06
N TYR B 102 55.55 -1.16 -44.13
CA TYR B 102 56.08 -2.20 -44.99
C TYR B 102 57.59 -2.21 -44.80
N SER B 103 58.17 -3.38 -44.59
CA SER B 103 59.60 -3.48 -44.41
C SER B 103 60.21 -4.51 -45.37
N TRP B 104 61.50 -4.37 -45.63
CA TRP B 104 62.23 -5.25 -46.55
C TRP B 104 61.96 -6.75 -46.40
N ASP B 105 61.73 -7.23 -45.19
CA ASP B 105 61.49 -8.66 -45.05
C ASP B 105 60.01 -9.04 -45.02
N ASP B 106 59.15 -8.11 -45.46
CA ASP B 106 57.73 -8.43 -45.57
C ASP B 106 57.56 -8.86 -47.02
N SER B 107 56.60 -9.73 -47.28
CA SER B 107 56.36 -10.11 -48.66
C SER B 107 55.36 -9.07 -49.15
N PRO B 108 55.37 -8.77 -50.44
CA PRO B 108 54.41 -7.77 -50.92
C PRO B 108 52.99 -8.06 -50.38
N GLN B 109 52.42 -7.08 -49.71
CA GLN B 109 51.06 -7.18 -49.15
C GLN B 109 50.89 -7.87 -47.80
N ASP B 110 51.99 -8.25 -47.16
CA ASP B 110 51.91 -8.88 -45.85
C ASP B 110 51.44 -7.89 -44.80
N ASN B 111 51.45 -6.61 -45.14
CA ASN B 111 51.06 -5.55 -44.22
C ASN B 111 49.70 -4.98 -44.59
N TYR B 112 48.98 -5.62 -45.51
CA TYR B 112 47.69 -5.11 -45.96
C TYR B 112 46.50 -5.33 -45.04
N TYR B 113 46.79 -5.51 -43.76
CA TYR B 113 45.76 -5.68 -42.75
C TYR B 113 45.34 -4.24 -42.35
N MET B 114 44.32 -4.12 -41.51
CA MET B 114 43.86 -2.81 -41.10
C MET B 114 44.63 -2.35 -39.85
N ASP B 115 45.70 -1.59 -40.08
CA ASP B 115 46.57 -1.12 -38.99
C ASP B 115 45.91 -0.03 -38.14
N VAL B 116 45.36 0.97 -38.81
CA VAL B 116 44.71 2.06 -38.11
C VAL B 116 43.36 2.32 -38.73
N TRP B 117 42.34 2.36 -37.87
CA TRP B 117 40.97 2.59 -38.31
C TRP B 117 40.47 3.95 -37.92
N GLY B 118 39.40 4.37 -38.58
CA GLY B 118 38.77 5.65 -38.27
C GLY B 118 37.59 5.33 -37.38
N LYS B 119 37.00 6.35 -36.77
CA LYS B 119 35.84 6.16 -35.91
C LYS B 119 34.65 5.68 -36.74
N GLY B 120 34.75 5.86 -38.05
CA GLY B 120 33.69 5.44 -38.95
C GLY B 120 32.57 6.45 -39.09
N THR B 121 32.05 6.59 -40.30
CA THR B 121 30.95 7.51 -40.53
C THR B 121 29.70 6.66 -40.79
N THR B 122 28.62 6.98 -40.07
CA THR B 122 27.38 6.24 -40.23
C THR B 122 26.47 6.80 -41.34
N VAL B 123 26.04 5.91 -42.24
CA VAL B 123 25.17 6.30 -43.36
C VAL B 123 23.84 5.57 -43.27
N ILE B 124 22.77 6.34 -43.12
CA ILE B 124 21.42 5.78 -43.03
C ILE B 124 20.70 5.91 -44.36
N VAL B 125 20.19 4.80 -44.88
CA VAL B 125 19.45 4.81 -46.14
C VAL B 125 18.01 4.34 -45.96
N SER B 126 17.07 5.26 -46.16
CA SER B 126 15.65 4.94 -46.03
C SER B 126 14.79 5.89 -46.83
N SER B 127 13.51 5.56 -46.94
CA SER B 127 12.55 6.36 -47.68
C SER B 127 11.88 7.42 -46.82
N ALA B 128 11.80 7.15 -45.52
CA ALA B 128 11.18 8.09 -44.59
C ALA B 128 11.87 9.45 -44.57
N SER B 129 11.26 10.40 -43.86
CA SER B 129 11.81 11.75 -43.77
C SER B 129 11.81 12.28 -42.34
N THR B 130 12.54 13.37 -42.14
CA THR B 130 12.70 14.00 -40.82
C THR B 130 11.37 14.19 -40.09
N LYS B 131 11.28 13.66 -38.88
CA LYS B 131 10.08 13.79 -38.08
C LYS B 131 10.42 14.05 -36.62
N GLY B 132 9.52 14.71 -35.91
CA GLY B 132 9.77 15.01 -34.50
C GLY B 132 9.31 13.86 -33.62
N PRO B 133 9.86 13.75 -32.41
CA PRO B 133 9.50 12.67 -31.47
C PRO B 133 8.27 13.00 -30.63
N SER B 134 7.57 11.97 -30.20
CA SER B 134 6.37 12.12 -29.38
C SER B 134 6.68 11.71 -27.94
N VAL B 135 6.87 12.68 -27.07
CA VAL B 135 7.18 12.42 -25.67
C VAL B 135 5.95 12.02 -24.86
N PHE B 136 5.87 10.75 -24.50
CA PHE B 136 4.76 10.22 -23.71
C PHE B 136 5.35 9.59 -22.45
N PRO B 137 5.30 10.32 -21.32
CA PRO B 137 5.84 9.84 -20.04
C PRO B 137 5.39 8.45 -19.57
N LEU B 138 6.16 7.89 -18.65
CA LEU B 138 5.91 6.58 -18.07
C LEU B 138 5.80 6.79 -16.55
N ALA B 139 4.66 7.32 -16.11
CA ALA B 139 4.40 7.61 -14.71
C ALA B 139 4.48 6.42 -13.77
N PRO B 140 4.79 6.69 -12.48
CA PRO B 140 4.90 5.67 -11.43
C PRO B 140 3.57 4.97 -11.18
N SER B 141 3.63 3.83 -10.52
CA SER B 141 2.43 3.06 -10.21
C SER B 141 2.32 2.75 -8.72
N THR B 149 11.78 0.45 -4.20
CA THR B 149 11.96 1.61 -5.06
C THR B 149 11.10 1.53 -6.32
N ALA B 150 10.59 2.67 -6.76
CA ALA B 150 9.75 2.75 -7.94
C ALA B 150 10.46 3.52 -9.05
N ALA B 151 10.28 3.08 -10.29
CA ALA B 151 10.92 3.73 -11.44
C ALA B 151 9.94 4.45 -12.34
N LEU B 152 10.32 5.64 -12.75
CA LEU B 152 9.49 6.46 -13.62
C LEU B 152 10.34 6.94 -14.79
N GLY B 153 9.76 6.97 -15.98
CA GLY B 153 10.54 7.42 -17.14
C GLY B 153 9.72 8.08 -18.23
N CYS B 154 10.36 8.28 -19.37
CA CYS B 154 9.73 8.90 -20.53
C CYS B 154 9.78 7.97 -21.73
N LEU B 155 8.97 8.28 -22.74
CA LEU B 155 8.94 7.48 -23.96
C LEU B 155 9.02 8.42 -25.16
N VAL B 156 10.06 8.23 -25.97
CA VAL B 156 10.27 9.04 -27.16
C VAL B 156 9.86 8.15 -28.32
N LYS B 157 8.64 8.34 -28.81
CA LYS B 157 8.13 7.51 -29.89
C LYS B 157 8.11 8.16 -31.27
N ASP B 158 8.12 7.31 -32.30
CA ASP B 158 8.09 7.71 -33.69
C ASP B 158 8.84 9.01 -34.00
N TYR B 159 10.14 8.86 -34.27
CA TYR B 159 10.98 10.00 -34.63
C TYR B 159 11.93 9.56 -35.74
N PHE B 160 12.60 10.52 -36.36
CA PHE B 160 13.52 10.20 -37.45
C PHE B 160 14.23 11.49 -37.89
N PRO B 161 15.55 11.41 -38.12
CA PRO B 161 16.37 10.21 -37.96
C PRO B 161 17.12 10.31 -36.65
N GLU B 162 17.85 9.27 -36.29
CA GLU B 162 18.62 9.32 -35.06
C GLU B 162 19.70 10.39 -35.21
N PRO B 163 20.29 10.85 -34.10
CA PRO B 163 20.02 10.46 -32.72
C PRO B 163 19.04 11.33 -31.95
N VAL B 164 18.84 10.98 -30.69
CA VAL B 164 17.95 11.70 -29.79
C VAL B 164 18.64 11.81 -28.43
N THR B 165 18.68 13.01 -27.87
CA THR B 165 19.30 13.24 -26.58
C THR B 165 18.28 13.44 -25.48
N VAL B 166 18.22 12.47 -24.56
CA VAL B 166 17.29 12.57 -23.44
C VAL B 166 18.07 12.81 -22.14
N SER B 167 17.61 13.79 -21.37
CA SER B 167 18.26 14.13 -20.10
C SER B 167 17.19 14.25 -19.02
N TRP B 168 17.62 14.23 -17.76
CA TRP B 168 16.68 14.34 -16.66
C TRP B 168 17.01 15.53 -15.77
N ASN B 169 16.01 16.37 -15.52
CA ASN B 169 16.18 17.55 -14.70
C ASN B 169 17.38 18.34 -15.19
N SER B 170 17.51 18.43 -16.51
CA SER B 170 18.60 19.16 -17.16
C SER B 170 19.98 18.66 -16.75
N GLY B 171 20.16 17.35 -16.77
CA GLY B 171 21.44 16.77 -16.41
C GLY B 171 21.66 16.67 -14.91
N ALA B 172 20.63 16.99 -14.14
CA ALA B 172 20.72 16.92 -12.68
C ALA B 172 20.73 15.46 -12.24
N LEU B 173 19.75 14.69 -12.72
CA LEU B 173 19.64 13.28 -12.38
C LEU B 173 20.41 12.39 -13.37
N THR B 174 21.40 11.66 -12.85
CA THR B 174 22.19 10.76 -13.68
C THR B 174 22.09 9.35 -13.14
N SER B 175 22.47 9.15 -11.88
CA SER B 175 22.43 7.84 -11.26
C SER B 175 21.05 7.20 -11.38
N GLY B 176 21.02 6.02 -11.99
CA GLY B 176 19.77 5.30 -12.16
C GLY B 176 19.15 5.45 -13.53
N VAL B 177 19.51 6.52 -14.24
CA VAL B 177 18.98 6.77 -15.58
C VAL B 177 19.48 5.77 -16.61
N HIS B 178 18.55 5.21 -17.37
CA HIS B 178 18.90 4.24 -18.40
C HIS B 178 18.32 4.62 -19.75
N THR B 179 19.11 5.30 -20.58
CA THR B 179 18.62 5.67 -21.90
C THR B 179 18.85 4.46 -22.79
N PHE B 180 17.76 3.78 -23.17
CA PHE B 180 17.84 2.57 -24.00
C PHE B 180 18.10 2.79 -25.48
N PRO B 181 18.86 1.85 -26.11
CA PRO B 181 19.15 2.00 -27.54
C PRO B 181 17.82 1.94 -28.29
N ALA B 182 17.73 2.66 -29.40
CA ALA B 182 16.50 2.70 -30.19
C ALA B 182 16.20 1.42 -30.98
N VAL B 183 14.97 1.34 -31.48
CA VAL B 183 14.52 0.20 -32.27
C VAL B 183 13.83 0.79 -33.51
N LEU B 184 13.96 0.13 -34.64
CA LEU B 184 13.35 0.61 -35.87
C LEU B 184 12.01 -0.03 -36.11
N GLN B 185 10.96 0.77 -36.04
CA GLN B 185 9.60 0.30 -36.25
C GLN B 185 9.38 0.18 -37.76
N SER B 186 8.65 -0.85 -38.18
CA SER B 186 8.36 -1.08 -39.60
C SER B 186 7.83 0.16 -40.34
N SER B 187 7.46 1.20 -39.60
CA SER B 187 6.94 2.42 -40.20
C SER B 187 8.08 3.28 -40.73
N GLY B 188 9.31 2.92 -40.35
CA GLY B 188 10.46 3.67 -40.80
C GLY B 188 10.84 4.71 -39.77
N LEU B 189 10.25 4.58 -38.58
CA LEU B 189 10.54 5.51 -37.49
C LEU B 189 11.16 4.74 -36.33
N TYR B 190 11.91 5.46 -35.49
CA TYR B 190 12.57 4.86 -34.33
C TYR B 190 11.79 5.14 -33.05
N SER B 191 11.89 4.22 -32.08
CA SER B 191 11.22 4.39 -30.80
C SER B 191 12.13 3.97 -29.65
N LEU B 192 12.60 4.96 -28.90
CA LEU B 192 13.48 4.69 -27.77
C LEU B 192 12.75 5.04 -26.47
N SER B 193 13.14 4.38 -25.39
CA SER B 193 12.53 4.63 -24.09
C SER B 193 13.58 4.72 -22.99
N SER B 194 13.64 5.87 -22.33
CA SER B 194 14.59 6.07 -21.24
C SER B 194 13.87 6.00 -19.90
N VAL B 195 14.46 5.30 -18.95
CA VAL B 195 13.88 5.17 -17.62
C VAL B 195 14.87 5.56 -16.54
N VAL B 196 14.43 5.52 -15.29
CA VAL B 196 15.29 5.87 -14.17
C VAL B 196 14.66 5.47 -12.83
N THR B 197 15.16 4.40 -12.24
CA THR B 197 14.65 3.94 -10.95
C THR B 197 15.00 5.01 -9.92
N VAL B 198 13.99 5.48 -9.21
CA VAL B 198 14.18 6.53 -8.21
C VAL B 198 13.57 6.14 -6.87
N PRO B 199 14.19 6.57 -5.76
CA PRO B 199 13.64 6.23 -4.44
C PRO B 199 12.18 6.64 -4.33
N SER B 200 11.32 5.66 -4.10
CA SER B 200 9.88 5.89 -3.96
C SER B 200 9.53 6.93 -2.91
N SER B 201 10.52 7.33 -2.13
CA SER B 201 10.33 8.31 -1.07
C SER B 201 10.20 9.75 -1.59
N SER B 202 10.49 9.93 -2.87
CA SER B 202 10.42 11.25 -3.49
C SER B 202 9.34 11.36 -4.56
N LEU B 203 8.42 10.40 -4.56
CA LEU B 203 7.34 10.38 -5.53
C LEU B 203 6.52 11.66 -5.49
N GLY B 204 6.42 12.27 -4.31
CA GLY B 204 5.65 13.49 -4.19
C GLY B 204 6.43 14.72 -3.76
N THR B 205 7.73 14.57 -3.54
CA THR B 205 8.56 15.69 -3.11
C THR B 205 9.48 16.19 -4.23
N GLN B 206 9.67 15.35 -5.25
CA GLN B 206 10.53 15.71 -6.36
C GLN B 206 9.79 15.98 -7.68
N THR B 207 10.43 16.75 -8.55
CA THR B 207 9.89 17.09 -9.86
C THR B 207 10.76 16.43 -10.91
N TYR B 208 10.16 15.52 -11.69
CA TYR B 208 10.89 14.80 -12.72
C TYR B 208 10.42 15.10 -14.14
N ILE B 209 11.36 15.52 -14.98
CA ILE B 209 11.07 15.83 -16.37
C ILE B 209 12.25 15.41 -17.24
N CYS B 210 11.96 14.87 -18.41
CA CYS B 210 13.01 14.48 -19.34
C CYS B 210 13.22 15.60 -20.34
N ASN B 211 14.46 15.79 -20.74
CA ASN B 211 14.82 16.84 -21.68
C ASN B 211 15.20 16.22 -23.02
N VAL B 212 14.19 15.79 -23.76
CA VAL B 212 14.41 15.17 -25.06
C VAL B 212 14.71 16.20 -26.15
N ASN B 213 15.78 15.96 -26.89
CA ASN B 213 16.17 16.86 -27.98
C ASN B 213 16.38 16.03 -29.24
N HIS B 214 15.95 16.58 -30.38
CA HIS B 214 16.09 15.90 -31.66
C HIS B 214 16.62 16.91 -32.68
N LYS B 215 17.89 17.24 -32.56
CA LYS B 215 18.55 18.20 -33.45
C LYS B 215 18.20 18.06 -34.92
N PRO B 216 18.11 16.81 -35.44
CA PRO B 216 17.77 16.57 -36.85
C PRO B 216 16.43 17.17 -37.30
N SER B 217 15.53 17.41 -36.36
CA SER B 217 14.22 17.97 -36.68
C SER B 217 13.95 19.26 -35.91
N ASN B 218 14.90 19.62 -35.04
CA ASN B 218 14.79 20.82 -34.22
C ASN B 218 13.64 20.74 -33.23
N THR B 219 13.35 19.52 -32.78
CA THR B 219 12.30 19.29 -31.81
C THR B 219 12.93 19.33 -30.43
N LYS B 220 12.17 19.74 -29.42
CA LYS B 220 12.70 19.80 -28.07
C LYS B 220 11.52 19.90 -27.11
N VAL B 221 11.06 18.74 -26.64
CA VAL B 221 9.92 18.68 -25.75
C VAL B 221 10.27 18.15 -24.37
N ASP B 222 9.93 18.91 -23.33
CA ASP B 222 10.18 18.51 -21.95
C ASP B 222 8.86 18.03 -21.40
N LYS B 223 8.86 16.89 -20.72
CA LYS B 223 7.62 16.37 -20.16
C LYS B 223 7.76 15.90 -18.72
N LYS B 224 6.80 16.30 -17.88
CA LYS B 224 6.81 15.92 -16.47
C LYS B 224 6.41 14.47 -16.26
N ALA B 225 7.17 13.77 -15.42
CA ALA B 225 6.89 12.38 -15.12
C ALA B 225 6.45 12.31 -13.66
N GLU B 226 5.18 12.61 -13.42
CA GLU B 226 4.62 12.59 -12.07
C GLU B 226 3.61 11.47 -11.90
N PRO B 227 3.49 10.94 -10.65
CA PRO B 227 2.57 9.86 -10.32
C PRO B 227 1.13 10.10 -10.81
N LYS B 228 0.33 9.03 -10.80
CA LYS B 228 -1.05 9.11 -11.22
C LYS B 228 -1.92 9.56 -10.04
N SER B 229 -3.04 10.21 -10.34
CA SER B 229 -3.94 10.70 -9.29
C SER B 229 -4.78 9.60 -8.66
N CYS B 230 -4.18 8.87 -7.74
CA CYS B 230 -4.89 7.79 -7.04
C CYS B 230 -4.70 8.00 -5.53
N ASP B 231 -3.79 8.91 -5.20
CA ASP B 231 -3.46 9.26 -3.82
C ASP B 231 -2.18 10.09 -3.77
N LYS B 232 -2.13 11.08 -2.89
CA LYS B 232 -0.94 11.93 -2.75
C LYS B 232 -0.21 11.66 -1.44
N CYS B 236 3.08 7.19 5.46
CA CYS B 236 2.84 6.53 6.75
C CYS B 236 3.78 5.31 6.83
N PRO B 237 5.06 5.54 7.19
CA PRO B 237 6.02 4.43 7.28
C PRO B 237 6.11 3.66 8.60
N PRO B 238 5.63 2.41 8.62
CA PRO B 238 5.69 1.57 9.83
C PRO B 238 7.10 1.10 10.17
N CYS B 239 7.64 0.16 9.38
CA CYS B 239 8.99 -0.36 9.61
C CYS B 239 9.35 -1.42 8.55
N PRO B 240 9.38 -1.02 7.27
CA PRO B 240 9.70 -1.91 6.14
C PRO B 240 10.94 -2.77 6.40
N ALA B 241 10.96 -3.97 5.83
CA ALA B 241 12.09 -4.88 6.03
C ALA B 241 13.08 -4.85 4.87
N PRO B 242 14.37 -5.04 5.18
CA PRO B 242 15.45 -5.04 4.19
C PRO B 242 15.41 -6.18 3.17
N GLU B 243 16.18 -6.01 2.10
CA GLU B 243 16.25 -6.97 1.00
C GLU B 243 17.34 -8.01 1.26
N LEU B 244 17.58 -8.87 0.28
CA LEU B 244 18.59 -9.92 0.39
C LEU B 244 18.84 -10.55 -0.98
N LEU B 245 19.66 -9.90 -1.78
CA LEU B 245 19.97 -10.40 -3.13
C LEU B 245 20.91 -11.62 -3.04
N GLY B 246 21.13 -12.10 -1.82
CA GLY B 246 21.98 -13.25 -1.64
C GLY B 246 23.40 -13.01 -2.14
N GLY B 247 24.14 -12.20 -1.40
CA GLY B 247 25.52 -11.91 -1.76
C GLY B 247 26.36 -11.79 -0.52
N PRO B 248 27.14 -10.72 -0.39
CA PRO B 248 27.94 -10.58 0.82
C PRO B 248 27.03 -10.49 2.04
N SER B 249 27.61 -10.75 3.22
CA SER B 249 26.92 -10.66 4.50
C SER B 249 27.91 -10.16 5.53
N VAL B 250 27.47 -9.19 6.33
CA VAL B 250 28.32 -8.61 7.36
C VAL B 250 27.98 -9.04 8.79
N PHE B 251 29.02 -9.23 9.59
CA PHE B 251 28.89 -9.61 10.99
C PHE B 251 29.86 -8.78 11.82
N LEU B 252 29.30 -7.90 12.65
CA LEU B 252 30.12 -7.04 13.51
C LEU B 252 30.25 -7.60 14.93
N PHE B 253 31.48 -7.92 15.32
CA PHE B 253 31.78 -8.49 16.65
C PHE B 253 32.38 -7.50 17.65
N PRO B 254 32.02 -7.66 18.92
CA PRO B 254 32.48 -6.82 20.03
C PRO B 254 33.87 -7.23 20.50
N PRO B 255 34.51 -6.37 21.31
CA PRO B 255 35.85 -6.64 21.83
C PRO B 255 35.89 -7.80 22.83
N LYS B 256 37.05 -8.44 22.95
CA LYS B 256 37.22 -9.49 23.93
C LYS B 256 37.11 -8.74 25.28
N PRO B 257 36.22 -9.20 26.19
CA PRO B 257 36.04 -8.56 27.50
C PRO B 257 37.35 -8.31 28.23
N LYS B 258 38.26 -9.28 28.20
CA LYS B 258 39.53 -9.10 28.88
C LYS B 258 40.26 -7.89 28.33
N ASP B 259 40.23 -7.72 27.00
CA ASP B 259 40.91 -6.58 26.35
C ASP B 259 40.39 -5.24 26.81
N THR B 260 39.09 -5.17 27.06
CA THR B 260 38.46 -3.94 27.48
C THR B 260 38.76 -3.55 28.91
N LEU B 261 39.24 -4.49 29.72
CA LEU B 261 39.53 -4.17 31.12
C LEU B 261 41.00 -4.05 31.53
N MET B 262 41.94 -4.44 30.68
CA MET B 262 43.36 -4.29 31.04
C MET B 262 44.06 -3.22 30.20
N ILE B 263 44.87 -2.41 30.86
CA ILE B 263 45.58 -1.34 30.18
C ILE B 263 46.62 -1.88 29.21
N SER B 264 47.11 -3.08 29.45
CA SER B 264 48.13 -3.66 28.59
C SER B 264 47.56 -4.38 27.35
N ARG B 265 46.25 -4.37 27.17
CA ARG B 265 45.63 -5.03 26.01
C ARG B 265 44.96 -3.97 25.14
N THR B 266 44.69 -4.28 23.88
CA THR B 266 44.07 -3.31 22.98
C THR B 266 42.82 -3.88 22.39
N PRO B 267 41.67 -3.41 22.87
CA PRO B 267 40.37 -3.88 22.40
C PRO B 267 40.04 -3.41 20.98
N GLU B 268 39.32 -4.26 20.24
CA GLU B 268 38.94 -3.97 18.86
C GLU B 268 37.61 -4.60 18.47
N VAL B 269 36.84 -3.85 17.70
CA VAL B 269 35.57 -4.34 17.19
C VAL B 269 35.93 -4.90 15.81
N THR B 270 35.37 -6.05 15.45
CA THR B 270 35.69 -6.68 14.17
C THR B 270 34.52 -6.80 13.22
N CYS B 271 34.74 -6.38 11.97
CA CYS B 271 33.73 -6.43 10.92
C CYS B 271 34.10 -7.49 9.91
N VAL B 272 33.31 -8.54 9.85
CA VAL B 272 33.59 -9.63 8.94
C VAL B 272 32.58 -9.76 7.79
N VAL B 273 33.10 -9.76 6.56
CA VAL B 273 32.25 -9.92 5.38
C VAL B 273 32.47 -11.32 4.79
N VAL B 274 31.39 -12.10 4.70
CA VAL B 274 31.48 -13.44 4.15
C VAL B 274 30.78 -13.51 2.79
N ASP B 275 31.01 -14.60 2.06
CA ASP B 275 30.42 -14.80 0.75
C ASP B 275 30.69 -13.61 -0.16
N VAL B 276 31.98 -13.37 -0.41
CA VAL B 276 32.44 -12.31 -1.28
C VAL B 276 32.87 -13.02 -2.54
N SER B 277 32.08 -12.86 -3.60
CA SER B 277 32.30 -13.49 -4.90
C SER B 277 33.71 -13.34 -5.49
N HIS B 278 34.14 -14.38 -6.20
CA HIS B 278 35.44 -14.38 -6.87
C HIS B 278 35.36 -13.38 -8.01
N GLU B 279 34.14 -13.17 -8.50
CA GLU B 279 33.85 -12.23 -9.58
C GLU B 279 34.24 -10.82 -9.14
N ASP B 280 33.78 -10.42 -7.96
CA ASP B 280 34.07 -9.10 -7.40
C ASP B 280 34.51 -9.21 -5.94
N PRO B 281 35.80 -9.43 -5.70
CA PRO B 281 36.34 -9.57 -4.34
C PRO B 281 36.66 -8.25 -3.64
N GLU B 282 36.76 -7.17 -4.39
CA GLU B 282 37.09 -5.87 -3.81
C GLU B 282 35.98 -5.45 -2.87
N VAL B 283 36.35 -5.08 -1.64
CA VAL B 283 35.38 -4.64 -0.65
C VAL B 283 35.85 -3.34 -0.01
N LYS B 284 34.92 -2.41 0.18
CA LYS B 284 35.24 -1.10 0.79
C LYS B 284 34.63 -0.97 2.17
N PHE B 285 35.46 -0.60 3.15
CA PHE B 285 35.02 -0.45 4.54
C PHE B 285 34.93 1.00 5.03
N ASN B 286 33.84 1.33 5.71
CA ASN B 286 33.64 2.66 6.28
C ASN B 286 33.16 2.53 7.72
N TRP B 287 33.98 3.00 8.66
CA TRP B 287 33.64 2.93 10.09
C TRP B 287 33.18 4.26 10.65
N TYR B 288 32.31 4.20 11.65
CA TYR B 288 31.79 5.42 12.28
C TYR B 288 31.61 5.28 13.79
N VAL B 289 32.23 6.18 14.54
CA VAL B 289 32.11 6.17 16.00
C VAL B 289 31.10 7.25 16.36
N ASP B 290 29.90 6.82 16.68
CA ASP B 290 28.82 7.72 17.03
C ASP B 290 28.46 8.65 15.88
N GLY B 291 28.75 8.22 14.65
CA GLY B 291 28.42 9.05 13.51
C GLY B 291 29.65 9.58 12.80
N VAL B 292 30.67 9.95 13.56
CA VAL B 292 31.89 10.48 12.95
C VAL B 292 32.69 9.36 12.32
N GLU B 293 33.16 9.59 11.10
CA GLU B 293 33.94 8.59 10.38
C GLU B 293 35.33 8.54 10.98
N VAL B 294 35.93 7.35 10.94
CA VAL B 294 37.27 7.13 11.48
C VAL B 294 38.10 6.41 10.43
N HIS B 295 39.40 6.66 10.41
CA HIS B 295 40.27 6.07 9.40
C HIS B 295 41.39 5.20 9.95
N ASN B 296 41.28 4.75 11.19
CA ASN B 296 42.34 3.93 11.76
C ASN B 296 42.13 2.44 11.53
N ALA B 297 40.96 2.04 11.03
CA ALA B 297 40.70 0.63 10.77
C ALA B 297 41.74 -0.01 9.87
N LYS B 298 41.81 -1.34 9.89
CA LYS B 298 42.77 -2.01 9.06
C LYS B 298 42.16 -3.29 8.50
N THR B 299 42.29 -3.50 7.20
CA THR B 299 41.74 -4.70 6.61
C THR B 299 42.83 -5.74 6.43
N LYS B 300 42.44 -7.00 6.55
CA LYS B 300 43.38 -8.12 6.42
C LYS B 300 43.32 -8.70 5.03
N PRO B 301 44.34 -9.45 4.62
CA PRO B 301 44.28 -10.03 3.29
C PRO B 301 43.08 -10.97 3.24
N ARG B 302 42.37 -10.96 2.12
CA ARG B 302 41.21 -11.81 1.93
C ARG B 302 41.62 -13.27 2.13
N GLU B 303 40.65 -14.12 2.48
CA GLU B 303 40.91 -15.53 2.72
C GLU B 303 40.02 -16.37 1.84
N GLU B 304 40.60 -17.36 1.18
CA GLU B 304 39.82 -18.23 0.32
C GLU B 304 39.02 -19.25 1.14
N GLN B 305 37.70 -19.20 1.02
CA GLN B 305 36.86 -20.14 1.73
C GLN B 305 36.74 -21.46 0.97
N TYR B 306 36.54 -22.55 1.71
CA TYR B 306 36.43 -23.85 1.09
C TYR B 306 35.31 -23.94 0.06
N ASN B 307 34.25 -23.16 0.24
CA ASN B 307 33.15 -23.17 -0.70
C ASN B 307 33.22 -22.07 -1.73
N SER B 308 34.40 -21.92 -2.30
CA SER B 308 34.65 -20.96 -3.38
C SER B 308 34.23 -19.50 -3.19
N THR B 309 34.26 -18.99 -1.97
CA THR B 309 33.94 -17.58 -1.73
C THR B 309 35.04 -16.94 -0.91
N TYR B 310 34.95 -15.63 -0.74
CA TYR B 310 35.95 -14.91 0.03
C TYR B 310 35.42 -14.42 1.37
N ARG B 311 36.36 -14.23 2.31
CA ARG B 311 36.07 -13.72 3.64
C ARG B 311 37.00 -12.53 3.82
N VAL B 312 36.43 -11.36 4.07
CA VAL B 312 37.23 -10.15 4.24
C VAL B 312 36.95 -9.59 5.62
N VAL B 313 38.02 -9.32 6.36
CA VAL B 313 37.89 -8.81 7.72
C VAL B 313 38.57 -7.47 7.95
N SER B 314 37.81 -6.56 8.55
CA SER B 314 38.30 -5.23 8.91
C SER B 314 38.34 -5.07 10.44
N VAL B 315 39.48 -4.65 10.96
CA VAL B 315 39.64 -4.51 12.40
C VAL B 315 39.84 -3.07 12.86
N LEU B 316 38.94 -2.61 13.72
CA LEU B 316 39.01 -1.25 14.24
C LEU B 316 39.33 -1.23 15.73
N THR B 317 40.54 -0.81 16.10
CA THR B 317 40.86 -0.76 17.51
C THR B 317 39.98 0.31 18.13
N VAL B 318 39.69 0.17 19.42
CA VAL B 318 38.84 1.11 20.11
C VAL B 318 39.47 1.52 21.42
N LEU B 319 39.01 2.64 21.96
CA LEU B 319 39.53 3.10 23.24
C LEU B 319 38.72 2.44 24.34
N HIS B 320 39.42 1.87 25.34
CA HIS B 320 38.75 1.22 26.48
C HIS B 320 37.57 2.03 26.99
N GLN B 321 37.80 3.30 27.27
CA GLN B 321 36.74 4.16 27.76
C GLN B 321 35.61 4.42 26.75
N ASP B 322 35.97 4.55 25.48
CA ASP B 322 34.96 4.78 24.44
C ASP B 322 33.97 3.66 24.50
N TRP B 323 34.51 2.45 24.51
CA TRP B 323 33.67 1.27 24.53
C TRP B 323 32.82 1.08 25.79
N LEU B 324 33.44 1.26 26.95
CA LEU B 324 32.70 1.12 28.20
C LEU B 324 31.68 2.21 28.42
N ASN B 325 31.89 3.38 27.80
CA ASN B 325 30.95 4.49 27.93
C ASN B 325 29.76 4.37 27.00
N GLY B 326 29.73 3.28 26.23
CA GLY B 326 28.62 3.03 25.32
C GLY B 326 28.62 3.62 23.93
N LYS B 327 29.79 4.01 23.41
CA LYS B 327 29.83 4.57 22.06
C LYS B 327 29.45 3.55 21.00
N GLU B 328 28.63 3.95 20.03
CA GLU B 328 28.20 3.03 18.98
C GLU B 328 29.24 2.93 17.87
N TYR B 329 29.50 1.72 17.40
CA TYR B 329 30.46 1.51 16.34
C TYR B 329 29.73 0.98 15.10
N LYS B 330 29.77 1.76 14.03
CA LYS B 330 29.11 1.41 12.78
C LYS B 330 30.10 1.01 11.71
N CYS B 331 29.85 -0.15 11.12
CA CYS B 331 30.67 -0.68 10.03
C CYS B 331 29.82 -0.64 8.76
N LYS B 332 30.34 0.03 7.73
CA LYS B 332 29.65 0.15 6.45
C LYS B 332 30.41 -0.64 5.37
N VAL B 333 29.79 -1.72 4.89
CA VAL B 333 30.40 -2.57 3.88
C VAL B 333 29.85 -2.33 2.46
N SER B 334 30.77 -2.20 1.50
CA SER B 334 30.40 -1.95 0.11
C SER B 334 31.06 -2.93 -0.86
N ASN B 335 30.26 -3.43 -1.80
CA ASN B 335 30.73 -4.37 -2.82
C ASN B 335 29.93 -4.15 -4.10
N LYS B 336 30.58 -4.32 -5.26
CA LYS B 336 29.91 -4.15 -6.56
C LYS B 336 28.64 -4.98 -6.66
N ALA B 337 28.67 -6.18 -6.09
CA ALA B 337 27.50 -7.06 -6.11
C ALA B 337 26.42 -6.63 -5.15
N LEU B 338 26.70 -5.66 -4.29
CA LEU B 338 25.72 -5.19 -3.33
C LEU B 338 24.89 -4.03 -3.87
N PRO B 339 23.56 -4.22 -3.96
CA PRO B 339 22.70 -3.15 -4.49
C PRO B 339 23.04 -1.88 -3.72
N ALA B 340 22.92 -1.98 -2.40
CA ALA B 340 23.22 -0.87 -1.49
C ALA B 340 24.17 -1.43 -0.44
N PRO B 341 25.13 -0.61 0.01
CA PRO B 341 26.10 -1.06 1.02
C PRO B 341 25.38 -1.48 2.29
N ILE B 342 25.95 -2.47 2.98
CA ILE B 342 25.36 -2.97 4.23
C ILE B 342 26.01 -2.28 5.43
N GLU B 343 25.16 -1.91 6.40
CA GLU B 343 25.59 -1.24 7.64
C GLU B 343 25.26 -2.04 8.89
N LYS B 344 26.24 -2.13 9.79
CA LYS B 344 26.05 -2.86 11.04
C LYS B 344 26.65 -2.03 12.17
N THR B 345 25.92 -1.96 13.27
CA THR B 345 26.37 -1.19 14.43
C THR B 345 26.31 -2.03 15.74
N ILE B 346 27.25 -1.77 16.64
CA ILE B 346 27.26 -2.47 17.92
C ILE B 346 27.77 -1.55 19.02
N SER B 347 27.45 -1.91 20.27
CA SER B 347 27.88 -1.17 21.44
C SER B 347 27.70 -2.06 22.66
N LYS B 348 28.36 -1.73 23.75
CA LYS B 348 28.23 -2.52 24.97
C LYS B 348 26.76 -2.48 25.42
N ALA B 349 26.27 -3.58 26.01
CA ALA B 349 24.88 -3.60 26.45
C ALA B 349 24.55 -2.48 27.42
N LYS B 350 23.32 -1.99 27.34
CA LYS B 350 22.84 -0.94 28.23
C LYS B 350 22.12 -1.57 29.42
N GLY B 351 22.05 -0.86 30.53
CA GLY B 351 21.40 -1.40 31.72
C GLY B 351 22.28 -1.24 32.93
N GLN B 352 21.65 -1.07 34.10
CA GLN B 352 22.39 -0.93 35.36
C GLN B 352 23.51 -1.96 35.52
N PRO B 353 24.74 -1.48 35.69
CA PRO B 353 25.81 -2.46 35.87
C PRO B 353 25.52 -3.16 37.20
N ARG B 354 25.83 -4.44 37.31
CA ARG B 354 25.61 -5.15 38.56
C ARG B 354 26.89 -5.89 38.89
N GLU B 355 27.42 -5.68 40.08
CA GLU B 355 28.66 -6.33 40.48
C GLU B 355 28.47 -7.79 40.81
N PRO B 356 29.37 -8.64 40.28
CA PRO B 356 29.38 -10.09 40.49
C PRO B 356 29.84 -10.57 41.86
N GLN B 357 29.27 -11.69 42.27
CA GLN B 357 29.63 -12.36 43.49
C GLN B 357 30.49 -13.52 43.01
N VAL B 358 31.59 -13.77 43.72
CA VAL B 358 32.49 -14.84 43.37
C VAL B 358 32.53 -15.82 44.52
N TYR B 359 32.28 -17.08 44.21
CA TYR B 359 32.31 -18.14 45.21
C TYR B 359 33.11 -19.35 44.73
N THR B 360 34.12 -19.76 45.50
CA THR B 360 34.89 -20.95 45.12
C THR B 360 34.31 -22.18 45.84
N LEU B 361 34.21 -23.30 45.15
CA LEU B 361 33.66 -24.52 45.71
C LEU B 361 34.67 -25.65 45.55
N PRO B 362 34.99 -26.38 46.63
CA PRO B 362 35.96 -27.48 46.52
C PRO B 362 35.32 -28.68 45.83
N PRO B 363 36.14 -29.70 45.54
CA PRO B 363 35.72 -30.94 44.89
C PRO B 363 34.65 -31.65 45.70
N SER B 364 33.76 -32.35 45.02
CA SER B 364 32.74 -33.10 45.73
C SER B 364 33.51 -34.29 46.35
N ARG B 365 33.13 -34.71 47.56
CA ARG B 365 33.80 -35.83 48.24
C ARG B 365 33.89 -37.06 47.36
N ASP B 366 32.85 -37.32 46.59
CA ASP B 366 32.82 -38.47 45.69
C ASP B 366 33.88 -38.38 44.61
N GLU B 367 34.15 -37.18 44.12
CA GLU B 367 35.13 -37.03 43.05
C GLU B 367 36.53 -37.30 43.56
N LEU B 368 36.73 -37.17 44.86
CA LEU B 368 38.03 -37.39 45.47
C LEU B 368 38.58 -38.78 45.30
N THR B 369 37.81 -39.68 44.68
CA THR B 369 38.29 -41.04 44.49
C THR B 369 39.06 -41.11 43.18
N LYS B 370 38.84 -40.13 42.32
CA LYS B 370 39.49 -40.07 41.02
C LYS B 370 40.89 -39.46 41.09
N ASN B 371 41.63 -39.54 40.00
CA ASN B 371 43.00 -39.02 39.96
C ASN B 371 43.06 -37.52 39.74
N GLN B 372 42.02 -36.99 39.11
CA GLN B 372 41.92 -35.57 38.84
C GLN B 372 40.63 -35.10 39.48
N VAL B 373 40.68 -33.96 40.16
CA VAL B 373 39.50 -33.40 40.81
C VAL B 373 39.13 -32.06 40.15
N SER B 374 37.93 -31.58 40.43
CA SER B 374 37.43 -30.32 39.88
C SER B 374 37.29 -29.18 40.89
N LEU B 375 38.03 -28.10 40.69
CA LEU B 375 37.89 -26.92 41.55
C LEU B 375 36.85 -26.03 40.83
N THR B 376 35.87 -25.52 41.57
CA THR B 376 34.82 -24.74 40.95
C THR B 376 34.67 -23.29 41.39
N CYS B 377 34.48 -22.40 40.41
CA CYS B 377 34.28 -20.99 40.72
C CYS B 377 32.92 -20.55 40.25
N LEU B 378 32.04 -20.23 41.18
CA LEU B 378 30.72 -19.77 40.79
C LEU B 378 30.79 -18.24 40.73
N VAL B 379 30.31 -17.65 39.64
CA VAL B 379 30.30 -16.20 39.52
C VAL B 379 28.88 -15.80 39.18
N LYS B 380 28.24 -14.99 40.02
CA LYS B 380 26.86 -14.65 39.72
C LYS B 380 26.45 -13.24 40.07
N GLY B 381 25.26 -12.86 39.58
CA GLY B 381 24.72 -11.53 39.83
C GLY B 381 25.29 -10.36 39.03
N PHE B 382 26.04 -10.65 37.97
CA PHE B 382 26.63 -9.58 37.17
C PHE B 382 25.92 -9.14 35.87
N TYR B 383 26.21 -7.90 35.47
CA TYR B 383 25.70 -7.28 34.27
C TYR B 383 26.60 -6.09 33.96
N PRO B 384 26.97 -5.91 32.69
CA PRO B 384 26.63 -6.73 31.51
C PRO B 384 27.19 -8.12 31.66
N SER B 385 27.02 -8.94 30.63
CA SER B 385 27.50 -10.31 30.64
C SER B 385 28.97 -10.38 30.30
N ASP B 386 29.56 -9.26 29.87
CA ASP B 386 30.97 -9.24 29.52
C ASP B 386 31.75 -9.46 30.79
N ILE B 387 32.66 -10.44 30.80
CA ILE B 387 33.41 -10.74 32.02
C ILE B 387 34.59 -11.60 31.62
N ALA B 388 35.58 -11.69 32.49
CA ALA B 388 36.73 -12.53 32.20
C ALA B 388 37.07 -13.28 33.50
N VAL B 389 37.21 -14.60 33.43
CA VAL B 389 37.49 -15.43 34.61
C VAL B 389 38.79 -16.22 34.40
N GLU B 390 39.67 -16.23 35.39
CA GLU B 390 40.92 -16.97 35.26
C GLU B 390 41.26 -17.67 36.55
N TRP B 391 42.19 -18.61 36.49
CA TRP B 391 42.62 -19.33 37.68
C TRP B 391 44.12 -19.18 37.73
N GLU B 392 44.66 -19.04 38.94
CA GLU B 392 46.10 -18.92 39.10
C GLU B 392 46.51 -19.53 40.42
N SER B 393 47.82 -19.62 40.64
CA SER B 393 48.34 -20.18 41.86
C SER B 393 49.83 -19.90 41.98
N ASN B 394 50.26 -19.47 43.16
CA ASN B 394 51.66 -19.15 43.40
C ASN B 394 52.07 -18.04 42.46
N GLY B 395 51.10 -17.17 42.16
CA GLY B 395 51.31 -16.03 41.29
C GLY B 395 51.43 -16.38 39.82
N GLN B 396 51.18 -17.63 39.47
CA GLN B 396 51.28 -18.09 38.11
C GLN B 396 49.96 -18.55 37.53
N PRO B 397 49.74 -18.32 36.23
CA PRO B 397 48.50 -18.74 35.57
C PRO B 397 48.37 -20.25 35.35
N GLU B 398 47.26 -20.82 35.80
CA GLU B 398 46.99 -22.23 35.60
C GLU B 398 46.69 -22.46 34.11
N ASN B 399 46.58 -23.73 33.71
CA ASN B 399 46.32 -24.06 32.32
C ASN B 399 45.02 -24.75 32.05
N ASN B 400 44.77 -25.78 32.82
CA ASN B 400 43.64 -26.64 32.60
C ASN B 400 42.27 -26.27 33.08
N TYR B 401 41.62 -25.28 32.48
CA TYR B 401 40.26 -24.94 32.92
C TYR B 401 39.36 -24.47 31.80
N LYS B 402 38.06 -24.67 31.95
CA LYS B 402 37.06 -24.24 30.95
C LYS B 402 36.00 -23.46 31.72
N THR B 403 35.46 -22.41 31.12
CA THR B 403 34.47 -21.63 31.81
C THR B 403 33.23 -21.69 30.98
N THR B 404 32.08 -21.88 31.59
CA THR B 404 30.85 -21.93 30.80
C THR B 404 30.58 -20.52 30.33
N PRO B 405 29.69 -20.36 29.36
CA PRO B 405 29.39 -19.01 28.87
C PRO B 405 28.47 -18.34 29.90
N PRO B 406 28.30 -17.02 29.79
CA PRO B 406 27.41 -16.37 30.75
C PRO B 406 26.01 -16.95 30.55
N VAL B 407 25.22 -17.04 31.61
CA VAL B 407 23.87 -17.58 31.54
C VAL B 407 22.92 -16.66 32.29
N LEU B 408 21.79 -16.39 31.66
CA LEU B 408 20.79 -15.49 32.21
C LEU B 408 20.05 -16.07 33.41
N ASP B 409 20.12 -15.36 34.54
CA ASP B 409 19.47 -15.83 35.76
C ASP B 409 18.08 -15.21 35.92
N SER B 410 17.33 -15.72 36.88
CA SER B 410 15.97 -15.27 37.13
C SER B 410 15.71 -13.78 37.34
N ASP B 411 16.71 -13.05 37.80
CA ASP B 411 16.53 -11.64 38.09
C ASP B 411 17.09 -10.73 37.01
N GLY B 412 17.52 -11.32 35.90
CA GLY B 412 18.06 -10.53 34.80
C GLY B 412 19.56 -10.43 34.71
N SER B 413 20.27 -10.85 35.75
CA SER B 413 21.73 -10.78 35.70
C SER B 413 22.21 -12.14 35.18
N PHE B 414 23.52 -12.26 35.04
CA PHE B 414 24.11 -13.51 34.57
C PHE B 414 24.97 -14.21 35.63
N PHE B 415 25.19 -15.51 35.41
CA PHE B 415 26.06 -16.30 36.27
C PHE B 415 26.80 -17.24 35.34
N LEU B 416 27.87 -17.82 35.84
CA LEU B 416 28.60 -18.78 35.06
C LEU B 416 29.45 -19.55 36.03
N TYR B 417 29.98 -20.67 35.58
CA TYR B 417 30.83 -21.48 36.42
C TYR B 417 32.10 -21.68 35.63
N SER B 418 33.23 -21.75 36.33
CA SER B 418 34.48 -22.03 35.68
C SER B 418 34.98 -23.29 36.38
N LYS B 419 35.54 -24.24 35.64
CA LYS B 419 36.02 -25.46 36.26
C LYS B 419 37.50 -25.67 36.00
N LEU B 420 38.27 -25.78 37.09
CA LEU B 420 39.70 -25.97 37.01
C LEU B 420 39.94 -27.43 37.32
N THR B 421 40.81 -28.07 36.55
CA THR B 421 41.11 -29.47 36.78
C THR B 421 42.55 -29.63 37.19
N VAL B 422 42.76 -30.37 38.27
CA VAL B 422 44.11 -30.59 38.77
C VAL B 422 44.30 -31.99 39.33
N ASP B 423 45.53 -32.45 39.39
CA ASP B 423 45.76 -33.78 39.95
C ASP B 423 45.34 -33.79 41.42
N LYS B 424 44.64 -34.85 41.83
CA LYS B 424 44.24 -34.98 43.23
C LYS B 424 45.44 -34.68 44.13
N SER B 425 46.64 -34.95 43.63
CA SER B 425 47.88 -34.71 44.35
C SER B 425 47.97 -33.28 44.83
N ARG B 426 47.99 -32.35 43.88
CA ARG B 426 48.09 -30.93 44.20
C ARG B 426 47.03 -30.47 45.18
N TRP B 427 45.81 -30.97 45.03
CA TRP B 427 44.76 -30.58 45.96
C TRP B 427 45.15 -31.05 47.36
N GLN B 428 45.42 -32.34 47.48
CA GLN B 428 45.81 -32.98 48.75
C GLN B 428 46.99 -32.28 49.42
N GLN B 429 47.97 -31.87 48.62
CA GLN B 429 49.14 -31.18 49.17
C GLN B 429 48.84 -29.80 49.81
N GLY B 430 47.59 -29.33 49.76
CA GLY B 430 47.23 -28.05 50.35
C GLY B 430 47.56 -26.78 49.58
N ASN B 431 47.85 -26.93 48.29
CA ASN B 431 48.17 -25.80 47.44
C ASN B 431 46.98 -24.85 47.33
N VAL B 432 47.26 -23.56 47.28
CA VAL B 432 46.19 -22.56 47.17
C VAL B 432 45.95 -22.10 45.75
N PHE B 433 44.68 -22.09 45.35
CA PHE B 433 44.30 -21.68 44.01
C PHE B 433 43.43 -20.46 44.11
N SER B 434 43.41 -19.64 43.07
CA SER B 434 42.55 -18.46 43.11
C SER B 434 41.78 -18.33 41.85
N CYS B 435 40.57 -17.83 41.99
CA CYS B 435 39.68 -17.59 40.88
C CYS B 435 39.69 -16.10 40.68
N SER B 436 40.20 -15.64 39.54
CA SER B 436 40.26 -14.22 39.25
C SER B 436 39.07 -13.79 38.39
N VAL B 437 38.49 -12.65 38.71
CA VAL B 437 37.39 -12.15 37.91
C VAL B 437 37.61 -10.67 37.60
N MET B 438 37.37 -10.29 36.33
CA MET B 438 37.47 -8.92 35.82
C MET B 438 36.14 -8.55 35.22
N HIS B 439 35.51 -7.54 35.80
CA HIS B 439 34.21 -7.05 35.35
C HIS B 439 34.22 -5.56 35.64
N GLU B 440 33.56 -4.79 34.78
CA GLU B 440 33.49 -3.34 34.95
C GLU B 440 32.86 -2.91 36.28
N ALA B 441 31.80 -3.59 36.69
CA ALA B 441 31.11 -3.24 37.92
C ALA B 441 31.83 -3.60 39.23
N LEU B 442 32.99 -4.25 39.16
CA LEU B 442 33.71 -4.61 40.40
C LEU B 442 34.51 -3.41 40.84
N HIS B 443 34.73 -3.30 42.15
CA HIS B 443 35.53 -2.20 42.66
C HIS B 443 36.91 -2.40 42.04
N ASN B 444 37.41 -1.43 41.29
CA ASN B 444 38.72 -1.54 40.65
C ASN B 444 38.71 -2.59 39.56
N HIS B 445 37.52 -3.01 39.16
CA HIS B 445 37.36 -3.98 38.08
C HIS B 445 38.00 -5.36 38.28
N TYR B 446 38.45 -5.66 39.48
CA TYR B 446 39.11 -6.92 39.71
C TYR B 446 38.86 -7.44 41.11
N THR B 447 38.65 -8.75 41.22
CA THR B 447 38.47 -9.39 42.52
C THR B 447 38.94 -10.84 42.45
N GLN B 448 39.31 -11.42 43.58
CA GLN B 448 39.78 -12.81 43.62
C GLN B 448 39.19 -13.51 44.80
N LYS B 449 39.14 -14.83 44.69
CA LYS B 449 38.65 -15.67 45.78
C LYS B 449 39.56 -16.89 45.81
N SER B 450 40.19 -17.16 46.95
CA SER B 450 41.05 -18.33 47.10
C SER B 450 40.28 -19.60 47.37
N LEU B 451 40.97 -20.73 47.23
CA LEU B 451 40.40 -22.07 47.40
C LEU B 451 41.54 -23.03 47.69
N SER B 452 41.38 -23.85 48.74
CA SER B 452 42.39 -24.84 49.15
C SER B 452 41.79 -25.87 50.11
N LEU B 453 42.55 -26.93 50.37
CA LEU B 453 42.12 -28.01 51.24
C LEU B 453 42.05 -27.60 52.70
N SER B 454 41.41 -28.44 53.51
CA SER B 454 41.25 -28.21 54.94
C SER B 454 40.18 -27.17 55.23
N GLU C 1 -65.77 43.13 0.28
CA GLU C 1 -66.22 41.86 0.90
C GLU C 1 -65.89 41.86 2.38
N ILE C 2 -66.38 40.84 3.07
CA ILE C 2 -66.15 40.68 4.50
C ILE C 2 -64.78 40.07 4.69
N VAL C 3 -63.99 40.65 5.59
CA VAL C 3 -62.67 40.12 5.88
C VAL C 3 -62.64 39.71 7.35
N LEU C 4 -62.28 38.47 7.61
CA LEU C 4 -62.22 37.99 8.99
C LEU C 4 -60.78 37.88 9.47
N THR C 5 -60.47 38.58 10.54
CA THR C 5 -59.14 38.56 11.12
C THR C 5 -59.14 37.91 12.49
N GLN C 6 -58.58 36.71 12.56
CA GLN C 6 -58.53 36.00 13.83
C GLN C 6 -57.39 36.39 14.79
N SER C 7 -57.67 36.28 16.08
CA SER C 7 -56.70 36.63 17.11
C SER C 7 -56.90 35.74 18.31
N PRO C 8 -55.81 35.29 18.95
CA PRO C 8 -54.43 35.60 18.56
C PRO C 8 -53.93 34.59 17.54
N GLY C 9 -52.79 34.91 16.93
CA GLY C 9 -52.21 33.99 15.95
C GLY C 9 -52.10 32.60 16.55
N THR C 10 -51.38 32.51 17.67
CA THR C 10 -51.21 31.24 18.38
C THR C 10 -51.63 31.43 19.84
N LEU C 11 -52.41 30.48 20.34
CA LEU C 11 -52.90 30.51 21.72
C LEU C 11 -52.35 29.28 22.39
N SER C 12 -51.40 29.48 23.29
CA SER C 12 -50.78 28.37 23.99
C SER C 12 -51.10 28.39 25.48
N LEU C 13 -51.76 27.33 25.95
CA LEU C 13 -52.13 27.20 27.36
C LEU C 13 -52.00 25.76 27.81
N SER C 14 -51.96 25.56 29.13
CA SER C 14 -51.84 24.22 29.68
C SER C 14 -53.23 23.65 29.91
N PRO C 15 -53.37 22.33 29.83
CA PRO C 15 -54.67 21.69 30.02
C PRO C 15 -55.34 22.21 31.29
N GLY C 16 -56.63 22.48 31.20
CA GLY C 16 -57.36 22.99 32.36
C GLY C 16 -57.53 24.49 32.35
N GLU C 17 -56.76 25.19 31.52
CA GLU C 17 -56.86 26.63 31.43
C GLU C 17 -58.02 27.04 30.53
N ARG C 18 -58.42 28.30 30.67
CA ARG C 18 -59.52 28.88 29.91
C ARG C 18 -59.03 29.48 28.60
N ALA C 19 -59.63 29.06 27.49
CA ALA C 19 -59.23 29.55 26.19
C ALA C 19 -60.30 30.42 25.53
N THR C 20 -59.89 31.58 25.02
CA THR C 20 -60.81 32.49 24.34
C THR C 20 -60.22 32.92 23.00
N PHE C 21 -60.94 32.62 21.92
CA PHE C 21 -60.54 32.95 20.56
C PHE C 21 -61.29 34.20 20.07
N SER C 22 -60.56 35.11 19.41
CA SER C 22 -61.15 36.34 18.86
C SER C 22 -61.21 36.27 17.35
N CYS C 23 -62.29 36.81 16.79
CA CYS C 23 -62.50 36.83 15.35
C CYS C 23 -63.22 38.12 15.00
N ARG C 24 -62.47 39.06 14.44
CA ARG C 24 -63.01 40.37 14.05
C ARG C 24 -63.24 40.46 12.54
N SER C 25 -64.37 41.05 12.14
CA SER C 25 -64.65 41.19 10.71
C SER C 25 -64.74 42.65 10.33
N SER C 26 -64.35 42.93 9.10
CA SER C 26 -64.37 44.28 8.55
C SER C 26 -65.80 44.81 8.46
N HIS C 27 -66.76 43.91 8.42
CA HIS C 27 -68.17 44.32 8.36
C HIS C 27 -68.91 43.79 9.56
N SER C 28 -70.01 44.43 9.92
CA SER C 28 -70.82 43.91 11.03
C SER C 28 -71.53 42.70 10.44
N ILE C 29 -71.85 41.72 11.28
CA ILE C 29 -72.55 40.52 10.82
C ILE C 29 -73.84 40.47 11.61
N ARG C 30 -74.85 41.21 11.11
CA ARG C 30 -76.13 41.27 11.78
C ARG C 30 -76.94 40.01 11.56
N SER C 31 -76.58 39.28 10.52
CA SER C 31 -77.27 38.03 10.24
C SER C 31 -76.92 37.01 11.33
N ARG C 32 -75.85 37.28 12.09
CA ARG C 32 -75.41 36.37 13.15
C ARG C 32 -75.06 35.03 12.53
N ARG C 33 -74.73 35.05 11.25
CA ARG C 33 -74.33 33.83 10.56
C ARG C 33 -72.83 33.63 10.69
N VAL C 34 -72.40 33.38 11.92
CA VAL C 34 -70.99 33.16 12.23
C VAL C 34 -70.85 31.72 12.73
N ALA C 35 -69.82 31.02 12.26
CA ALA C 35 -69.58 29.63 12.65
C ALA C 35 -68.12 29.39 13.02
N TRP C 36 -67.87 28.44 13.92
CA TRP C 36 -66.52 28.10 14.35
C TRP C 36 -66.21 26.65 14.01
N TYR C 37 -65.00 26.40 13.51
CA TYR C 37 -64.60 25.05 13.13
C TYR C 37 -63.28 24.61 13.76
N GLN C 38 -63.15 23.31 13.98
CA GLN C 38 -61.93 22.75 14.55
C GLN C 38 -61.30 21.89 13.46
N HIS C 39 -59.98 21.98 13.31
CA HIS C 39 -59.32 21.18 12.29
C HIS C 39 -58.03 20.57 12.81
N LYS C 40 -57.87 19.27 12.57
CA LYS C 40 -56.69 18.54 13.00
C LYS C 40 -56.01 17.97 11.75
N PRO C 41 -54.67 18.10 11.67
CA PRO C 41 -53.90 17.60 10.54
C PRO C 41 -54.34 16.22 10.07
N GLY C 42 -54.74 16.14 8.80
CA GLY C 42 -55.17 14.87 8.24
C GLY C 42 -56.65 14.53 8.41
N GLN C 43 -57.28 15.07 9.45
CA GLN C 43 -58.68 14.80 9.69
C GLN C 43 -59.56 15.83 8.98
N ALA C 44 -60.86 15.62 9.05
CA ALA C 44 -61.82 16.50 8.42
C ALA C 44 -62.26 17.56 9.42
N PRO C 45 -62.32 18.84 8.99
CA PRO C 45 -62.74 19.92 9.87
C PRO C 45 -64.07 19.58 10.55
N ARG C 46 -64.23 20.02 11.79
CA ARG C 46 -65.42 19.73 12.56
C ARG C 46 -66.13 21.00 13.05
N LEU C 47 -67.46 21.04 12.92
CA LEU C 47 -68.23 22.19 13.36
C LEU C 47 -68.34 22.26 14.89
N VAL C 48 -67.98 23.39 15.47
CA VAL C 48 -68.05 23.58 16.91
C VAL C 48 -69.24 24.48 17.29
N ILE C 49 -69.29 25.67 16.69
CA ILE C 49 -70.36 26.61 17.00
C ILE C 49 -70.96 27.11 15.67
N HIS C 50 -72.24 27.44 15.69
CA HIS C 50 -72.88 27.98 14.50
C HIS C 50 -73.91 29.01 14.93
N GLY C 51 -74.21 29.97 14.05
CA GLY C 51 -75.16 31.02 14.36
C GLY C 51 -74.68 31.83 15.55
N VAL C 52 -73.38 32.11 15.56
CA VAL C 52 -72.74 32.87 16.61
C VAL C 52 -72.61 32.08 17.92
N SER C 53 -73.76 31.65 18.45
CA SER C 53 -73.78 30.91 19.72
C SER C 53 -74.68 29.68 19.79
N ASN C 54 -74.21 28.58 19.23
CA ASN C 54 -74.97 27.34 19.24
C ASN C 54 -74.03 26.15 19.09
N ARG C 55 -73.83 25.40 20.18
CA ARG C 55 -72.95 24.25 20.15
C ARG C 55 -73.47 23.26 19.12
N ALA C 56 -72.56 22.66 18.37
CA ALA C 56 -72.95 21.68 17.38
C ALA C 56 -73.12 20.35 18.12
N SER C 57 -73.92 19.44 17.56
CA SER C 57 -74.14 18.14 18.20
C SER C 57 -72.80 17.43 18.46
N GLY C 58 -72.55 17.08 19.71
CA GLY C 58 -71.32 16.37 20.06
C GLY C 58 -70.23 17.24 20.62
N ILE C 59 -70.57 18.49 20.93
CA ILE C 59 -69.58 19.43 21.48
C ILE C 59 -69.78 19.58 22.99
N SER C 60 -68.72 19.38 23.76
CA SER C 60 -68.83 19.50 25.21
C SER C 60 -69.25 20.92 25.58
N ASP C 61 -70.08 21.05 26.61
CA ASP C 61 -70.53 22.36 27.06
C ASP C 61 -69.33 23.23 27.45
N ARG C 62 -68.13 22.68 27.29
CA ARG C 62 -66.89 23.39 27.59
C ARG C 62 -66.75 24.53 26.58
N PHE C 63 -67.29 24.28 25.39
CA PHE C 63 -67.26 25.25 24.30
C PHE C 63 -68.48 26.17 24.32
N SER C 64 -68.28 27.40 23.85
CA SER C 64 -69.36 28.39 23.80
C SER C 64 -68.88 29.62 23.04
N GLY C 65 -69.69 30.04 22.08
CA GLY C 65 -69.34 31.20 21.29
C GLY C 65 -70.33 32.33 21.47
N SER C 66 -69.81 33.54 21.66
CA SER C 66 -70.66 34.70 21.82
C SER C 66 -70.18 35.79 20.85
N GLY C 67 -70.64 37.01 21.07
CA GLY C 67 -70.24 38.11 20.23
C GLY C 67 -71.39 38.68 19.43
N SER C 68 -71.13 39.80 18.76
CA SER C 68 -72.13 40.46 17.92
C SER C 68 -71.47 41.55 17.10
N GLY C 69 -72.25 42.17 16.23
CA GLY C 69 -71.75 43.24 15.40
C GLY C 69 -70.47 42.89 14.67
N THR C 70 -69.35 43.41 15.16
CA THR C 70 -68.09 43.17 14.49
C THR C 70 -67.14 42.19 15.20
N ASP C 71 -67.38 41.87 16.47
CA ASP C 71 -66.49 41.00 17.22
C ASP C 71 -67.16 39.73 17.73
N PHE C 72 -66.53 38.58 17.45
CA PHE C 72 -67.07 37.30 17.87
C PHE C 72 -66.01 36.47 18.57
N THR C 73 -66.43 35.72 19.58
CA THR C 73 -65.51 34.91 20.37
C THR C 73 -65.88 33.44 20.49
N LEU C 74 -64.90 32.65 20.91
CA LEU C 74 -65.08 31.22 21.12
C LEU C 74 -64.29 30.95 22.39
N THR C 75 -64.86 30.26 23.35
CA THR C 75 -64.11 29.99 24.57
C THR C 75 -64.28 28.58 25.07
N ILE C 76 -63.22 28.07 25.67
CA ILE C 76 -63.21 26.74 26.23
C ILE C 76 -63.09 27.00 27.73
N THR C 77 -64.07 26.55 28.51
CA THR C 77 -64.04 26.75 29.96
C THR C 77 -62.70 26.27 30.50
N ARG C 78 -62.38 25.01 30.21
CA ARG C 78 -61.13 24.39 30.62
C ARG C 78 -60.60 23.59 29.45
N VAL C 79 -59.38 23.88 29.02
CA VAL C 79 -58.78 23.18 27.90
C VAL C 79 -58.50 21.69 28.18
N GLU C 80 -58.99 20.83 27.30
CA GLU C 80 -58.76 19.39 27.42
C GLU C 80 -57.62 19.02 26.49
N PRO C 81 -57.06 17.80 26.64
CA PRO C 81 -55.96 17.38 25.79
C PRO C 81 -56.31 17.25 24.30
N GLU C 82 -57.55 16.87 24.01
CA GLU C 82 -57.99 16.70 22.62
C GLU C 82 -58.39 17.99 21.91
N ASP C 83 -58.39 19.09 22.65
CA ASP C 83 -58.78 20.37 22.10
C ASP C 83 -57.71 21.00 21.23
N PHE C 84 -56.44 20.85 21.62
CA PHE C 84 -55.35 21.41 20.85
C PHE C 84 -55.49 21.15 19.36
N ALA C 85 -55.88 22.18 18.63
CA ALA C 85 -56.07 22.08 17.19
C ALA C 85 -56.10 23.47 16.58
N LEU C 86 -56.53 23.55 15.32
CA LEU C 86 -56.67 24.83 14.64
C LEU C 86 -58.14 25.21 14.74
N TYR C 87 -58.41 26.47 15.03
CA TYR C 87 -59.78 26.96 15.13
C TYR C 87 -60.02 28.12 14.20
N TYR C 88 -60.98 27.93 13.30
CA TYR C 88 -61.32 28.97 12.34
C TYR C 88 -62.72 29.51 12.60
N CYS C 89 -62.98 30.70 12.07
CA CYS C 89 -64.29 31.31 12.16
C CYS C 89 -64.65 31.65 10.74
N GLN C 90 -65.94 31.76 10.48
CA GLN C 90 -66.42 32.12 9.16
C GLN C 90 -67.82 32.68 9.23
N VAL C 91 -68.14 33.43 8.19
CA VAL C 91 -69.45 33.98 8.03
C VAL C 91 -69.96 33.20 6.81
N TYR C 92 -71.21 32.77 6.88
CA TYR C 92 -71.79 31.99 5.80
C TYR C 92 -73.15 32.53 5.37
N GLY C 93 -73.69 31.93 4.32
CA GLY C 93 -75.00 32.33 3.84
C GLY C 93 -75.03 33.47 2.85
N ALA C 94 -76.08 33.47 2.03
CA ALA C 94 -76.31 34.50 1.04
C ALA C 94 -75.08 34.87 0.26
N SER C 95 -74.43 33.88 -0.35
CA SER C 95 -73.23 34.13 -1.15
C SER C 95 -72.09 34.92 -0.45
N SER C 96 -72.02 34.82 0.86
CA SER C 96 -70.97 35.48 1.62
C SER C 96 -70.27 34.40 2.42
N TYR C 97 -69.46 33.59 1.76
CA TYR C 97 -68.75 32.52 2.45
C TYR C 97 -67.26 32.80 2.54
N THR C 98 -66.84 33.29 3.71
CA THR C 98 -65.43 33.62 3.92
C THR C 98 -64.94 33.12 5.30
N PHE C 99 -63.70 32.63 5.34
CA PHE C 99 -63.10 32.11 6.58
C PHE C 99 -62.02 33.00 7.18
N GLY C 100 -61.72 32.76 8.46
CA GLY C 100 -60.66 33.50 9.14
C GLY C 100 -59.34 32.81 8.81
N GLN C 101 -58.21 33.38 9.21
CA GLN C 101 -56.94 32.74 8.90
C GLN C 101 -56.66 31.58 9.86
N GLY C 102 -57.40 31.55 10.96
CA GLY C 102 -57.25 30.48 11.94
C GLY C 102 -56.36 30.77 13.11
N THR C 103 -56.73 30.25 14.27
CA THR C 103 -55.94 30.42 15.48
C THR C 103 -55.50 29.04 15.92
N LYS C 104 -54.23 28.92 16.30
CA LYS C 104 -53.67 27.65 16.72
C LYS C 104 -53.61 27.48 18.23
N LEU C 105 -54.38 26.55 18.76
CA LEU C 105 -54.37 26.26 20.20
C LEU C 105 -53.27 25.22 20.39
N GLU C 106 -52.11 25.62 20.89
CA GLU C 106 -51.01 24.68 21.09
C GLU C 106 -50.83 24.34 22.56
N ARG C 107 -49.91 23.40 22.81
CA ARG C 107 -49.59 22.95 24.15
C ARG C 107 -48.59 23.89 24.81
N LYS C 108 -48.93 24.39 25.99
CA LYS C 108 -48.03 25.29 26.70
C LYS C 108 -47.02 24.47 27.50
N ARG C 109 -45.76 24.86 27.43
CA ARG C 109 -44.72 24.17 28.16
C ARG C 109 -43.58 25.15 28.44
N THR C 110 -42.62 24.75 29.26
CA THR C 110 -41.48 25.60 29.62
C THR C 110 -40.62 25.96 28.41
N VAL C 111 -39.91 27.08 28.52
CA VAL C 111 -39.05 27.53 27.43
C VAL C 111 -37.95 26.52 27.21
N ALA C 112 -37.60 26.27 25.95
CA ALA C 112 -36.55 25.30 25.65
C ALA C 112 -35.65 25.79 24.53
N ALA C 113 -34.34 25.76 24.77
CA ALA C 113 -33.37 26.19 23.78
C ALA C 113 -33.18 25.12 22.71
N PRO C 114 -32.99 25.53 21.45
CA PRO C 114 -32.80 24.56 20.37
C PRO C 114 -31.40 23.99 20.32
N SER C 115 -31.29 22.72 19.96
CA SER C 115 -30.01 22.07 19.84
C SER C 115 -29.70 22.16 18.35
N VAL C 116 -28.76 23.03 17.98
CA VAL C 116 -28.44 23.22 16.57
C VAL C 116 -27.28 22.39 16.04
N PHE C 117 -27.58 21.58 15.03
CA PHE C 117 -26.58 20.74 14.38
C PHE C 117 -26.51 21.18 12.91
N ILE C 118 -25.33 21.14 12.32
CA ILE C 118 -25.19 21.53 10.93
C ILE C 118 -24.48 20.43 10.14
N PHE C 119 -24.93 20.22 8.91
CA PHE C 119 -24.35 19.18 8.05
C PHE C 119 -23.92 19.76 6.72
N PRO C 120 -22.69 19.45 6.29
CA PRO C 120 -22.16 19.94 5.01
C PRO C 120 -22.67 19.07 3.87
N PRO C 121 -22.47 19.51 2.62
CA PRO C 121 -22.91 18.75 1.44
C PRO C 121 -22.27 17.37 1.37
N SER C 122 -23.04 16.37 0.98
CA SER C 122 -22.51 15.02 0.87
C SER C 122 -21.56 14.91 -0.31
N ASP C 123 -20.54 14.09 -0.15
CA ASP C 123 -19.55 13.87 -1.20
C ASP C 123 -20.24 13.47 -2.49
N GLU C 124 -21.18 12.53 -2.39
CA GLU C 124 -21.91 12.04 -3.54
C GLU C 124 -22.71 13.12 -4.26
N GLN C 125 -23.56 13.82 -3.51
CA GLN C 125 -24.38 14.88 -4.09
C GLN C 125 -23.60 15.84 -4.97
N LEU C 126 -22.39 16.17 -4.56
CA LEU C 126 -21.56 17.10 -5.32
C LEU C 126 -21.33 16.62 -6.75
N LYS C 127 -21.63 15.35 -7.02
CA LYS C 127 -21.46 14.79 -8.34
C LYS C 127 -22.40 15.42 -9.36
N SER C 128 -23.62 15.75 -8.93
CA SER C 128 -24.62 16.35 -9.80
C SER C 128 -24.31 17.80 -10.18
N GLY C 129 -24.11 18.64 -9.17
CA GLY C 129 -23.81 20.04 -9.42
C GLY C 129 -24.44 20.93 -8.38
N THR C 130 -25.35 20.35 -7.59
CA THR C 130 -26.04 21.10 -6.54
C THR C 130 -25.50 20.72 -5.17
N ALA C 131 -25.50 21.68 -4.26
CA ALA C 131 -25.01 21.45 -2.91
C ALA C 131 -26.13 21.66 -1.90
N SER C 132 -26.36 20.66 -1.05
CA SER C 132 -27.41 20.77 -0.03
C SER C 132 -26.84 20.89 1.37
N VAL C 133 -26.85 22.12 1.89
CA VAL C 133 -26.34 22.38 3.22
C VAL C 133 -27.52 22.45 4.20
N VAL C 134 -27.61 21.47 5.09
CA VAL C 134 -28.70 21.43 6.05
C VAL C 134 -28.33 21.94 7.45
N CYS C 135 -29.31 22.49 8.15
CA CYS C 135 -29.09 23.01 9.49
C CYS C 135 -30.30 22.65 10.35
N LEU C 136 -30.07 21.83 11.36
CA LEU C 136 -31.14 21.38 12.24
C LEU C 136 -31.29 22.19 13.53
N LEU C 137 -32.52 22.24 14.04
CA LEU C 137 -32.83 22.92 15.29
C LEU C 137 -33.70 21.88 15.98
N ASN C 138 -33.15 21.22 17.00
CA ASN C 138 -33.85 20.15 17.69
C ASN C 138 -34.69 20.48 18.93
N ASN C 139 -35.91 19.95 18.94
CA ASN C 139 -36.85 20.11 20.07
C ASN C 139 -36.89 21.42 20.86
N PHE C 140 -37.16 22.54 20.19
CA PHE C 140 -37.22 23.84 20.87
C PHE C 140 -38.64 24.33 21.11
N TYR C 141 -38.77 25.40 21.88
CA TYR C 141 -40.07 26.00 22.21
C TYR C 141 -39.86 27.34 22.92
N PRO C 142 -40.68 28.36 22.58
CA PRO C 142 -41.78 28.35 21.60
C PRO C 142 -41.33 28.23 20.14
N ARG C 143 -42.30 28.20 19.23
CA ARG C 143 -42.05 28.04 17.79
C ARG C 143 -41.19 29.11 17.12
N GLU C 144 -41.46 30.38 17.41
CA GLU C 144 -40.69 31.46 16.79
C GLU C 144 -39.18 31.30 16.96
N ALA C 145 -38.48 31.18 15.83
CA ALA C 145 -37.03 31.05 15.81
C ALA C 145 -36.47 31.62 14.51
N LYS C 146 -35.31 32.28 14.57
CA LYS C 146 -34.70 32.86 13.37
C LYS C 146 -33.49 32.09 12.89
N VAL C 147 -33.42 31.87 11.59
CA VAL C 147 -32.29 31.14 11.00
C VAL C 147 -31.64 31.95 9.89
N GLN C 148 -30.35 32.25 10.04
CA GLN C 148 -29.61 33.00 9.05
C GLN C 148 -28.34 32.25 8.64
N TRP C 149 -28.01 32.33 7.36
CA TRP C 149 -26.81 31.67 6.84
C TRP C 149 -25.74 32.71 6.53
N LYS C 150 -24.49 32.30 6.65
CA LYS C 150 -23.37 33.18 6.38
C LYS C 150 -22.24 32.44 5.68
N VAL C 151 -22.17 32.60 4.36
CA VAL C 151 -21.13 31.96 3.58
C VAL C 151 -20.01 32.98 3.43
N ASP C 152 -18.96 32.81 4.21
CA ASP C 152 -17.83 33.73 4.24
C ASP C 152 -18.33 35.04 4.85
N ASN C 153 -19.13 34.89 5.90
CA ASN C 153 -19.70 36.03 6.62
C ASN C 153 -20.56 36.88 5.67
N ALA C 154 -21.17 36.23 4.68
CA ALA C 154 -22.01 36.93 3.72
C ALA C 154 -23.47 36.54 3.89
N LEU C 155 -24.18 37.28 4.74
CA LEU C 155 -25.58 37.01 5.00
C LEU C 155 -26.39 36.63 3.75
N GLN C 156 -26.57 35.34 3.56
CA GLN C 156 -27.32 34.81 2.41
C GLN C 156 -28.81 35.08 2.56
N SER C 157 -29.58 34.80 1.51
CA SER C 157 -31.03 35.00 1.53
C SER C 157 -31.68 34.60 0.21
N GLY C 158 -32.92 34.16 0.30
CA GLY C 158 -33.66 33.77 -0.90
C GLY C 158 -33.14 32.53 -1.59
N ASN C 159 -32.32 31.76 -0.90
CA ASN C 159 -31.75 30.54 -1.48
C ASN C 159 -31.93 29.36 -0.52
N SER C 160 -32.63 29.63 0.58
CA SER C 160 -32.86 28.62 1.59
C SER C 160 -34.35 28.37 1.79
N GLN C 161 -34.68 27.18 2.28
CA GLN C 161 -36.06 26.81 2.54
C GLN C 161 -36.20 26.10 3.90
N GLU C 162 -37.25 26.42 4.64
CA GLU C 162 -37.45 25.79 5.94
C GLU C 162 -38.55 24.73 5.92
N SER C 163 -38.74 24.12 7.08
CA SER C 163 -39.72 23.07 7.28
C SER C 163 -39.81 22.87 8.81
N VAL C 164 -40.98 22.52 9.31
CA VAL C 164 -41.16 22.31 10.75
C VAL C 164 -42.09 21.17 11.05
N THR C 165 -41.91 20.60 12.24
CA THR C 165 -42.69 19.47 12.71
C THR C 165 -43.84 19.93 13.59
N GLU C 166 -44.88 19.09 13.69
CA GLU C 166 -46.02 19.43 14.53
C GLU C 166 -45.59 19.27 15.97
N GLN C 167 -46.06 20.15 16.85
CA GLN C 167 -45.69 20.11 18.26
C GLN C 167 -45.54 18.66 18.72
N ASP C 168 -44.38 18.34 19.28
CA ASP C 168 -44.12 16.98 19.72
C ASP C 168 -45.15 16.43 20.68
N SER C 169 -45.67 15.25 20.33
CA SER C 169 -46.67 14.56 21.11
C SER C 169 -46.25 14.32 22.56
N LYS C 170 -44.96 14.16 22.79
CA LYS C 170 -44.46 13.86 24.13
C LYS C 170 -43.88 15.00 24.97
N ASP C 171 -42.97 15.80 24.38
CA ASP C 171 -42.37 16.89 25.15
C ASP C 171 -42.81 18.29 24.70
N SER C 172 -43.83 18.33 23.84
CA SER C 172 -44.40 19.59 23.34
C SER C 172 -43.37 20.54 22.76
N THR C 173 -42.42 20.04 21.96
CA THR C 173 -41.42 20.91 21.38
C THR C 173 -41.46 20.80 19.86
N TYR C 174 -40.81 21.74 19.19
CA TYR C 174 -40.76 21.76 17.74
C TYR C 174 -39.34 21.57 17.25
N SER C 175 -39.19 21.31 15.96
CA SER C 175 -37.89 21.14 15.35
C SER C 175 -38.01 21.72 13.95
N LEU C 176 -37.03 22.53 13.58
CA LEU C 176 -36.99 23.19 12.28
C LEU C 176 -35.75 22.73 11.54
N SER C 177 -35.82 22.71 10.21
CA SER C 177 -34.67 22.31 9.42
C SER C 177 -34.53 23.16 8.16
N SER C 178 -33.71 24.20 8.26
CA SER C 178 -33.47 25.09 7.13
C SER C 178 -32.56 24.41 6.13
N THR C 179 -32.59 24.84 4.88
CA THR C 179 -31.75 24.23 3.86
C THR C 179 -31.14 25.26 2.90
N LEU C 180 -29.81 25.31 2.88
CA LEU C 180 -29.08 26.22 2.01
C LEU C 180 -28.77 25.44 0.74
N THR C 181 -29.12 25.99 -0.42
CA THR C 181 -28.84 25.29 -1.67
C THR C 181 -28.17 26.18 -2.69
N LEU C 182 -26.98 25.76 -3.11
CA LEU C 182 -26.18 26.47 -4.09
C LEU C 182 -25.66 25.49 -5.14
N SER C 183 -24.93 26.03 -6.11
CA SER C 183 -24.34 25.22 -7.16
C SER C 183 -22.97 24.77 -6.67
N LYS C 184 -22.52 23.60 -7.12
CA LYS C 184 -21.22 23.09 -6.68
C LYS C 184 -20.16 24.15 -6.93
N ALA C 185 -20.48 25.08 -7.84
CA ALA C 185 -19.55 26.16 -8.17
C ALA C 185 -19.41 27.17 -7.04
N ASP C 186 -20.53 27.56 -6.43
CA ASP C 186 -20.52 28.53 -5.33
C ASP C 186 -19.91 27.90 -4.08
N TYR C 187 -20.32 26.68 -3.79
CA TYR C 187 -19.84 25.96 -2.62
C TYR C 187 -18.31 25.82 -2.59
N GLU C 188 -17.71 25.73 -3.78
CA GLU C 188 -16.26 25.59 -3.88
C GLU C 188 -15.56 26.91 -4.18
N LYS C 189 -16.21 28.01 -3.82
CA LYS C 189 -15.65 29.34 -4.03
C LYS C 189 -15.75 30.11 -2.73
N HIS C 190 -16.03 29.38 -1.65
CA HIS C 190 -16.14 29.94 -0.31
C HIS C 190 -15.60 28.92 0.69
N LYS C 191 -15.39 29.34 1.93
CA LYS C 191 -14.87 28.45 2.96
C LYS C 191 -15.76 28.35 4.20
N VAL C 192 -16.01 29.49 4.84
CA VAL C 192 -16.84 29.51 6.03
C VAL C 192 -18.32 29.29 5.71
N TYR C 193 -18.92 28.29 6.36
CA TYR C 193 -20.32 27.97 6.17
C TYR C 193 -20.98 27.84 7.53
N ALA C 194 -21.70 28.89 7.93
CA ALA C 194 -22.36 28.89 9.23
C ALA C 194 -23.89 28.95 9.15
N CYS C 195 -24.52 28.69 10.30
CA CYS C 195 -25.97 28.72 10.41
C CYS C 195 -26.31 29.39 11.75
N GLU C 196 -26.70 30.66 11.68
CA GLU C 196 -27.01 31.41 12.89
C GLU C 196 -28.44 31.17 13.38
N VAL C 197 -28.55 30.76 14.64
CA VAL C 197 -29.84 30.47 15.27
C VAL C 197 -30.14 31.40 16.44
N THR C 198 -31.26 32.13 16.34
CA THR C 198 -31.68 33.05 17.40
C THR C 198 -32.97 32.49 17.99
N HIS C 199 -33.06 32.47 19.31
CA HIS C 199 -34.24 31.94 19.98
C HIS C 199 -34.54 32.62 21.31
N GLN C 200 -35.75 32.42 21.82
CA GLN C 200 -36.16 33.01 23.09
C GLN C 200 -35.45 32.31 24.24
N GLY C 201 -34.85 31.16 23.94
CA GLY C 201 -34.13 30.41 24.96
C GLY C 201 -32.63 30.59 24.86
N LEU C 202 -32.17 31.19 23.78
CA LEU C 202 -30.74 31.42 23.57
C LEU C 202 -30.41 32.87 23.83
N ARG C 203 -29.61 33.10 24.87
CA ARG C 203 -29.18 34.44 25.26
C ARG C 203 -28.52 35.19 24.12
N SER C 204 -27.84 34.45 23.24
CA SER C 204 -27.17 35.03 22.09
C SER C 204 -27.26 34.09 20.89
N PRO C 205 -27.28 34.65 19.67
CA PRO C 205 -27.36 33.82 18.46
C PRO C 205 -26.30 32.73 18.41
N VAL C 206 -26.75 31.48 18.33
CA VAL C 206 -25.87 30.32 18.27
C VAL C 206 -25.40 30.10 16.83
N THR C 207 -24.10 29.87 16.64
CA THR C 207 -23.59 29.66 15.30
C THR C 207 -22.79 28.37 15.16
N LYS C 208 -23.36 27.42 14.42
CA LYS C 208 -22.69 26.15 14.17
C LYS C 208 -22.16 26.26 12.76
N SER C 209 -20.89 25.94 12.56
CA SER C 209 -20.31 26.05 11.22
C SER C 209 -19.27 24.99 10.89
N PHE C 210 -18.71 25.13 9.70
CA PHE C 210 -17.67 24.25 9.19
C PHE C 210 -17.00 24.97 8.05
N ASN C 211 -16.05 24.32 7.39
CA ASN C 211 -15.35 24.96 6.28
C ASN C 211 -15.23 23.99 5.10
N ARG C 212 -15.09 24.53 3.91
CA ARG C 212 -14.98 23.73 2.69
C ARG C 212 -13.97 22.59 2.87
N GLY C 213 -14.47 21.36 2.84
CA GLY C 213 -13.63 20.19 2.99
C GLY C 213 -12.61 20.24 4.12
N GLU C 214 -13.05 19.93 5.33
CA GLU C 214 -12.16 19.94 6.50
C GLU C 214 -12.74 19.09 7.62
N CYS C 215 -12.24 17.87 7.75
CA CYS C 215 -12.72 16.98 8.81
C CYS C 215 -11.95 17.32 10.08
N GLU D 1 34.59 -17.30 -50.65
CA GLU D 1 35.55 -18.44 -50.63
C GLU D 1 35.86 -18.82 -49.18
N ILE D 2 36.78 -18.08 -48.54
CA ILE D 2 37.13 -18.32 -47.15
C ILE D 2 35.99 -17.92 -46.24
N VAL D 3 35.76 -18.76 -45.24
CA VAL D 3 34.73 -18.50 -44.25
C VAL D 3 35.37 -18.72 -42.89
N LEU D 4 35.32 -17.68 -42.07
CA LEU D 4 35.88 -17.74 -40.72
C LEU D 4 34.76 -17.86 -39.68
N THR D 5 34.92 -18.83 -38.79
CA THR D 5 33.95 -19.04 -37.71
C THR D 5 34.56 -18.91 -36.30
N GLN D 6 34.13 -17.91 -35.57
CA GLN D 6 34.62 -17.66 -34.22
C GLN D 6 33.82 -18.34 -33.11
N SER D 7 34.53 -18.86 -32.11
CA SER D 7 33.87 -19.47 -30.96
C SER D 7 34.69 -19.22 -29.69
N PRO D 8 34.01 -19.07 -28.55
CA PRO D 8 32.55 -19.14 -28.43
C PRO D 8 31.97 -17.83 -28.87
N GLY D 9 30.65 -17.77 -28.93
CA GLY D 9 29.99 -16.56 -29.33
C GLY D 9 30.21 -15.51 -28.27
N THR D 10 30.28 -15.93 -27.01
CA THR D 10 30.51 -15.04 -25.88
C THR D 10 31.40 -15.65 -24.80
N LEU D 11 32.31 -14.82 -24.28
CA LEU D 11 33.22 -15.22 -23.21
C LEU D 11 32.90 -14.39 -21.98
N SER D 12 32.48 -15.07 -20.93
CA SER D 12 32.18 -14.39 -19.68
C SER D 12 33.27 -14.74 -18.67
N LEU D 13 34.16 -13.78 -18.44
CA LEU D 13 35.26 -13.97 -17.52
C LEU D 13 35.39 -12.87 -16.47
N SER D 14 36.34 -13.06 -15.56
CA SER D 14 36.63 -12.10 -14.48
C SER D 14 38.06 -11.62 -14.62
N PRO D 15 38.31 -10.33 -14.34
CA PRO D 15 39.64 -9.77 -14.43
C PRO D 15 40.59 -10.74 -13.79
N GLY D 16 41.72 -11.00 -14.44
CA GLY D 16 42.65 -11.95 -13.87
C GLY D 16 42.51 -13.33 -14.45
N GLU D 17 41.38 -13.60 -15.09
CA GLU D 17 41.15 -14.91 -15.71
C GLU D 17 41.81 -15.00 -17.10
N ARG D 18 41.88 -16.22 -17.63
CA ARG D 18 42.49 -16.47 -18.93
C ARG D 18 41.43 -16.53 -20.02
N ALA D 19 41.60 -15.73 -21.06
CA ALA D 19 40.67 -15.70 -22.18
C ALA D 19 41.28 -16.37 -23.42
N THR D 20 40.50 -17.25 -24.04
CA THR D 20 40.94 -17.95 -25.25
C THR D 20 39.86 -17.84 -26.30
N PHE D 21 40.19 -17.17 -27.41
CA PHE D 21 39.25 -17.00 -28.53
C PHE D 21 39.67 -17.93 -29.66
N SER D 22 38.70 -18.61 -30.25
CA SER D 22 38.96 -19.54 -31.35
C SER D 22 38.47 -18.99 -32.68
N CYS D 23 39.27 -19.23 -33.73
CA CYS D 23 38.92 -18.79 -35.07
C CYS D 23 39.19 -19.94 -36.04
N ARG D 24 38.11 -20.52 -36.55
CA ARG D 24 38.17 -21.63 -37.51
C ARG D 24 38.01 -21.12 -38.95
N SER D 25 38.83 -21.65 -39.84
CA SER D 25 38.78 -21.27 -41.24
C SER D 25 38.43 -22.46 -42.14
N SER D 26 37.62 -22.23 -43.17
CA SER D 26 37.29 -23.31 -44.09
C SER D 26 38.54 -23.70 -44.93
N HIS D 27 39.43 -22.74 -45.20
CA HIS D 27 40.63 -23.03 -45.97
C HIS D 27 41.80 -23.00 -45.03
N SER D 28 42.93 -23.51 -45.47
CA SER D 28 44.11 -23.43 -44.64
C SER D 28 44.71 -22.09 -45.05
N ILE D 29 45.23 -21.31 -44.11
CA ILE D 29 45.84 -20.03 -44.45
C ILE D 29 47.36 -20.14 -44.38
N ARG D 30 47.96 -20.68 -45.44
CA ARG D 30 49.41 -20.86 -45.47
C ARG D 30 50.14 -19.53 -45.48
N SER D 31 49.46 -18.49 -45.98
CA SER D 31 50.05 -17.18 -46.04
C SER D 31 50.27 -16.64 -44.62
N ARG D 32 49.61 -17.30 -43.64
CA ARG D 32 49.70 -16.92 -42.23
C ARG D 32 49.27 -15.45 -42.13
N ARG D 33 48.34 -15.03 -42.98
CA ARG D 33 47.86 -13.65 -42.95
C ARG D 33 46.56 -13.49 -42.16
N VAL D 34 46.63 -13.83 -40.87
CA VAL D 34 45.49 -13.73 -39.96
C VAL D 34 45.63 -12.53 -39.01
N ALA D 35 44.53 -11.82 -38.79
CA ALA D 35 44.57 -10.67 -37.89
C ALA D 35 43.47 -10.75 -36.87
N TRP D 36 43.70 -10.16 -35.70
CA TRP D 36 42.69 -10.12 -34.65
C TRP D 36 42.45 -8.66 -34.33
N TYR D 37 41.18 -8.27 -34.22
CA TYR D 37 40.82 -6.89 -33.89
C TYR D 37 39.96 -6.82 -32.64
N GLN D 38 40.09 -5.72 -31.91
CA GLN D 38 39.31 -5.50 -30.71
C GLN D 38 38.37 -4.36 -31.05
N HIS D 39 37.09 -4.47 -30.70
CA HIS D 39 36.18 -3.38 -30.99
C HIS D 39 35.26 -3.04 -29.81
N LYS D 40 35.35 -1.80 -29.34
CA LYS D 40 34.52 -1.36 -28.23
C LYS D 40 33.37 -0.57 -28.83
N PRO D 41 32.13 -0.97 -28.53
CA PRO D 41 30.96 -0.25 -29.07
C PRO D 41 31.14 1.26 -28.98
N GLY D 42 30.98 1.94 -30.11
CA GLY D 42 31.13 3.39 -30.11
C GLY D 42 32.54 3.88 -30.33
N GLN D 43 33.49 2.96 -30.46
CA GLN D 43 34.88 3.33 -30.69
C GLN D 43 35.42 2.73 -31.98
N ALA D 44 36.56 3.26 -32.41
CA ALA D 44 37.21 2.76 -33.62
C ALA D 44 37.93 1.43 -33.34
N PRO D 45 37.79 0.47 -34.27
CA PRO D 45 38.42 -0.84 -34.11
C PRO D 45 39.94 -0.74 -33.99
N ARG D 46 40.50 -1.58 -33.13
CA ARG D 46 41.92 -1.60 -32.91
C ARG D 46 42.52 -2.91 -33.38
N LEU D 47 43.74 -2.84 -33.91
CA LEU D 47 44.45 -4.03 -34.35
C LEU D 47 45.20 -4.61 -33.15
N VAL D 48 44.90 -5.85 -32.80
CA VAL D 48 45.58 -6.47 -31.68
C VAL D 48 46.75 -7.33 -32.15
N ILE D 49 46.48 -8.15 -33.17
CA ILE D 49 47.47 -9.07 -33.73
C ILE D 49 47.40 -9.11 -35.25
N HIS D 50 48.57 -9.28 -35.88
CA HIS D 50 48.64 -9.43 -37.33
C HIS D 50 49.65 -10.54 -37.61
N GLY D 51 49.50 -11.22 -38.75
CA GLY D 51 50.41 -12.31 -39.07
C GLY D 51 50.28 -13.44 -38.05
N VAL D 52 49.05 -13.72 -37.68
CA VAL D 52 48.69 -14.73 -36.70
C VAL D 52 49.32 -14.61 -35.32
N SER D 53 50.57 -14.13 -35.21
CA SER D 53 51.20 -14.06 -33.90
C SER D 53 51.89 -12.74 -33.48
N ASN D 54 52.12 -11.84 -34.43
CA ASN D 54 52.78 -10.58 -34.10
C ASN D 54 51.84 -9.59 -33.42
N ARG D 55 52.25 -9.09 -32.25
CA ARG D 55 51.45 -8.11 -31.51
C ARG D 55 51.55 -6.78 -32.20
N ALA D 56 50.47 -6.02 -32.19
CA ALA D 56 50.45 -4.72 -32.82
C ALA D 56 51.06 -3.70 -31.86
N SER D 57 51.66 -2.65 -32.40
CA SER D 57 52.31 -1.65 -31.57
C SER D 57 51.39 -1.12 -30.49
N GLY D 58 51.89 -1.09 -29.26
CA GLY D 58 51.12 -0.58 -28.14
C GLY D 58 50.20 -1.60 -27.50
N ILE D 59 50.27 -2.84 -27.96
CA ILE D 59 49.41 -3.87 -27.40
C ILE D 59 50.12 -4.60 -26.27
N SER D 60 49.40 -4.80 -25.18
CA SER D 60 49.93 -5.49 -24.01
C SER D 60 50.50 -6.87 -24.33
N ASP D 61 51.54 -7.25 -23.59
CA ASP D 61 52.18 -8.54 -23.76
C ASP D 61 51.20 -9.60 -23.25
N ARG D 62 50.09 -9.16 -22.70
CA ARG D 62 49.07 -10.06 -22.18
C ARG D 62 48.39 -10.76 -23.35
N PHE D 63 48.35 -10.08 -24.49
CA PHE D 63 47.74 -10.63 -25.70
C PHE D 63 48.73 -11.43 -26.51
N SER D 64 48.33 -12.61 -26.94
CA SER D 64 49.20 -13.43 -27.76
C SER D 64 48.37 -14.16 -28.82
N GLY D 65 48.88 -14.22 -30.05
CA GLY D 65 48.18 -14.92 -31.10
C GLY D 65 48.94 -16.14 -31.56
N SER D 66 48.21 -17.20 -31.91
CA SER D 66 48.83 -18.43 -32.36
C SER D 66 47.90 -19.20 -33.30
N GLY D 67 48.39 -20.32 -33.81
CA GLY D 67 47.61 -21.11 -34.72
C GLY D 67 48.30 -21.27 -36.08
N SER D 68 47.73 -22.13 -36.91
CA SER D 68 48.29 -22.38 -38.23
C SER D 68 47.33 -23.27 -39.00
N GLY D 69 47.46 -23.21 -40.33
CA GLY D 69 46.62 -24.02 -41.19
C GLY D 69 45.18 -23.55 -41.15
N THR D 70 44.37 -24.26 -40.38
CA THR D 70 42.96 -23.93 -40.28
C THR D 70 42.51 -23.39 -38.91
N ASP D 71 43.35 -23.52 -37.90
CA ASP D 71 42.97 -23.06 -36.55
C ASP D 71 43.86 -21.96 -36.01
N PHE D 72 43.24 -20.86 -35.62
CA PHE D 72 43.97 -19.73 -35.09
C PHE D 72 43.38 -19.32 -33.74
N THR D 73 44.26 -18.91 -32.83
CA THR D 73 43.83 -18.54 -31.49
C THR D 73 44.32 -17.21 -30.95
N LEU D 74 43.45 -16.51 -30.26
CA LEU D 74 43.84 -15.26 -29.62
C LEU D 74 43.64 -15.55 -28.16
N THR D 75 44.64 -15.25 -27.35
CA THR D 75 44.56 -15.48 -25.93
C THR D 75 45.13 -14.33 -25.10
N ILE D 76 44.43 -14.04 -24.00
CA ILE D 76 44.80 -13.00 -23.05
C ILE D 76 45.16 -13.71 -21.75
N THR D 77 46.45 -13.77 -21.43
CA THR D 77 46.92 -14.44 -20.21
C THR D 77 46.10 -14.11 -18.98
N ARG D 78 45.99 -12.82 -18.68
CA ARG D 78 45.25 -12.33 -17.52
C ARG D 78 44.43 -11.08 -17.87
N VAL D 79 43.13 -11.26 -17.98
CA VAL D 79 42.23 -10.16 -18.33
C VAL D 79 42.32 -8.94 -17.42
N GLU D 80 42.14 -7.75 -18.00
CA GLU D 80 42.16 -6.50 -17.27
C GLU D 80 40.80 -5.84 -17.52
N PRO D 81 40.32 -5.03 -16.57
CA PRO D 81 39.02 -4.37 -16.72
C PRO D 81 38.66 -3.78 -18.07
N GLU D 82 39.63 -3.19 -18.77
CA GLU D 82 39.34 -2.59 -20.07
C GLU D 82 39.55 -3.52 -21.26
N ASP D 83 39.59 -4.81 -21.00
CA ASP D 83 39.78 -5.82 -22.04
C ASP D 83 38.45 -6.28 -22.63
N PHE D 84 37.35 -5.99 -21.95
CA PHE D 84 36.02 -6.37 -22.41
C PHE D 84 35.58 -5.58 -23.63
N ALA D 85 35.25 -6.32 -24.69
CA ALA D 85 34.81 -5.76 -25.96
C ALA D 85 34.70 -6.90 -26.97
N LEU D 86 34.33 -6.54 -28.20
CA LEU D 86 34.22 -7.52 -29.26
C LEU D 86 35.61 -7.82 -29.81
N TYR D 87 35.79 -9.03 -30.31
CA TYR D 87 37.05 -9.47 -30.88
C TYR D 87 36.78 -10.22 -32.17
N TYR D 88 37.41 -9.78 -33.24
CA TYR D 88 37.21 -10.42 -34.53
C TYR D 88 38.50 -10.89 -35.17
N CYS D 89 38.49 -12.10 -35.75
CA CYS D 89 39.66 -12.56 -36.49
C CYS D 89 39.41 -12.19 -37.98
N GLN D 90 40.44 -12.34 -38.80
CA GLN D 90 40.30 -11.96 -40.18
C GLN D 90 41.48 -12.43 -41.00
N VAL D 91 41.20 -12.74 -42.27
CA VAL D 91 42.22 -13.14 -43.22
C VAL D 91 42.30 -11.94 -44.14
N TYR D 92 43.50 -11.53 -44.53
CA TYR D 92 43.66 -10.36 -45.39
C TYR D 92 44.71 -10.56 -46.45
N GLY D 93 44.73 -9.60 -47.38
CA GLY D 93 45.67 -9.60 -48.48
C GLY D 93 45.28 -10.41 -49.72
N ALA D 94 45.62 -9.85 -50.88
CA ALA D 94 45.37 -10.49 -52.17
C ALA D 94 43.94 -10.85 -52.43
N SER D 95 43.07 -9.83 -52.48
CA SER D 95 41.67 -10.08 -52.76
C SER D 95 40.96 -11.01 -51.77
N SER D 96 41.66 -11.42 -50.73
CA SER D 96 41.06 -12.30 -49.74
C SER D 96 40.88 -11.61 -48.42
N TYR D 97 39.88 -10.72 -48.33
CA TYR D 97 39.62 -10.03 -47.07
C TYR D 97 38.27 -10.47 -46.50
N THR D 98 38.28 -11.26 -45.43
CA THR D 98 37.03 -11.70 -44.84
C THR D 98 37.15 -11.67 -43.32
N PHE D 99 36.05 -11.35 -42.64
CA PHE D 99 36.06 -11.29 -41.18
C PHE D 99 35.29 -12.42 -40.51
N GLY D 100 35.60 -12.66 -39.25
CA GLY D 100 34.90 -13.66 -38.47
C GLY D 100 33.66 -12.95 -37.98
N GLN D 101 32.73 -13.66 -37.35
CA GLN D 101 31.51 -13.02 -36.90
C GLN D 101 31.65 -12.31 -35.55
N GLY D 102 32.66 -12.70 -34.77
CA GLY D 102 32.88 -12.06 -33.49
C GLY D 102 32.56 -12.83 -32.22
N THR D 103 33.40 -12.65 -31.21
CA THR D 103 33.25 -13.27 -29.91
C THR D 103 33.19 -12.09 -28.92
N LYS D 104 32.17 -12.07 -28.07
CA LYS D 104 32.03 -11.00 -27.10
C LYS D 104 32.59 -11.35 -25.72
N LEU D 105 33.66 -10.66 -25.32
CA LEU D 105 34.27 -10.87 -24.02
C LEU D 105 33.56 -9.93 -23.07
N GLU D 106 32.67 -10.49 -22.27
CA GLU D 106 31.89 -9.74 -21.30
C GLU D 106 32.31 -10.03 -19.86
N ARG D 107 32.13 -9.05 -18.98
CA ARG D 107 32.50 -9.23 -17.58
C ARG D 107 31.52 -10.09 -16.81
N LYS D 108 32.05 -11.11 -16.13
CA LYS D 108 31.23 -12.02 -15.35
C LYS D 108 31.08 -11.56 -13.91
N ARG D 109 29.84 -11.61 -13.41
CA ARG D 109 29.52 -11.23 -12.05
C ARG D 109 28.53 -12.25 -11.52
N THR D 110 28.13 -12.12 -10.27
CA THR D 110 27.18 -13.05 -9.68
C THR D 110 25.76 -12.77 -10.19
N VAL D 111 25.01 -13.83 -10.44
CA VAL D 111 23.65 -13.69 -10.94
C VAL D 111 22.93 -12.57 -10.23
N ALA D 112 22.11 -11.83 -10.98
CA ALA D 112 21.37 -10.72 -10.44
C ALA D 112 19.98 -10.67 -11.03
N ALA D 113 18.98 -10.87 -10.17
CA ALA D 113 17.58 -10.85 -10.59
C ALA D 113 17.14 -9.45 -11.05
N PRO D 114 16.39 -9.38 -12.16
CA PRO D 114 15.90 -8.13 -12.72
C PRO D 114 14.68 -7.58 -12.00
N SER D 115 14.60 -6.25 -11.92
CA SER D 115 13.47 -5.60 -11.28
C SER D 115 12.42 -5.26 -12.34
N VAL D 116 11.54 -6.23 -12.61
CA VAL D 116 10.49 -6.07 -13.62
C VAL D 116 9.40 -5.06 -13.31
N PHE D 117 9.22 -4.10 -14.21
CA PHE D 117 8.18 -3.07 -14.09
C PHE D 117 7.36 -3.06 -15.37
N ILE D 118 6.13 -2.55 -15.30
CA ILE D 118 5.25 -2.51 -16.47
C ILE D 118 4.49 -1.17 -16.44
N PHE D 119 4.64 -0.40 -17.52
CA PHE D 119 3.99 0.90 -17.63
C PHE D 119 2.74 0.92 -18.51
N PRO D 120 1.78 1.80 -18.17
CA PRO D 120 0.52 1.95 -18.90
C PRO D 120 0.71 2.99 -20.01
N PRO D 121 0.02 2.83 -21.15
CA PRO D 121 0.17 3.81 -22.23
C PRO D 121 -0.36 5.17 -21.84
N SER D 122 0.49 6.19 -21.91
CA SER D 122 0.08 7.54 -21.55
C SER D 122 -1.20 7.89 -22.29
N ASP D 123 -2.18 8.40 -21.56
CA ASP D 123 -3.46 8.80 -22.12
C ASP D 123 -3.31 9.62 -23.41
N GLU D 124 -2.42 10.61 -23.37
CA GLU D 124 -2.17 11.47 -24.52
C GLU D 124 -1.93 10.66 -25.79
N GLN D 125 -1.34 9.48 -25.62
CA GLN D 125 -1.04 8.60 -26.74
C GLN D 125 -2.26 7.84 -27.23
N LEU D 126 -3.08 7.38 -26.28
CA LEU D 126 -4.28 6.62 -26.62
C LEU D 126 -5.15 7.38 -27.62
N LYS D 127 -5.47 8.62 -27.28
CA LYS D 127 -6.30 9.47 -28.14
C LYS D 127 -5.70 9.66 -29.53
N SER D 128 -4.40 9.49 -29.64
CA SER D 128 -3.70 9.66 -30.92
C SER D 128 -4.08 8.59 -31.95
N GLY D 129 -4.21 7.35 -31.48
CA GLY D 129 -4.57 6.27 -32.39
C GLY D 129 -3.67 5.07 -32.23
N THR D 130 -2.82 5.10 -31.20
CA THR D 130 -1.90 4.00 -30.94
C THR D 130 -1.72 3.84 -29.43
N ALA D 131 -1.23 2.66 -29.03
CA ALA D 131 -1.01 2.38 -27.62
C ALA D 131 0.26 1.54 -27.41
N SER D 132 1.12 2.01 -26.52
CA SER D 132 2.38 1.33 -26.22
C SER D 132 2.52 0.97 -24.74
N VAL D 133 2.72 -0.30 -24.46
CA VAL D 133 2.90 -0.77 -23.09
C VAL D 133 4.33 -1.29 -22.98
N VAL D 134 5.12 -0.64 -22.13
CA VAL D 134 6.51 -1.04 -21.94
C VAL D 134 6.81 -1.76 -20.64
N CYS D 135 7.48 -2.89 -20.76
CA CYS D 135 7.87 -3.71 -19.61
C CYS D 135 9.38 -3.59 -19.41
N LEU D 136 9.79 -2.94 -18.32
CA LEU D 136 11.20 -2.74 -18.01
C LEU D 136 11.81 -3.75 -17.04
N LEU D 137 12.94 -4.32 -17.44
CA LEU D 137 13.68 -5.27 -16.62
C LEU D 137 14.95 -4.51 -16.24
N ASN D 138 15.15 -4.26 -14.95
CA ASN D 138 16.30 -3.47 -14.52
C ASN D 138 17.44 -4.21 -13.80
N ASN D 139 18.66 -3.78 -14.13
CA ASN D 139 19.90 -4.30 -13.56
C ASN D 139 20.03 -5.79 -13.30
N PHE D 140 19.95 -6.61 -14.35
CA PHE D 140 20.10 -8.05 -14.19
C PHE D 140 21.39 -8.58 -14.84
N TYR D 141 21.61 -9.88 -14.66
CA TYR D 141 22.77 -10.59 -15.20
C TYR D 141 22.57 -12.08 -14.96
N PRO D 142 22.92 -12.92 -15.93
CA PRO D 142 23.50 -12.63 -17.24
C PRO D 142 22.64 -11.84 -18.22
N ARG D 143 23.19 -11.67 -19.42
CA ARG D 143 22.54 -10.94 -20.51
C ARG D 143 21.20 -11.48 -20.97
N GLU D 144 21.15 -12.78 -21.28
CA GLU D 144 19.91 -13.38 -21.78
C GLU D 144 18.77 -13.45 -20.79
N ALA D 145 17.59 -13.08 -21.29
CA ALA D 145 16.37 -13.08 -20.51
C ALA D 145 15.29 -13.55 -21.48
N LYS D 146 14.02 -13.45 -21.08
CA LYS D 146 12.91 -13.86 -21.92
C LYS D 146 11.62 -13.15 -21.49
N VAL D 147 11.24 -12.12 -22.24
CA VAL D 147 10.03 -11.37 -21.92
C VAL D 147 8.87 -11.79 -22.81
N GLN D 148 7.89 -12.44 -22.21
CA GLN D 148 6.70 -12.93 -22.93
C GLN D 148 5.46 -12.18 -22.47
N TRP D 149 4.90 -11.38 -23.37
CA TRP D 149 3.71 -10.61 -23.05
C TRP D 149 2.46 -11.48 -22.95
N LYS D 150 1.56 -11.08 -22.06
CA LYS D 150 0.31 -11.80 -21.83
C LYS D 150 -0.82 -10.79 -21.94
N VAL D 151 -1.42 -10.69 -23.13
CA VAL D 151 -2.51 -9.75 -23.34
C VAL D 151 -3.83 -10.33 -22.84
N ASP D 152 -4.29 -9.85 -21.70
CA ASP D 152 -5.56 -10.31 -21.13
C ASP D 152 -5.57 -11.84 -21.12
N ASN D 153 -4.52 -12.43 -20.56
CA ASN D 153 -4.40 -13.88 -20.48
C ASN D 153 -4.37 -14.48 -21.88
N ALA D 154 -3.30 -14.17 -22.63
CA ALA D 154 -3.15 -14.66 -23.99
C ALA D 154 -1.71 -14.54 -24.44
N LEU D 155 -1.20 -15.58 -25.11
CA LEU D 155 0.18 -15.58 -25.59
C LEU D 155 0.31 -14.68 -26.81
N GLN D 156 0.53 -13.39 -26.55
CA GLN D 156 0.68 -12.38 -27.60
C GLN D 156 1.91 -12.67 -28.46
N SER D 157 2.06 -11.93 -29.56
CA SER D 157 3.20 -12.14 -30.45
C SER D 157 3.40 -11.08 -31.54
N GLY D 158 4.55 -11.16 -32.20
CA GLY D 158 4.94 -10.28 -33.28
C GLY D 158 4.60 -8.80 -33.27
N ASN D 159 4.29 -8.21 -32.12
CA ASN D 159 3.96 -6.78 -32.10
C ASN D 159 4.73 -6.01 -31.04
N SER D 160 5.71 -6.67 -30.43
CA SER D 160 6.52 -6.04 -29.40
C SER D 160 8.00 -6.06 -29.77
N GLN D 161 8.74 -5.06 -29.31
CA GLN D 161 10.17 -4.95 -29.61
C GLN D 161 11.03 -4.74 -28.36
N GLU D 162 12.13 -5.49 -28.28
CA GLU D 162 13.06 -5.41 -27.18
C GLU D 162 14.18 -4.40 -27.46
N SER D 163 15.11 -4.30 -26.53
CA SER D 163 16.24 -3.39 -26.63
C SER D 163 17.06 -3.49 -25.35
N VAL D 164 18.32 -3.89 -25.47
CA VAL D 164 19.16 -4.04 -24.29
C VAL D 164 20.33 -3.09 -24.24
N THR D 165 20.60 -2.54 -23.07
CA THR D 165 21.71 -1.63 -22.90
C THR D 165 23.02 -2.40 -22.82
N GLU D 166 24.13 -1.70 -22.87
CA GLU D 166 25.43 -2.37 -22.78
C GLU D 166 25.78 -2.58 -21.31
N GLN D 167 26.35 -3.73 -20.99
CA GLN D 167 26.73 -4.06 -19.62
C GLN D 167 27.17 -2.78 -18.95
N ASP D 168 26.71 -2.56 -17.72
CA ASP D 168 27.05 -1.35 -16.99
C ASP D 168 28.50 -1.37 -16.56
N SER D 169 29.16 -0.23 -16.68
CA SER D 169 30.56 -0.12 -16.30
C SER D 169 30.78 -0.41 -14.82
N LYS D 170 29.83 0.02 -13.98
CA LYS D 170 29.90 -0.18 -12.54
C LYS D 170 29.40 -1.52 -12.03
N ASP D 171 28.08 -1.74 -12.06
CA ASP D 171 27.49 -3.00 -11.58
C ASP D 171 27.63 -4.19 -12.53
N SER D 172 28.08 -3.94 -13.74
CA SER D 172 28.28 -5.00 -14.72
C SER D 172 26.99 -5.76 -14.99
N THR D 173 25.88 -5.05 -15.15
CA THR D 173 24.60 -5.69 -15.41
C THR D 173 23.88 -5.10 -16.61
N TYR D 174 22.98 -5.90 -17.18
CA TYR D 174 22.21 -5.46 -18.33
C TYR D 174 20.80 -5.08 -17.92
N SER D 175 20.17 -4.23 -18.72
CA SER D 175 18.81 -3.77 -18.48
C SER D 175 18.08 -3.75 -19.82
N LEU D 176 17.00 -4.51 -19.91
CA LEU D 176 16.21 -4.62 -21.13
C LEU D 176 14.91 -3.82 -21.09
N SER D 177 14.39 -3.51 -22.27
CA SER D 177 13.14 -2.75 -22.38
C SER D 177 12.31 -3.18 -23.57
N SER D 178 11.29 -3.99 -23.32
CA SER D 178 10.40 -4.47 -24.37
C SER D 178 9.20 -3.55 -24.46
N THR D 179 8.88 -3.09 -25.68
CA THR D 179 7.74 -2.21 -25.89
C THR D 179 6.61 -2.92 -26.63
N LEU D 180 5.40 -2.81 -26.08
CA LEU D 180 4.24 -3.46 -26.68
C LEU D 180 3.44 -2.44 -27.49
N THR D 181 3.38 -2.64 -28.79
CA THR D 181 2.67 -1.73 -29.68
C THR D 181 1.35 -2.28 -30.19
N LEU D 182 0.26 -1.58 -29.86
CA LEU D 182 -1.09 -1.94 -30.28
C LEU D 182 -1.95 -0.68 -30.31
N SER D 183 -2.79 -0.56 -31.33
CA SER D 183 -3.67 0.60 -31.46
C SER D 183 -4.67 0.69 -30.30
N LYS D 184 -5.19 1.88 -30.08
CA LYS D 184 -6.16 2.10 -29.01
C LYS D 184 -7.38 1.23 -29.27
N ALA D 185 -7.66 0.97 -30.54
CA ALA D 185 -8.80 0.14 -30.94
C ALA D 185 -8.68 -1.22 -30.25
N ASP D 186 -7.56 -1.89 -30.49
CA ASP D 186 -7.32 -3.20 -29.89
C ASP D 186 -7.01 -3.06 -28.41
N TYR D 187 -6.47 -1.91 -28.03
CA TYR D 187 -6.14 -1.65 -26.64
C TYR D 187 -7.40 -1.69 -25.78
N GLU D 188 -8.46 -1.06 -26.27
CA GLU D 188 -9.72 -1.03 -25.57
C GLU D 188 -10.58 -2.20 -26.03
N LYS D 189 -10.10 -3.41 -25.76
CA LYS D 189 -10.80 -4.63 -26.14
C LYS D 189 -10.57 -5.70 -25.08
N HIS D 190 -9.45 -5.58 -24.37
CA HIS D 190 -9.10 -6.54 -23.32
C HIS D 190 -8.92 -5.84 -21.97
N LYS D 191 -9.26 -6.53 -20.89
CA LYS D 191 -9.19 -5.96 -19.55
C LYS D 191 -7.81 -5.79 -18.90
N VAL D 192 -7.12 -6.89 -18.65
CA VAL D 192 -5.80 -6.83 -18.01
C VAL D 192 -4.64 -7.15 -18.95
N TYR D 193 -3.45 -6.71 -18.58
CA TYR D 193 -2.25 -6.95 -19.39
C TYR D 193 -1.09 -7.45 -18.53
N ALA D 194 -0.40 -8.49 -19.01
CA ALA D 194 0.72 -9.07 -18.28
C ALA D 194 2.01 -9.12 -19.08
N CYS D 195 3.12 -9.27 -18.36
CA CYS D 195 4.46 -9.36 -18.94
C CYS D 195 5.30 -10.36 -18.14
N GLU D 196 5.51 -11.54 -18.69
CA GLU D 196 6.29 -12.56 -17.98
C GLU D 196 7.77 -12.49 -18.31
N VAL D 197 8.59 -12.62 -17.27
CA VAL D 197 10.04 -12.55 -17.41
C VAL D 197 10.73 -13.82 -16.92
N THR D 198 11.46 -14.47 -17.81
CA THR D 198 12.17 -15.70 -17.46
C THR D 198 13.68 -15.48 -17.42
N HIS D 199 14.18 -15.10 -16.25
CA HIS D 199 15.60 -14.88 -16.07
C HIS D 199 16.20 -16.09 -15.35
N GLN D 200 17.50 -16.08 -15.10
CA GLN D 200 18.15 -17.19 -14.41
C GLN D 200 18.12 -16.94 -12.90
N GLY D 201 18.08 -15.66 -12.53
CA GLY D 201 18.04 -15.30 -11.12
C GLY D 201 16.61 -15.39 -10.62
N LEU D 202 15.78 -16.08 -11.40
CA LEU D 202 14.37 -16.27 -11.08
C LEU D 202 13.98 -17.70 -11.43
N ARG D 203 13.87 -18.56 -10.43
CA ARG D 203 13.47 -19.94 -10.71
C ARG D 203 11.99 -19.91 -11.06
N SER D 204 11.25 -19.07 -10.34
CA SER D 204 9.82 -18.91 -10.57
C SER D 204 9.59 -17.70 -11.47
N PRO D 205 9.33 -17.95 -12.77
CA PRO D 205 9.09 -16.88 -13.74
C PRO D 205 8.14 -15.79 -13.24
N VAL D 206 8.66 -14.58 -13.08
CA VAL D 206 7.86 -13.46 -12.59
C VAL D 206 7.08 -12.81 -13.70
N THR D 207 5.93 -12.24 -13.33
CA THR D 207 5.06 -11.56 -14.28
C THR D 207 4.33 -10.40 -13.62
N LYS D 208 4.88 -9.20 -13.74
CA LYS D 208 4.26 -8.00 -13.17
C LYS D 208 3.18 -7.52 -14.13
N SER D 209 2.04 -7.12 -13.58
CA SER D 209 0.92 -6.66 -14.39
C SER D 209 0.16 -5.46 -13.83
N PHE D 210 -0.77 -4.96 -14.63
CA PHE D 210 -1.61 -3.82 -14.26
C PHE D 210 -2.98 -3.99 -14.91
N ASN D 211 -4.03 -3.61 -14.19
CA ASN D 211 -5.38 -3.71 -14.72
C ASN D 211 -5.73 -2.48 -15.55
N ARG D 212 -5.91 -2.67 -16.85
CA ARG D 212 -6.25 -1.58 -17.75
C ARG D 212 -7.41 -0.73 -17.21
N GLY D 213 -7.21 0.58 -17.21
CA GLY D 213 -8.25 1.47 -16.71
C GLY D 213 -7.66 2.66 -15.98
N GLU D 214 -8.33 3.12 -14.94
CA GLU D 214 -7.88 4.26 -14.16
C GLU D 214 -7.47 3.78 -12.76
N CYS D 215 -6.18 3.89 -12.46
CA CYS D 215 -5.66 3.45 -11.16
C CYS D 215 -5.95 1.97 -10.95
#